data_4NXA
# 
_entry.id   4NXA 
# 
_audit_conform.dict_name       mmcif_pdbx.dic 
_audit_conform.dict_version    5.381 
_audit_conform.dict_location   http://mmcif.pdb.org/dictionaries/ascii/mmcif_pdbx.dic 
# 
loop_
_database_2.database_id 
_database_2.database_code 
_database_2.pdbx_database_accession 
_database_2.pdbx_DOI 
PDB   4NXA         pdb_00004nxa 10.2210/pdb4nxa/pdb 
RCSB  RCSB083771   ?            ?                   
WWPDB D_1000083771 ?            ?                   
# 
loop_
_pdbx_database_related.db_name 
_pdbx_database_related.db_id 
_pdbx_database_related.details 
_pdbx_database_related.content_type 
PDB 4NXC . unspecified 
PDB 4NWE . unspecified 
PDB 4NWH . unspecified 
PDB 4O4T . unspecified 
PDB 4O4Z . unspecified 
# 
_pdbx_database_status.status_code                     REL 
_pdbx_database_status.entry_id                        4NXA 
_pdbx_database_status.recvd_initial_deposition_date   2013-12-09 
_pdbx_database_status.deposit_site                    RCSB 
_pdbx_database_status.process_site                    PDBJ 
_pdbx_database_status.methods_development_category    ? 
_pdbx_database_status.status_code_sf                  REL 
_pdbx_database_status.status_code_mr                  ? 
_pdbx_database_status.SG_entry                        ? 
_pdbx_database_status.status_code_cs                  ? 
_pdbx_database_status.pdb_format_compatible           Y 
_pdbx_database_status.status_code_nmr_data            ? 
# 
loop_
_audit_author.name 
_audit_author.pdbx_ordinal 
;Colloc'h, N.
;
1 
'Prange, T.'   2 
'Vallone, B.'  3 
# 
_citation.id                        primary 
_citation.title                     
;Crystallographic Studies with Xenon and Nitrous Oxide Provide Evidence for Protein-dependent Processes in the Mechanisms of General Anesthesia
;
_citation.journal_abbrev            Anesthesiology 
_citation.journal_volume            121 
_citation.page_first                1018 
_citation.page_last                 1027 
_citation.year                      2014 
_citation.journal_id_ASTM           ? 
_citation.country                   US 
_citation.journal_id_ISSN           0003-3022 
_citation.journal_id_CSD            ? 
_citation.book_publisher            ? 
_citation.pdbx_database_id_PubMed   25211169 
_citation.pdbx_database_id_DOI      10.1097/ALN.0000000000000435 
# 
loop_
_citation_author.citation_id 
_citation_author.name 
_citation_author.ordinal 
_citation_author.identifier_ORCID 
primary 'Abraini, J.H.' 1 ? 
primary 'Marassio, G.'  2 ? 
primary 'David, H.N.'   3 ? 
primary 'Vallone, B.'   4 ? 
primary 'Prange, T.'    5 ? 
primary 
;Colloc'h, N.
;
6 ? 
# 
_cell.entry_id           4NXA 
_cell.length_a           35.370 
_cell.length_b           30.717 
_cell.length_c           63.583 
_cell.angle_alpha        90.00 
_cell.angle_beta         104.48 
_cell.angle_gamma        90.00 
_cell.Z_PDB              2 
_cell.pdbx_unique_axis   ? 
_cell.length_a_esd       ? 
_cell.length_b_esd       ? 
_cell.length_c_esd       ? 
_cell.angle_alpha_esd    ? 
_cell.angle_beta_esd     ? 
_cell.angle_gamma_esd    ? 
# 
_symmetry.entry_id                         4NXA 
_symmetry.space_group_name_H-M             'P 1 21 1' 
_symmetry.pdbx_full_space_group_name_H-M   ? 
_symmetry.cell_setting                     ? 
_symmetry.Int_Tables_number                4 
_symmetry.space_group_name_Hall            ? 
# 
loop_
_entity.id 
_entity.type 
_entity.src_method 
_entity.pdbx_description 
_entity.formula_weight 
_entity.pdbx_number_of_molecules 
_entity.pdbx_ec 
_entity.pdbx_mutation 
_entity.pdbx_fragment 
_entity.details 
1 polymer     nat Myoglobin                         17366.148 1  ? ? ? ? 
2 non-polymer syn 'PROTOPORPHYRIN IX CONTAINING FE' 616.487   1  ? ? ? ? 
3 non-polymer syn 'ZINC ION'                        65.409    2  ? ? ? ? 
4 non-polymer syn 'SULFATE ION'                     96.063    3  ? ? ? ? 
5 non-polymer syn XENON                             131.293   5  ? ? ? ? 
6 water       nat water                             18.015    56 ? ? ? ? 
# 
_entity_poly.entity_id                      1 
_entity_poly.type                           'polypeptide(L)' 
_entity_poly.nstd_linkage                   no 
_entity_poly.nstd_monomer                   no 
_entity_poly.pdbx_seq_one_letter_code       
;MVLSEGEWQLVLHVWAKVEADVAGHGQDILIRLFKSHPETLEKFDRFKHLKTEAEMKASEDLKKHGVTVLTALGAILKKK
GHHEAELKPLAQSHATKHKIPIKYLEFISEAIIHVLHSRHPGDFGADAQGAMNKALELFRKDIAAKYKELGYQG
;
_entity_poly.pdbx_seq_one_letter_code_can   
;MVLSEGEWQLVLHVWAKVEADVAGHGQDILIRLFKSHPETLEKFDRFKHLKTEAEMKASEDLKKHGVTVLTALGAILKKK
GHHEAELKPLAQSHATKHKIPIKYLEFISEAIIHVLHSRHPGDFGADAQGAMNKALELFRKDIAAKYKELGYQG
;
_entity_poly.pdbx_strand_id                 A 
_entity_poly.pdbx_target_identifier         ? 
# 
loop_
_entity_poly_seq.entity_id 
_entity_poly_seq.num 
_entity_poly_seq.mon_id 
_entity_poly_seq.hetero 
1 1   MET n 
1 2   VAL n 
1 3   LEU n 
1 4   SER n 
1 5   GLU n 
1 6   GLY n 
1 7   GLU n 
1 8   TRP n 
1 9   GLN n 
1 10  LEU n 
1 11  VAL n 
1 12  LEU n 
1 13  HIS n 
1 14  VAL n 
1 15  TRP n 
1 16  ALA n 
1 17  LYS n 
1 18  VAL n 
1 19  GLU n 
1 20  ALA n 
1 21  ASP n 
1 22  VAL n 
1 23  ALA n 
1 24  GLY n 
1 25  HIS n 
1 26  GLY n 
1 27  GLN n 
1 28  ASP n 
1 29  ILE n 
1 30  LEU n 
1 31  ILE n 
1 32  ARG n 
1 33  LEU n 
1 34  PHE n 
1 35  LYS n 
1 36  SER n 
1 37  HIS n 
1 38  PRO n 
1 39  GLU n 
1 40  THR n 
1 41  LEU n 
1 42  GLU n 
1 43  LYS n 
1 44  PHE n 
1 45  ASP n 
1 46  ARG n 
1 47  PHE n 
1 48  LYS n 
1 49  HIS n 
1 50  LEU n 
1 51  LYS n 
1 52  THR n 
1 53  GLU n 
1 54  ALA n 
1 55  GLU n 
1 56  MET n 
1 57  LYS n 
1 58  ALA n 
1 59  SER n 
1 60  GLU n 
1 61  ASP n 
1 62  LEU n 
1 63  LYS n 
1 64  LYS n 
1 65  HIS n 
1 66  GLY n 
1 67  VAL n 
1 68  THR n 
1 69  VAL n 
1 70  LEU n 
1 71  THR n 
1 72  ALA n 
1 73  LEU n 
1 74  GLY n 
1 75  ALA n 
1 76  ILE n 
1 77  LEU n 
1 78  LYS n 
1 79  LYS n 
1 80  LYS n 
1 81  GLY n 
1 82  HIS n 
1 83  HIS n 
1 84  GLU n 
1 85  ALA n 
1 86  GLU n 
1 87  LEU n 
1 88  LYS n 
1 89  PRO n 
1 90  LEU n 
1 91  ALA n 
1 92  GLN n 
1 93  SER n 
1 94  HIS n 
1 95  ALA n 
1 96  THR n 
1 97  LYS n 
1 98  HIS n 
1 99  LYS n 
1 100 ILE n 
1 101 PRO n 
1 102 ILE n 
1 103 LYS n 
1 104 TYR n 
1 105 LEU n 
1 106 GLU n 
1 107 PHE n 
1 108 ILE n 
1 109 SER n 
1 110 GLU n 
1 111 ALA n 
1 112 ILE n 
1 113 ILE n 
1 114 HIS n 
1 115 VAL n 
1 116 LEU n 
1 117 HIS n 
1 118 SER n 
1 119 ARG n 
1 120 HIS n 
1 121 PRO n 
1 122 GLY n 
1 123 ASP n 
1 124 PHE n 
1 125 GLY n 
1 126 ALA n 
1 127 ASP n 
1 128 ALA n 
1 129 GLN n 
1 130 GLY n 
1 131 ALA n 
1 132 MET n 
1 133 ASN n 
1 134 LYS n 
1 135 ALA n 
1 136 LEU n 
1 137 GLU n 
1 138 LEU n 
1 139 PHE n 
1 140 ARG n 
1 141 LYS n 
1 142 ASP n 
1 143 ILE n 
1 144 ALA n 
1 145 ALA n 
1 146 LYS n 
1 147 TYR n 
1 148 LYS n 
1 149 GLU n 
1 150 LEU n 
1 151 GLY n 
1 152 TYR n 
1 153 GLN n 
1 154 GLY n 
# 
_entity_src_nat.entity_id                  1 
_entity_src_nat.pdbx_src_id                1 
_entity_src_nat.pdbx_alt_source_flag       sample 
_entity_src_nat.pdbx_beg_seq_num           ? 
_entity_src_nat.pdbx_end_seq_num           ? 
_entity_src_nat.common_name                'Sperm whale' 
_entity_src_nat.pdbx_organism_scientific   'Physeter catodon' 
_entity_src_nat.pdbx_ncbi_taxonomy_id      9755 
_entity_src_nat.genus                      ? 
_entity_src_nat.species                    ? 
_entity_src_nat.strain                     ? 
_entity_src_nat.tissue                     ? 
_entity_src_nat.tissue_fraction            ? 
_entity_src_nat.pdbx_secretion             ? 
_entity_src_nat.pdbx_fragment              ? 
_entity_src_nat.pdbx_variant               ? 
_entity_src_nat.pdbx_cell_line             ? 
_entity_src_nat.pdbx_atcc                  ? 
_entity_src_nat.pdbx_cellular_location     ? 
_entity_src_nat.pdbx_organ                 ? 
_entity_src_nat.pdbx_organelle             ? 
_entity_src_nat.pdbx_cell                  ? 
_entity_src_nat.pdbx_plasmid_name          ? 
_entity_src_nat.pdbx_plasmid_details       ? 
_entity_src_nat.details                    ? 
# 
_struct_ref.id                         1 
_struct_ref.db_name                    UNP 
_struct_ref.db_code                    MYG_PHYCD 
_struct_ref.pdbx_db_accession          P02185 
_struct_ref.entity_id                  1 
_struct_ref.pdbx_seq_one_letter_code   
;MVLSEGEWQLVLHVWAKVEADVAGHGQDILIRLFKSHPETLEKFDRFKHLKTEAEMKASEDLKKHGVTVLTALGAILKKK
GHHEAELKPLAQSHATKHKIPIKYLEFISEAIIHVLHSRHPGDFGADAQGAMNKALELFRKDIAAKYKELGYQG
;
_struct_ref.pdbx_align_begin           1 
_struct_ref.pdbx_db_isoform            ? 
# 
_struct_ref_seq.align_id                      1 
_struct_ref_seq.ref_id                        1 
_struct_ref_seq.pdbx_PDB_id_code              4NXA 
_struct_ref_seq.pdbx_strand_id                A 
_struct_ref_seq.seq_align_beg                 1 
_struct_ref_seq.pdbx_seq_align_beg_ins_code   ? 
_struct_ref_seq.seq_align_end                 154 
_struct_ref_seq.pdbx_seq_align_end_ins_code   ? 
_struct_ref_seq.pdbx_db_accession             P02185 
_struct_ref_seq.db_align_beg                  1 
_struct_ref_seq.pdbx_db_align_beg_ins_code    ? 
_struct_ref_seq.db_align_end                  154 
_struct_ref_seq.pdbx_db_align_end_ins_code    ? 
_struct_ref_seq.pdbx_auth_seq_align_beg       0 
_struct_ref_seq.pdbx_auth_seq_align_end       153 
# 
loop_
_chem_comp.id 
_chem_comp.type 
_chem_comp.mon_nstd_flag 
_chem_comp.name 
_chem_comp.pdbx_synonyms 
_chem_comp.formula 
_chem_comp.formula_weight 
ALA 'L-peptide linking' y ALANINE                           ?    'C3 H7 N O2'       89.093  
ARG 'L-peptide linking' y ARGININE                          ?    'C6 H15 N4 O2 1'   175.209 
ASN 'L-peptide linking' y ASPARAGINE                        ?    'C4 H8 N2 O3'      132.118 
ASP 'L-peptide linking' y 'ASPARTIC ACID'                   ?    'C4 H7 N O4'       133.103 
GLN 'L-peptide linking' y GLUTAMINE                         ?    'C5 H10 N2 O3'     146.144 
GLU 'L-peptide linking' y 'GLUTAMIC ACID'                   ?    'C5 H9 N O4'       147.129 
GLY 'peptide linking'   y GLYCINE                           ?    'C2 H5 N O2'       75.067  
HEM non-polymer         . 'PROTOPORPHYRIN IX CONTAINING FE' HEME 'C34 H32 Fe N4 O4' 616.487 
HIS 'L-peptide linking' y HISTIDINE                         ?    'C6 H10 N3 O2 1'   156.162 
HOH non-polymer         . WATER                             ?    'H2 O'             18.015  
ILE 'L-peptide linking' y ISOLEUCINE                        ?    'C6 H13 N O2'      131.173 
LEU 'L-peptide linking' y LEUCINE                           ?    'C6 H13 N O2'      131.173 
LYS 'L-peptide linking' y LYSINE                            ?    'C6 H15 N2 O2 1'   147.195 
MET 'L-peptide linking' y METHIONINE                        ?    'C5 H11 N O2 S'    149.211 
PHE 'L-peptide linking' y PHENYLALANINE                     ?    'C9 H11 N O2'      165.189 
PRO 'L-peptide linking' y PROLINE                           ?    'C5 H9 N O2'       115.130 
SER 'L-peptide linking' y SERINE                            ?    'C3 H7 N O3'       105.093 
SO4 non-polymer         . 'SULFATE ION'                     ?    'O4 S -2'          96.063  
THR 'L-peptide linking' y THREONINE                         ?    'C4 H9 N O3'       119.119 
TRP 'L-peptide linking' y TRYPTOPHAN                        ?    'C11 H12 N2 O2'    204.225 
TYR 'L-peptide linking' y TYROSINE                          ?    'C9 H11 N O3'      181.189 
VAL 'L-peptide linking' y VALINE                            ?    'C5 H11 N O2'      117.146 
XE  non-polymer         . XENON                             ?    Xe                 131.293 
ZN  non-polymer         . 'ZINC ION'                        ?    'Zn 2'             65.409  
# 
_exptl.entry_id          4NXA 
_exptl.method            'X-RAY DIFFRACTION' 
_exptl.crystals_number   1 
# 
_exptl_crystal.id                    1 
_exptl_crystal.density_meas          ? 
_exptl_crystal.density_Matthews      1.93 
_exptl_crystal.density_percent_sol   36.13 
_exptl_crystal.description           ? 
_exptl_crystal.F_000                 ? 
_exptl_crystal.preparation           ? 
# 
_exptl_crystal_grow.crystal_id      1 
_exptl_crystal_grow.method          BATCH 
_exptl_crystal_grow.temp            300 
_exptl_crystal_grow.temp_details    ? 
_exptl_crystal_grow.pH              7 
_exptl_crystal_grow.pdbx_details    '50mM potassium phosphate, saturated ammonnium sulphate., pH 7, BATCH, temperature 300K' 
_exptl_crystal_grow.pdbx_pH_range   . 
# 
_diffrn.id                     1 
_diffrn.ambient_temp           ? 
_diffrn.ambient_temp_details   ? 
_diffrn.crystal_id             1 
# 
_diffrn_detector.diffrn_id              1 
_diffrn_detector.detector               CCD 
_diffrn_detector.type                   'ADSC QUANTUM 210r' 
_diffrn_detector.pdbx_collection_date   2010-11-19 
_diffrn_detector.details                mirrors 
# 
_diffrn_radiation.diffrn_id                        1 
_diffrn_radiation.wavelength_id                    1 
_diffrn_radiation.pdbx_monochromatic_or_laue_m_l   M 
_diffrn_radiation.monochromator                    'Si 111 Channel' 
_diffrn_radiation.pdbx_diffrn_protocol             'SINGLE WAVELENGTH' 
_diffrn_radiation.pdbx_scattering_type             x-ray 
# 
_diffrn_radiation_wavelength.id           1 
_diffrn_radiation_wavelength.wavelength   0.920 
_diffrn_radiation_wavelength.wt           1.0 
# 
_diffrn_source.diffrn_id                   1 
_diffrn_source.source                      SYNCHROTRON 
_diffrn_source.type                        'ESRF BEAMLINE BM16' 
_diffrn_source.pdbx_synchrotron_site       ESRF 
_diffrn_source.pdbx_synchrotron_beamline   BM16 
_diffrn_source.pdbx_wavelength             ? 
_diffrn_source.pdbx_wavelength_list        0.920 
# 
_reflns.entry_id                     4NXA 
_reflns.observed_criterion_sigma_I   ? 
_reflns.observed_criterion_sigma_F   ? 
_reflns.d_resolution_low             ? 
_reflns.d_resolution_high            1.6 
_reflns.number_obs                   16770 
_reflns.number_all                   ? 
_reflns.percent_possible_obs         94.9 
_reflns.pdbx_Rmerge_I_obs            ? 
_reflns.pdbx_Rsym_value              0.06 
_reflns.pdbx_netI_over_sigmaI        5.1 
_reflns.B_iso_Wilson_estimate        20.55 
_reflns.pdbx_redundancy              3.7 
_reflns.R_free_details               ? 
_reflns.limit_h_max                  ? 
_reflns.limit_h_min                  ? 
_reflns.limit_k_max                  ? 
_reflns.limit_k_min                  ? 
_reflns.limit_l_max                  ? 
_reflns.limit_l_min                  ? 
_reflns.observed_criterion_F_max     ? 
_reflns.observed_criterion_F_min     ? 
_reflns.pdbx_chi_squared             ? 
_reflns.pdbx_scaling_rejects         ? 
_reflns.pdbx_ordinal                 1 
_reflns.pdbx_diffrn_id               1 
# 
_reflns_shell.d_res_high                  1.60 
_reflns_shell.d_res_low                   1.63 
_reflns_shell.percent_possible_all        86.2 
_reflns_shell.Rmerge_I_obs                ? 
_reflns_shell.pdbx_Rsym_value             0.204 
_reflns_shell.meanI_over_sigI_obs         33.5 
_reflns_shell.pdbx_redundancy             2.4 
_reflns_shell.percent_possible_obs        ? 
_reflns_shell.number_unique_all           742 
_reflns_shell.number_measured_all         ? 
_reflns_shell.number_measured_obs         ? 
_reflns_shell.number_unique_obs           ? 
_reflns_shell.pdbx_chi_squared            ? 
_reflns_shell.pdbx_rejects                ? 
_reflns_shell.pdbx_netI_over_sigmaI_obs   ? 
_reflns_shell.number_possible             ? 
_reflns_shell.Rmerge_F_all                ? 
_reflns_shell.Rmerge_F_obs                ? 
_reflns_shell.Rmerge_I_all                ? 
_reflns_shell.meanI_over_sigI_all         ? 
_reflns_shell.pdbx_Rrim_I_all             ? 
_reflns_shell.pdbx_Rpim_I_all             ? 
_reflns_shell.pdbx_ordinal                1 
_reflns_shell.pdbx_diffrn_id              1 
# 
_refine.entry_id                                 4NXA 
_refine.ls_number_reflns_obs                     16470 
_refine.ls_number_reflns_all                     ? 
_refine.pdbx_ls_sigma_I                          ? 
_refine.pdbx_ls_sigma_F                          ? 
_refine.pdbx_data_cutoff_high_absF               ? 
_refine.pdbx_data_cutoff_low_absF                ? 
_refine.pdbx_data_cutoff_high_rms_absF           ? 
_refine.ls_d_res_low                             20.00 
_refine.ls_d_res_high                            1.60 
_refine.ls_percent_reflns_obs                    97.72 
_refine.ls_R_factor_obs                          0.18618 
_refine.ls_R_factor_all                          ? 
_refine.ls_R_factor_R_work                       0.18534 
_refine.ls_R_factor_R_free                       0.20164 
_refine.ls_R_factor_R_free_error                 ? 
_refine.ls_R_factor_R_free_error_details         ? 
_refine.ls_percent_reflns_R_free                 5.1 
_refine.ls_number_reflns_R_free                  889 
_refine.ls_number_parameters                     ? 
_refine.ls_number_restraints                     ? 
_refine.occupancy_min                            ? 
_refine.occupancy_max                            ? 
_refine.correlation_coeff_Fo_to_Fc               0.961 
_refine.correlation_coeff_Fo_to_Fc_free          0.958 
_refine.B_iso_mean                               23.117 
_refine.aniso_B[1][1]                            0.32 
_refine.aniso_B[2][2]                            0.77 
_refine.aniso_B[3][3]                            -1.14 
_refine.aniso_B[1][2]                            0.00 
_refine.aniso_B[1][3]                            -0.07 
_refine.aniso_B[2][3]                            0.00 
_refine.solvent_model_details                    MASK 
_refine.solvent_model_param_ksol                 ? 
_refine.solvent_model_param_bsol                 ? 
_refine.pdbx_solvent_vdw_probe_radii             1.20 
_refine.pdbx_solvent_ion_probe_radii             0.80 
_refine.pdbx_solvent_shrinkage_radii             0.80 
_refine.pdbx_ls_cross_valid_method               THROUGHOUT 
_refine.details                                  'HYDROGENS HAVE BEEN USED IF PRESENT IN THE INPUT' 
_refine.pdbx_starting_model                      2JHO 
_refine.pdbx_method_to_determine_struct          'MOLECULAR REPLACEMENT' 
_refine.pdbx_isotropic_thermal_model             ? 
_refine.pdbx_stereochemistry_target_values       'MAXIMUM LIKELIHOOD' 
_refine.pdbx_stereochem_target_val_spec_case     ? 
_refine.pdbx_R_Free_selection_details            RANDOM 
_refine.pdbx_overall_ESU_R                       0.106 
_refine.pdbx_overall_ESU_R_Free                  0.095 
_refine.overall_SU_ML                            0.066 
_refine.pdbx_overall_phase_error                 ? 
_refine.overall_SU_B                             1.856 
_refine.overall_SU_R_Cruickshank_DPI             ? 
_refine.ls_redundancy_reflns_obs                 ? 
_refine.B_iso_min                                ? 
_refine.B_iso_max                                ? 
_refine.overall_SU_R_free                        ? 
_refine.ls_wR_factor_R_free                      ? 
_refine.ls_wR_factor_R_work                      ? 
_refine.overall_FOM_free_R_set                   ? 
_refine.overall_FOM_work_R_set                   ? 
_refine.pdbx_diffrn_id                           1 
_refine.pdbx_refine_id                           'X-RAY DIFFRACTION' 
_refine.pdbx_TLS_residual_ADP_flag               ? 
_refine.pdbx_overall_SU_R_free_Cruickshank_DPI   ? 
_refine.pdbx_overall_SU_R_Blow_DPI               ? 
_refine.pdbx_overall_SU_R_free_Blow_DPI          ? 
# 
_refine_hist.pdbx_refine_id                   'X-RAY DIFFRACTION' 
_refine_hist.cycle_id                         LAST 
_refine_hist.pdbx_number_atoms_protein        1217 
_refine_hist.pdbx_number_atoms_nucleic_acid   0 
_refine_hist.pdbx_number_atoms_ligand         65 
_refine_hist.number_atoms_solvent             56 
_refine_hist.number_atoms_total               1338 
_refine_hist.d_res_high                       1.60 
_refine_hist.d_res_low                        20.00 
# 
loop_
_refine_ls_restr.type 
_refine_ls_restr.dev_ideal 
_refine_ls_restr.dev_ideal_target 
_refine_ls_restr.weight 
_refine_ls_restr.number 
_refine_ls_restr.pdbx_restraint_function 
_refine_ls_restr.pdbx_refine_id 
r_bond_refined_d             0.011  0.020  ? 1323 ? 'X-RAY DIFFRACTION' 
r_bond_other_d               ?      ?      ? ?    ? 'X-RAY DIFFRACTION' 
r_angle_refined_deg          3.129  2.014  ? 1793 ? 'X-RAY DIFFRACTION' 
r_angle_other_deg            ?      ?      ? ?    ? 'X-RAY DIFFRACTION' 
r_dihedral_angle_1_deg       4.677  5.000  ? 152  ? 'X-RAY DIFFRACTION' 
r_dihedral_angle_2_deg       34.988 24.182 ? 55   ? 'X-RAY DIFFRACTION' 
r_dihedral_angle_3_deg       14.739 15.000 ? 244  ? 'X-RAY DIFFRACTION' 
r_dihedral_angle_4_deg       20.951 15.000 ? 4    ? 'X-RAY DIFFRACTION' 
r_chiral_restr               0.185  0.200  ? 186  ? 'X-RAY DIFFRACTION' 
r_gen_planes_refined         0.008  0.020  ? 968  ? 'X-RAY DIFFRACTION' 
r_gen_planes_other           ?      ?      ? ?    ? 'X-RAY DIFFRACTION' 
r_nbd_refined                ?      ?      ? ?    ? 'X-RAY DIFFRACTION' 
r_nbd_other                  ?      ?      ? ?    ? 'X-RAY DIFFRACTION' 
r_nbtor_refined              ?      ?      ? ?    ? 'X-RAY DIFFRACTION' 
r_nbtor_other                ?      ?      ? ?    ? 'X-RAY DIFFRACTION' 
r_xyhbond_nbd_refined        ?      ?      ? ?    ? 'X-RAY DIFFRACTION' 
r_xyhbond_nbd_other          ?      ?      ? ?    ? 'X-RAY DIFFRACTION' 
r_metal_ion_refined          ?      ?      ? ?    ? 'X-RAY DIFFRACTION' 
r_metal_ion_other            ?      ?      ? ?    ? 'X-RAY DIFFRACTION' 
r_symmetry_vdw_refined       ?      ?      ? ?    ? 'X-RAY DIFFRACTION' 
r_symmetry_vdw_other         ?      ?      ? ?    ? 'X-RAY DIFFRACTION' 
r_symmetry_hbond_refined     ?      ?      ? ?    ? 'X-RAY DIFFRACTION' 
r_symmetry_hbond_other       ?      ?      ? ?    ? 'X-RAY DIFFRACTION' 
r_symmetry_metal_ion_refined ?      ?      ? ?    ? 'X-RAY DIFFRACTION' 
r_symmetry_metal_ion_other   ?      ?      ? ?    ? 'X-RAY DIFFRACTION' 
r_mcbond_it                  ?      ?      ? ?    ? 'X-RAY DIFFRACTION' 
r_mcbond_other               ?      ?      ? ?    ? 'X-RAY DIFFRACTION' 
r_mcangle_it                 ?      ?      ? ?    ? 'X-RAY DIFFRACTION' 
r_mcangle_other              ?      ?      ? ?    ? 'X-RAY DIFFRACTION' 
r_scbond_it                  ?      ?      ? ?    ? 'X-RAY DIFFRACTION' 
r_scbond_other               ?      ?      ? ?    ? 'X-RAY DIFFRACTION' 
r_scangle_it                 ?      ?      ? ?    ? 'X-RAY DIFFRACTION' 
r_scangle_other              ?      ?      ? ?    ? 'X-RAY DIFFRACTION' 
r_long_range_B_refined       ?      ?      ? ?    ? 'X-RAY DIFFRACTION' 
r_long_range_B_other         ?      ?      ? ?    ? 'X-RAY DIFFRACTION' 
r_rigid_bond_restr           ?      ?      ? ?    ? 'X-RAY DIFFRACTION' 
r_sphericity_free            ?      ?      ? ?    ? 'X-RAY DIFFRACTION' 
r_sphericity_bonded          ?      ?      ? ?    ? 'X-RAY DIFFRACTION' 
# 
_refine_ls_shell.pdbx_refine_id                   'X-RAY DIFFRACTION' 
_refine_ls_shell.pdbx_total_number_of_bins_used   20 
_refine_ls_shell.d_res_high                       1.600 
_refine_ls_shell.d_res_low                        1.641 
_refine_ls_shell.number_reflns_R_work             1117 
_refine_ls_shell.R_factor_R_work                  0.250 
_refine_ls_shell.percent_reflns_obs               97.05 
_refine_ls_shell.R_factor_R_free                  0.271 
_refine_ls_shell.R_factor_R_free_error            ? 
_refine_ls_shell.percent_reflns_R_free            ? 
_refine_ls_shell.number_reflns_R_free             66 
_refine_ls_shell.number_reflns_all                ? 
_refine_ls_shell.R_factor_all                     ? 
_refine_ls_shell.number_reflns_obs                ? 
_refine_ls_shell.redundancy_reflns_obs            ? 
# 
_struct.entry_id                  4NXA 
_struct.title                     'SPERM WHALE MYOGLOBIN UNDER XENON PRESSURE 30 Bar' 
_struct.pdbx_model_details        ? 
_struct.pdbx_CASP_flag            ? 
_struct.pdbx_model_type_details   ? 
# 
_struct_keywords.entry_id        4NXA 
_struct_keywords.pdbx_keywords   'OXYGEN TRANSPORT' 
_struct_keywords.text            'GLOBIN, OXYGEN TRANSPORT' 
# 
loop_
_struct_asym.id 
_struct_asym.pdbx_blank_PDB_chainid_flag 
_struct_asym.pdbx_modified 
_struct_asym.entity_id 
_struct_asym.details 
A N N 1 ? 
B N N 2 ? 
C N N 3 ? 
D N N 3 ? 
E N N 4 ? 
F N N 4 ? 
G N N 4 ? 
H N N 5 ? 
I N N 5 ? 
J N N 5 ? 
K N N 5 ? 
L N N 5 ? 
M N N 6 ? 
# 
_struct_biol.id        1 
_struct_biol.details   ? 
# 
loop_
_struct_conf.conf_type_id 
_struct_conf.id 
_struct_conf.pdbx_PDB_helix_id 
_struct_conf.beg_label_comp_id 
_struct_conf.beg_label_asym_id 
_struct_conf.beg_label_seq_id 
_struct_conf.pdbx_beg_PDB_ins_code 
_struct_conf.end_label_comp_id 
_struct_conf.end_label_asym_id 
_struct_conf.end_label_seq_id 
_struct_conf.pdbx_end_PDB_ins_code 
_struct_conf.beg_auth_comp_id 
_struct_conf.beg_auth_asym_id 
_struct_conf.beg_auth_seq_id 
_struct_conf.end_auth_comp_id 
_struct_conf.end_auth_asym_id 
_struct_conf.end_auth_seq_id 
_struct_conf.pdbx_PDB_helix_class 
_struct_conf.details 
_struct_conf.pdbx_PDB_helix_length 
HELX_P HELX_P1 1 SER A 4   ? GLU A 19  ? SER A 3   GLU A 18  1 ? 16 
HELX_P HELX_P2 2 ASP A 21  ? HIS A 37  ? ASP A 20  HIS A 36  1 ? 17 
HELX_P HELX_P3 3 PRO A 38  ? PHE A 44  ? PRO A 37  PHE A 43  5 ? 7  
HELX_P HELX_P4 4 THR A 52  ? SER A 59  ? THR A 51  SER A 58  1 ? 8  
HELX_P HELX_P5 5 SER A 59  ? LYS A 78  ? SER A 58  LYS A 77  1 ? 20 
HELX_P HELX_P6 6 HIS A 83  ? LYS A 97  ? HIS A 82  LYS A 96  1 ? 15 
HELX_P HELX_P7 7 PRO A 101 ? HIS A 120 ? PRO A 100 HIS A 119 1 ? 20 
HELX_P HELX_P8 8 GLY A 125 ? GLY A 151 ? GLY A 124 GLY A 150 1 ? 27 
# 
_struct_conf_type.id          HELX_P 
_struct_conf_type.criteria    ? 
_struct_conf_type.reference   ? 
# 
loop_
_struct_conn.id 
_struct_conn.conn_type_id 
_struct_conn.pdbx_leaving_atom_flag 
_struct_conn.pdbx_PDB_id 
_struct_conn.ptnr1_label_asym_id 
_struct_conn.ptnr1_label_comp_id 
_struct_conn.ptnr1_label_seq_id 
_struct_conn.ptnr1_label_atom_id 
_struct_conn.pdbx_ptnr1_label_alt_id 
_struct_conn.pdbx_ptnr1_PDB_ins_code 
_struct_conn.pdbx_ptnr1_standard_comp_id 
_struct_conn.ptnr1_symmetry 
_struct_conn.ptnr2_label_asym_id 
_struct_conn.ptnr2_label_comp_id 
_struct_conn.ptnr2_label_seq_id 
_struct_conn.ptnr2_label_atom_id 
_struct_conn.pdbx_ptnr2_label_alt_id 
_struct_conn.pdbx_ptnr2_PDB_ins_code 
_struct_conn.ptnr1_auth_asym_id 
_struct_conn.ptnr1_auth_comp_id 
_struct_conn.ptnr1_auth_seq_id 
_struct_conn.ptnr2_auth_asym_id 
_struct_conn.ptnr2_auth_comp_id 
_struct_conn.ptnr2_auth_seq_id 
_struct_conn.ptnr2_symmetry 
_struct_conn.pdbx_ptnr3_label_atom_id 
_struct_conn.pdbx_ptnr3_label_seq_id 
_struct_conn.pdbx_ptnr3_label_comp_id 
_struct_conn.pdbx_ptnr3_label_asym_id 
_struct_conn.pdbx_ptnr3_label_alt_id 
_struct_conn.pdbx_ptnr3_PDB_ins_code 
_struct_conn.details 
_struct_conn.pdbx_dist_value 
_struct_conn.pdbx_value_order 
_struct_conn.pdbx_role 
metalc1 metalc ? ? A HIS 37 ND1 ? ? ? 1_555 C ZN  . ZN ? ? A HIS 36  A ZN  202 1_555 ? ? ? ? ? ? ? 2.076 ? ? 
metalc2 metalc ? ? A GLU 39 OE2 ? ? ? 1_555 C ZN  . ZN ? ? A GLU 38  A ZN  202 1_555 ? ? ? ? ? ? ? 1.730 ? ? 
metalc3 metalc ? ? A GLU 60 OE2 ? ? ? 1_555 D ZN  . ZN ? ? A GLU 59  A ZN  203 1_555 ? ? ? ? ? ? ? 1.854 ? ? 
metalc4 metalc ? ? A LYS 63 NZ  ? ? ? 1_555 D ZN  . ZN ? ? A LYS 62  A ZN  203 1_555 ? ? ? ? ? ? ? 2.172 ? ? 
metalc5 metalc ? ? A HIS 94 NE2 ? ? ? 1_555 B HEM . FE ? ? A HIS 93  A HEM 201 1_555 ? ? ? ? ? ? ? 2.108 ? ? 
metalc6 metalc ? ? B HEM .  FE  ? ? ? 1_555 M HOH . O  ? ? A HEM 201 A HOH 317 1_555 ? ? ? ? ? ? ? 2.269 ? ? 
# 
_struct_conn_type.id          metalc 
_struct_conn_type.criteria    ? 
_struct_conn_type.reference   ? 
# 
loop_
_struct_site.id 
_struct_site.pdbx_evidence_code 
_struct_site.pdbx_auth_asym_id 
_struct_site.pdbx_auth_comp_id 
_struct_site.pdbx_auth_seq_id 
_struct_site.pdbx_auth_ins_code 
_struct_site.pdbx_num_residues 
_struct_site.details 
AC1 Software A HEM 201 ? 15 'BINDING SITE FOR RESIDUE HEM A 201' 
AC2 Software A ZN  202 ? 4  'BINDING SITE FOR RESIDUE ZN A 202'  
AC3 Software A ZN  203 ? 2  'BINDING SITE FOR RESIDUE ZN A 203'  
AC4 Software A SO4 204 ? 7  'BINDING SITE FOR RESIDUE SO4 A 204' 
AC5 Software A SO4 205 ? 5  'BINDING SITE FOR RESIDUE SO4 A 205' 
AC6 Software A SO4 206 ? 4  'BINDING SITE FOR RESIDUE SO4 A 206' 
AC7 Software A XE  208 ? 2  'BINDING SITE FOR RESIDUE XE A 208'  
AC8 Software A XE  209 ? 2  'BINDING SITE FOR RESIDUE XE A 209'  
AC9 Software A XE  210 ? 2  'BINDING SITE FOR RESIDUE XE A 210'  
BC1 Software A XE  211 ? 1  'BINDING SITE FOR RESIDUE XE A 211'  
# 
loop_
_struct_site_gen.id 
_struct_site_gen.site_id 
_struct_site_gen.pdbx_num_res 
_struct_site_gen.label_comp_id 
_struct_site_gen.label_asym_id 
_struct_site_gen.label_seq_id 
_struct_site_gen.pdbx_auth_ins_code 
_struct_site_gen.auth_comp_id 
_struct_site_gen.auth_asym_id 
_struct_site_gen.auth_seq_id 
_struct_site_gen.label_atom_id 
_struct_site_gen.label_alt_id 
_struct_site_gen.symmetry 
_struct_site_gen.details 
1  AC1 15 LYS A 43  ? LYS A 42  . ? 1_555 ? 
2  AC1 15 PHE A 44  ? PHE A 43  . ? 1_555 ? 
3  AC1 15 ARG A 46  ? ARG A 45  . ? 1_555 ? 
4  AC1 15 HIS A 65  ? HIS A 64  . ? 1_555 ? 
5  AC1 15 VAL A 69  ? VAL A 68  . ? 1_555 ? 
6  AC1 15 LEU A 90  ? LEU A 89  . ? 1_555 ? 
7  AC1 15 SER A 93  ? SER A 92  . ? 1_555 ? 
8  AC1 15 HIS A 94  ? HIS A 93  . ? 1_555 ? 
9  AC1 15 HIS A 98  ? HIS A 97  . ? 1_555 ? 
10 AC1 15 ILE A 100 ? ILE A 99  . ? 1_555 ? 
11 AC1 15 TYR A 104 ? TYR A 103 . ? 1_555 ? 
12 AC1 15 HOH M .   ? HOH A 308 . ? 1_555 ? 
13 AC1 15 HOH M .   ? HOH A 317 . ? 1_555 ? 
14 AC1 15 HOH M .   ? HOH A 322 . ? 1_555 ? 
15 AC1 15 HOH M .   ? HOH A 331 . ? 1_555 ? 
16 AC2 4  GLN A 9   ? GLN A 8   . ? 1_655 ? 
17 AC2 4  HIS A 13  ? HIS A 12  . ? 1_655 ? 
18 AC2 4  HIS A 37  ? HIS A 36  . ? 1_555 ? 
19 AC2 4  GLU A 39  ? GLU A 38  . ? 1_555 ? 
20 AC3 2  GLU A 60  ? GLU A 59  . ? 1_555 ? 
21 AC3 2  LYS A 63  ? LYS A 62  . ? 1_555 ? 
22 AC4 7  SER A 59  ? SER A 58  . ? 1_555 ? 
23 AC4 7  GLU A 60  ? GLU A 59  . ? 1_555 ? 
24 AC4 7  ASP A 61  ? ASP A 60  . ? 1_555 ? 
25 AC4 7  HOH M .   ? HOH A 301 . ? 1_555 ? 
26 AC4 7  HOH M .   ? HOH A 321 . ? 1_555 ? 
27 AC4 7  HOH M .   ? HOH A 333 . ? 1_555 ? 
28 AC4 7  HOH M .   ? HOH A 336 . ? 1_555 ? 
29 AC5 5  ARG A 46  ? ARG A 45  . ? 1_555 ? 
30 AC5 5  HIS A 65  ? HIS A 64  . ? 1_555 ? 
31 AC5 5  THR A 68  ? THR A 67  . ? 1_555 ? 
32 AC5 5  HIS A 117 ? HIS A 116 . ? 1_545 ? 
33 AC5 5  HOH M .   ? HOH A 322 . ? 1_555 ? 
34 AC6 4  HIS A 120 ? HIS A 119 . ? 1_555 ? 
35 AC6 4  PRO A 121 ? PRO A 120 . ? 1_555 ? 
36 AC6 4  GLY A 122 ? GLY A 121 . ? 1_555 ? 
37 AC6 4  ASP A 123 ? ASP A 122 . ? 1_555 ? 
38 AC7 2  SER A 109 ? SER A 108 . ? 1_555 ? 
39 AC7 2  PHE A 139 ? PHE A 138 . ? 1_555 ? 
40 AC8 2  HIS A 83  ? HIS A 82  . ? 1_555 ? 
41 AC8 2  ALA A 135 ? ALA A 134 . ? 1_555 ? 
42 AC9 2  ILE A 29  ? ILE A 28  . ? 1_555 ? 
43 AC9 2  VAL A 69  ? VAL A 68  . ? 1_555 ? 
44 BC1 1  ILE A 29  ? ILE A 28  . ? 1_555 ? 
# 
_atom_sites.entry_id                    4NXA 
_atom_sites.fract_transf_matrix[1][1]   0.00178816 
_atom_sites.fract_transf_matrix[1][2]   0.02664514 
_atom_sites.fract_transf_matrix[1][3]   -0.01180949 
_atom_sites.fract_transf_matrix[2][1]   0.01089106 
_atom_sites.fract_transf_matrix[2][2]   0.01181732 
_atom_sites.fract_transf_matrix[2][3]   0.02831190 
_atom_sites.fract_transf_matrix[3][1]   0.01503909 
_atom_sites.fract_transf_matrix[3][2]   0.00074112 
_atom_sites.fract_transf_matrix[3][3]   -0.00609460 
_atom_sites.fract_transf_vector[1]      0.244181 
_atom_sites.fract_transf_vector[2]      0.015742 
_atom_sites.fract_transf_vector[3]      0.252793 
# 
loop_
_atom_type.symbol 
C  
FE 
N  
O  
S  
XE 
ZN 
# 
loop_
_atom_site.group_PDB 
_atom_site.id 
_atom_site.type_symbol 
_atom_site.label_atom_id 
_atom_site.label_alt_id 
_atom_site.label_comp_id 
_atom_site.label_asym_id 
_atom_site.label_entity_id 
_atom_site.label_seq_id 
_atom_site.pdbx_PDB_ins_code 
_atom_site.Cartn_x 
_atom_site.Cartn_y 
_atom_site.Cartn_z 
_atom_site.occupancy 
_atom_site.B_iso_or_equiv 
_atom_site.pdbx_formal_charge 
_atom_site.auth_seq_id 
_atom_site.auth_comp_id 
_atom_site.auth_asym_id 
_atom_site.auth_atom_id 
_atom_site.pdbx_PDB_model_num 
ATOM   1    N  N   . VAL A 1 2   ? 18.544  -6.102  1.640   1.00 50.64 ? 1   VAL A N   1 
ATOM   2    C  CA  . VAL A 1 2   ? 17.274  -6.863  1.839   1.00 47.45 ? 1   VAL A CA  1 
ATOM   3    C  C   . VAL A 1 2   ? 16.902  -7.021  3.315   1.00 45.40 ? 1   VAL A C   1 
ATOM   4    O  O   . VAL A 1 2   ? 17.613  -6.558  4.209   1.00 46.23 ? 1   VAL A O   1 
ATOM   5    C  CB  . VAL A 1 2   ? 17.305  -8.256  1.160   1.00 48.49 ? 1   VAL A CB  1 
ATOM   6    C  CG1 . VAL A 1 2   ? 17.013  -8.139  -0.328  1.00 50.71 ? 1   VAL A CG1 1 
ATOM   7    C  CG2 . VAL A 1 2   ? 18.622  -8.980  1.423   1.00 49.36 ? 1   VAL A CG2 1 
ATOM   8    N  N   . LEU A 1 3   ? 15.770  -7.676  3.554   1.00 40.93 ? 2   LEU A N   1 
ATOM   9    C  CA  . LEU A 1 3   ? 15.318  -7.968  4.906   1.00 36.69 ? 2   LEU A CA  1 
ATOM   10   C  C   . LEU A 1 3   ? 15.939  -9.266  5.416   1.00 34.70 ? 2   LEU A C   1 
ATOM   11   O  O   . LEU A 1 3   ? 16.086  -10.229 4.661   1.00 35.19 ? 2   LEU A O   1 
ATOM   12   C  CB  . LEU A 1 3   ? 13.790  -8.091  4.950   1.00 33.23 ? 2   LEU A CB  1 
ATOM   13   C  CG  . LEU A 1 3   ? 12.960  -6.799  4.965   1.00 31.17 ? 2   LEU A CG  1 
ATOM   14   C  CD1 . LEU A 1 3   ? 12.899  -6.167  3.591   1.00 31.23 ? 2   LEU A CD1 1 
ATOM   15   C  CD2 . LEU A 1 3   ? 11.550  -7.101  5.439   1.00 29.12 ? 2   LEU A CD2 1 
ATOM   16   N  N   . SER A 1 4   ? 16.270  -9.278  6.705   1.00 31.86 ? 3   SER A N   1 
ATOM   17   C  CA  . SER A 1 4   ? 16.701  -10.506 7.386   1.00 32.88 ? 3   SER A CA  1 
ATOM   18   C  C   . SER A 1 4   ? 15.503  -11.431 7.619   1.00 31.51 ? 3   SER A C   1 
ATOM   19   O  O   . SER A 1 4   ? 14.344  -11.000 7.574   1.00 29.08 ? 3   SER A O   1 
ATOM   20   C  CB  . SER A 1 4   ? 17.403  -10.176 8.706   1.00 30.47 ? 3   SER A CB  1 
ATOM   21   O  OG  . SER A 1 4   ? 16.499  -9.747  9.704   1.00 32.95 ? 3   SER A OG  1 
ATOM   22   N  N   . GLU A 1 5   ? 15.773  -12.710 7.856   1.00 32.64 ? 4   GLU A N   1 
ATOM   23   C  CA  . GLU A 1 5   ? 14.717  -13.647 8.197   1.00 30.93 ? 4   GLU A CA  1 
ATOM   24   C  C   . GLU A 1 5   ? 13.848  -13.156 9.355   1.00 28.45 ? 4   GLU A C   1 
ATOM   25   O  O   . GLU A 1 5   ? 12.627  -13.221 9.275   1.00 28.79 ? 4   GLU A O   1 
ATOM   26   C  CB  . GLU A 1 5   ? 15.287  -15.042 8.497   1.00 36.41 ? 4   GLU A CB  1 
ATOM   27   C  CG  . GLU A 1 5   ? 14.975  -16.057 7.409   1.00 40.81 ? 4   GLU A CG  1 
ATOM   28   C  CD  . GLU A 1 5   ? 13.493  -16.088 7.051   1.00 46.82 ? 4   GLU A CD  1 
ATOM   29   O  OE1 . GLU A 1 5   ? 12.647  -16.215 7.978   1.00 52.28 ? 4   GLU A OE1 1 
ATOM   30   O  OE2 . GLU A 1 5   ? 13.171  -15.977 5.843   1.00 48.95 ? 4   GLU A OE2 1 
ATOM   31   N  N   . GLY A 1 6   ? 14.479  -12.635 10.402  1.00 25.66 ? 5   GLY A N   1 
ATOM   32   C  CA  . GLY A 1 6   ? 13.795  -12.141 11.586  1.00 25.00 ? 5   GLY A CA  1 
ATOM   33   C  C   . GLY A 1 6   ? 12.876  -10.975 11.233  1.00 25.60 ? 5   GLY A C   1 
ATOM   34   O  O   . GLY A 1 6   ? 11.778  -10.855 11.763  1.00 24.84 ? 5   GLY A O   1 
ATOM   35   N  N   . GLU A 1 7   ? 13.335  -10.121 10.332  1.00 24.34 ? 6   GLU A N   1 
ATOM   36   C  CA  . GLU A 1 7   ? 12.503  -9.002  9.884   1.00 24.74 ? 6   GLU A CA  1 
ATOM   37   C  C   . GLU A 1 7   ? 11.328  -9.465  9.027   1.00 22.81 ? 6   GLU A C   1 
ATOM   38   O  O   . GLU A 1 7   ? 10.234  -8.925  9.159   1.00 21.93 ? 6   GLU A O   1 
ATOM   39   C  CB  . GLU A 1 7   ? 13.359  -7.939  9.178   1.00 26.56 ? 6   GLU A CB  1 
ATOM   40   C  CG  . GLU A 1 7   ? 14.230  -7.177  10.173  1.00 29.04 ? 6   GLU A CG  1 
ATOM   41   C  CD  . GLU A 1 7   ? 15.226  -6.234  9.518   1.00 30.42 ? 6   GLU A CD  1 
ATOM   42   O  OE1 . GLU A 1 7   ? 15.734  -6.556  8.429   1.00 29.10 ? 6   GLU A OE1 1 
ATOM   43   O  OE2 . GLU A 1 7   ? 15.484  -5.161  10.119  1.00 34.70 ? 6   GLU A OE2 1 
ATOM   44   N  N   . TRP A 1 8   ? 11.532  -10.450 8.164   1.00 21.49 ? 7   TRP A N   1 
ATOM   45   C  CA  . TRP A 1 8   ? 10.412  -10.994 7.387   1.00 22.23 ? 7   TRP A CA  1 
ATOM   46   C  C   . TRP A 1 8   ? 9.402   -11.614 8.301   1.00 20.63 ? 7   TRP A C   1 
ATOM   47   O  O   . TRP A 1 8   ? 8.202   -11.500 8.039   1.00 21.64 ? 7   TRP A O   1 
ATOM   48   C  CB  . TRP A 1 8   ? 10.836  -12.022 6.350   1.00 24.14 ? 7   TRP A CB  1 
ATOM   49   C  CG  . TRP A 1 8   ? 11.330  -11.428 5.061   1.00 27.46 ? 7   TRP A CG  1 
ATOM   50   C  CD1 . TRP A 1 8   ? 12.597  -11.542 4.501   1.00 28.37 ? 7   TRP A CD1 1 
ATOM   51   C  CD2 . TRP A 1 8   ? 10.570  -10.590 4.123   1.00 28.09 ? 7   TRP A CD2 1 
ATOM   52   N  NE1 . TRP A 1 8   ? 12.676  -10.860 3.311   1.00 29.13 ? 7   TRP A NE1 1 
ATOM   53   C  CE2 . TRP A 1 8   ? 11.495  -10.258 3.029   1.00 30.30 ? 7   TRP A CE2 1 
ATOM   54   C  CE3 . TRP A 1 8   ? 9.268   -10.099 4.080   1.00 28.69 ? 7   TRP A CE3 1 
ATOM   55   C  CZ2 . TRP A 1 8   ? 11.109  -9.471  1.956   1.00 29.72 ? 7   TRP A CZ2 1 
ATOM   56   C  CZ3 . TRP A 1 8   ? 8.897   -9.305  2.990   1.00 29.68 ? 7   TRP A CZ3 1 
ATOM   57   C  CH2 . TRP A 1 8   ? 9.795   -9.004  1.954   1.00 30.58 ? 7   TRP A CH2 1 
ATOM   58   N  N   . GLN A 1 9   ? 9.856   -12.288 9.369   1.00 20.65 ? 8   GLN A N   1 
ATOM   59   C  CA  . GLN A 1 9   ? 8.908   -12.871 10.338  1.00 20.71 ? 8   GLN A CA  1 
ATOM   60   C  C   . GLN A 1 9   ? 8.020   -11.802 10.963  1.00 20.73 ? 8   GLN A C   1 
ATOM   61   O  O   . GLN A 1 9   ? 6.810   -11.983 11.063  1.00 20.60 ? 8   GLN A O   1 
ATOM   62   C  CB  . GLN A 1 9   ? 9.628   -13.654 11.457  1.00 20.68 ? 8   GLN A CB  1 
ATOM   63   C  CG  . GLN A 1 9   ? 10.311  -14.923 10.942  1.00 22.46 ? 8   GLN A CG  1 
ATOM   64   C  CD  . GLN A 1 9   ? 9.320   -15.926 10.421  1.00 23.29 ? 8   GLN A CD  1 
ATOM   65   O  OE1 . GLN A 1 9   ? 8.478   -16.393 11.184  1.00 22.69 ? 8   GLN A OE1 1 
ATOM   66   N  NE2 . GLN A 1 9   ? 9.366   -16.219 9.113   1.00 23.75 ? 8   GLN A NE2 1 
ATOM   67   N  N   . LEU A 1 10  ? 8.622   -10.687 11.391  1.00 20.48 ? 9   LEU A N   1 
ATOM   68   C  CA  . LEU A 1 10  ? 7.840   -9.573  11.927  1.00 19.43 ? 9   LEU A CA  1 
ATOM   69   C  C   . LEU A 1 10  ? 6.759   -9.104  10.945  1.00 18.74 ? 9   LEU A C   1 
ATOM   70   O  O   . LEU A 1 10  ? 5.603   -8.948  11.340  1.00 19.51 ? 9   LEU A O   1 
ATOM   71   C  CB  . LEU A 1 10  ? 8.748   -8.395  12.314  1.00 20.89 ? 9   LEU A CB  1 
ATOM   72   C  CG  . LEU A 1 10  ? 9.553   -8.593  13.604  1.00 22.73 ? 9   LEU A CG  1 
ATOM   73   C  CD1 . LEU A 1 10  ? 10.736  -7.641  13.653  1.00 25.32 ? 9   LEU A CD1 1 
ATOM   74   C  CD2 . LEU A 1 10  ? 8.678   -8.385  14.817  1.00 25.27 ? 9   LEU A CD2 1 
ATOM   75   N  N   . VAL A 1 11  ? 7.142   -8.927  9.679   1.00 17.80 ? 10  VAL A N   1 
ATOM   76   C  CA  . VAL A 1 11  ? 6.236   -8.442  8.626   1.00 17.12 ? 10  VAL A CA  1 
ATOM   77   C  C   . VAL A 1 11  ? 5.091   -9.426  8.382   1.00 17.28 ? 10  VAL A C   1 
ATOM   78   O  O   . VAL A 1 11  ? 3.923   -9.047  8.310   1.00 17.34 ? 10  VAL A O   1 
ATOM   79   C  CB  . VAL A 1 11  ? 7.016   -8.208  7.312   1.00 17.91 ? 10  VAL A CB  1 
ATOM   80   C  CG1 . VAL A 1 11  ? 6.100   -7.943  6.114   1.00 19.49 ? 10  VAL A CG1 1 
ATOM   81   C  CG2 . VAL A 1 11  ? 7.989   -7.062  7.530   1.00 20.04 ? 10  VAL A CG2 1 
ATOM   82   N  N   . LEU A 1 12  ? 5.428   -10.710 8.279   1.00 17.09 ? 11  LEU A N   1 
ATOM   83   C  CA  . LEU A 1 12  ? 4.402   -11.676 7.917   1.00 16.59 ? 11  LEU A CA  1 
ATOM   84   C  C   . LEU A 1 12  ? 3.462   -11.936 9.087   1.00 15.31 ? 11  LEU A C   1 
ATOM   85   O  O   . LEU A 1 12  ? 2.268   -12.214 8.872   1.00 14.83 ? 11  LEU A O   1 
ATOM   86   C  CB  . LEU A 1 12  ? 5.037   -12.987 7.456   1.00 18.50 ? 11  LEU A CB  1 
ATOM   87   C  CG  . LEU A 1 12  ? 5.851   -12.928 6.161   1.00 19.78 ? 11  LEU A CG  1 
ATOM   88   C  CD1 . LEU A 1 12  ? 6.624   -14.216 5.938   1.00 22.07 ? 11  LEU A CD1 1 
ATOM   89   C  CD2 . LEU A 1 12  ? 4.951   -12.651 4.975   1.00 22.75 ? 11  LEU A CD2 1 
ATOM   90   N  N   . HIS A 1 13  ? 3.979   -11.849 10.316  1.00 15.79 ? 12  HIS A N   1 
ATOM   91   C  CA  . HIS A 1 13  ? 3.105   -12.058 11.462  1.00 17.06 ? 12  HIS A CA  1 
ATOM   92   C  C   . HIS A 1 13  ? 2.153   -10.899 11.619  1.00 17.44 ? 12  HIS A C   1 
ATOM   93   O  O   . HIS A 1 13  ? 0.985   -11.089 11.942  1.00 19.21 ? 12  HIS A O   1 
ATOM   94   C  CB  . HIS A 1 13  ? 3.900   -12.334 12.727  1.00 18.28 ? 12  HIS A CB  1 
ATOM   95   C  CG  . HIS A 1 13  ? 4.687   -13.615 12.656  1.00 18.92 ? 12  HIS A CG  1 
ATOM   96   N  ND1 . HIS A 1 13  ? 5.439   -14.051 13.686  1.00 20.55 ? 12  HIS A ND1 1 
ATOM   97   C  CD2 . HIS A 1 13  ? 4.833   -14.544 11.632  1.00 18.21 ? 12  HIS A CD2 1 
ATOM   98   C  CE1 . HIS A 1 13  ? 6.044   -15.199 13.331  1.00 19.90 ? 12  HIS A CE1 1 
ATOM   99   N  NE2 . HIS A 1 13  ? 5.653   -15.508 12.078  1.00 17.85 ? 12  HIS A NE2 1 
ATOM   100  N  N   . VAL A 1 14  ? 2.629   -9.680  11.356  1.00 18.40 ? 13  VAL A N   1 
ATOM   101  C  CA  . VAL A 1 14  ? 1.737   -8.512  11.381  1.00 19.83 ? 13  VAL A CA  1 
ATOM   102  C  C   . VAL A 1 14  ? 0.681   -8.608  10.287  1.00 18.95 ? 13  VAL A C   1 
ATOM   103  O  O   . VAL A 1 14  ? -0.506  -8.302  10.496  1.00 19.10 ? 13  VAL A O   1 
ATOM   104  C  CB  . VAL A 1 14  ? 2.534   -7.198  11.216  1.00 21.85 ? 13  VAL A CB  1 
ATOM   105  C  CG1 . VAL A 1 14  ? 1.592   -6.008  10.965  1.00 23.99 ? 13  VAL A CG1 1 
ATOM   106  C  CG2 . VAL A 1 14  ? 3.370   -6.969  12.456  1.00 23.09 ? 13  VAL A CG2 1 
ATOM   107  N  N   . TRP A 1 15  ? 1.099   -9.046  9.109   1.00 16.79 ? 14  TRP A N   1 
ATOM   108  C  CA  . TRP A 1 15  ? 0.166   -9.150  7.997   1.00 16.62 ? 14  TRP A CA  1 
ATOM   109  C  C   . TRP A 1 15  ? -1.023  -10.043 8.270   1.00 17.45 ? 14  TRP A C   1 
ATOM   110  O  O   . TRP A 1 15  ? -2.142  -9.783  7.808   1.00 17.23 ? 14  TRP A O   1 
ATOM   111  C  CB  . TRP A 1 15  ? 0.870   -9.570  6.728   1.00 18.48 ? 14  TRP A CB  1 
ATOM   112  C  CG  . TRP A 1 15  ? 0.012   -9.173  5.580   1.00 20.79 ? 14  TRP A CG  1 
ATOM   113  C  CD1 . TRP A 1 15  ? -0.778  -9.988  4.777   1.00 23.74 ? 14  TRP A CD1 1 
ATOM   114  C  CD2 . TRP A 1 15  ? -0.245  -7.811  5.127   1.00 23.38 ? 14  TRP A CD2 1 
ATOM   115  N  NE1 . TRP A 1 15  ? -1.468  -9.230  3.863   1.00 24.53 ? 14  TRP A NE1 1 
ATOM   116  C  CE2 . TRP A 1 15  ? -1.190  -7.923  4.016   1.00 23.85 ? 14  TRP A CE2 1 
ATOM   117  C  CE3 . TRP A 1 15  ? 0.215   -6.552  5.511   1.00 24.16 ? 14  TRP A CE3 1 
ATOM   118  C  CZ2 . TRP A 1 15  ? -1.640  -6.802  3.322   1.00 24.35 ? 14  TRP A CZ2 1 
ATOM   119  C  CZ3 . TRP A 1 15  ? -0.250  -5.419  4.810   1.00 25.70 ? 14  TRP A CZ3 1 
ATOM   120  C  CH2 . TRP A 1 15  ? -1.144  -5.553  3.738   1.00 26.15 ? 14  TRP A CH2 1 
ATOM   121  N  N   . ALA A 1 16  ? -0.808  -11.112 9.043   1.00 16.03 ? 15  ALA A N   1 
ATOM   122  C  CA  . ALA A 1 16  ? -1.906  -11.989 9.461   1.00 16.92 ? 15  ALA A CA  1 
ATOM   123  C  C   . ALA A 1 16  ? -3.003  -11.268 10.225  1.00 16.85 ? 15  ALA A C   1 
ATOM   124  O  O   . ALA A 1 16  ? -4.172  -11.672 10.169  1.00 18.26 ? 15  ALA A O   1 
ATOM   125  C  CB  . ALA A 1 16  ? -1.373  -13.137 10.314  1.00 18.06 ? 15  ALA A CB  1 
ATOM   126  N  N   . LYS A 1 17  ? -2.621  -10.215 10.939  1.00 17.55 ? 16  LYS A N   1 
ATOM   127  C  CA  . LYS A 1 17  ? -3.571  -9.391  11.675  1.00 18.94 ? 16  LYS A CA  1 
ATOM   128  C  C   . LYS A 1 17  ? -4.415  -8.548  10.709  1.00 20.08 ? 16  LYS A C   1 
ATOM   129  O  O   . LYS A 1 17  ? -5.598  -8.294  10.979  1.00 19.21 ? 16  LYS A O   1 
ATOM   130  C  CB  . LYS A 1 17  ? -2.859  -8.489  12.685  1.00 23.16 ? 16  LYS A CB  1 
ATOM   131  C  CG  . LYS A 1 17  ? -2.204  -9.249  13.824  1.00 26.86 ? 16  LYS A CG  1 
ATOM   132  C  CD  . LYS A 1 17  ? -1.189  -8.379  14.540  1.00 31.73 ? 16  LYS A CD  1 
ATOM   133  C  CE  . LYS A 1 17  ? -0.369  -9.222  15.511  1.00 34.48 ? 16  LYS A CE  1 
ATOM   134  N  NZ  . LYS A 1 17  ? -1.191  -9.996  16.491  1.00 36.52 ? 16  LYS A NZ  1 
ATOM   135  N  N   . VAL A 1 18  ? -3.811  -8.099  9.607   1.00 17.85 ? 17  VAL A N   1 
ATOM   136  C  CA  . VAL A 1 18  ? -4.537  -7.342  8.568   1.00 19.44 ? 17  VAL A CA  1 
ATOM   137  C  C   . VAL A 1 18  ? -5.585  -8.248  7.932   1.00 21.03 ? 17  VAL A C   1 
ATOM   138  O  O   . VAL A 1 18  ? -6.726  -7.833  7.666   1.00 21.36 ? 17  VAL A O   1 
ATOM   139  C  CB  . VAL A 1 18  ? -3.563  -6.843  7.471   1.00 18.97 ? 17  VAL A CB  1 
ATOM   140  C  CG1 . VAL A 1 18  ? -4.281  -6.118  6.343   1.00 19.57 ? 17  VAL A CG1 1 
ATOM   141  C  CG2 . VAL A 1 18  ? -2.530  -5.928  8.099   1.00 19.58 ? 17  VAL A CG2 1 
ATOM   142  N  N   . GLU A 1 19  ? -5.197  -9.496  7.707   1.00 22.49 ? 18  GLU A N   1 
ATOM   143  C  CA  . GLU A 1 19  ? -6.076  -10.451 7.052   1.00 23.79 ? 18  GLU A CA  1 
ATOM   144  C  C   . GLU A 1 19  ? -7.317  -10.812 7.841   1.00 23.39 ? 18  GLU A C   1 
ATOM   145  O  O   . GLU A 1 19  ? -8.268  -11.324 7.255   1.00 26.48 ? 18  GLU A O   1 
ATOM   146  C  CB  . GLU A 1 19  ? -5.300  -11.684 6.650   1.00 27.02 ? 18  GLU A CB  1 
ATOM   147  C  CG  . GLU A 1 19  ? -4.500  -11.386 5.408   1.00 29.74 ? 18  GLU A CG  1 
ATOM   148  C  CD  . GLU A 1 19  ? -3.704  -12.557 4.921   1.00 33.52 ? 18  GLU A CD  1 
ATOM   149  O  OE1 . GLU A 1 19  ? -3.551  -13.538 5.673   1.00 37.23 ? 18  GLU A OE1 1 
ATOM   150  O  OE2 . GLU A 1 19  ? -3.230  -12.470 3.779   1.00 34.81 ? 18  GLU A OE2 1 
ATOM   151  N  N   . ALA A 1 20  ? -7.332  -10.480 9.125   1.00 24.94 ? 19  ALA A N   1 
ATOM   152  C  CA  . ALA A 1 20  ? -8.493  -10.739 9.989   1.00 25.33 ? 19  ALA A CA  1 
ATOM   153  C  C   . ALA A 1 20  ? -9.598  -9.718  9.701   1.00 25.95 ? 19  ALA A C   1 
ATOM   154  O  O   . ALA A 1 20  ? -10.767 -9.910  10.067  1.00 27.27 ? 19  ALA A O   1 
ATOM   155  C  CB  . ALA A 1 20  ? -8.093  -10.703 11.463  1.00 27.83 ? 19  ALA A CB  1 
ATOM   156  N  N   . ASP A 1 21  ? -9.237  -8.629  9.022   1.00 21.95 ? 20  ASP A N   1 
ATOM   157  C  CA  . ASP A 1 21  ? -10.219 -7.628  8.606   1.00 20.56 ? 20  ASP A CA  1 
ATOM   158  C  C   . ASP A 1 21  ? -9.690  -6.866  7.399   1.00 18.23 ? 20  ASP A C   1 
ATOM   159  O  O   . ASP A 1 21  ? -9.341  -5.697  7.533   1.00 18.20 ? 20  ASP A O   1 
ATOM   160  C  CB  . ASP A 1 21  ? -10.546 -6.657  9.760   1.00 22.22 ? 20  ASP A CB  1 
ATOM   161  C  CG  . ASP A 1 21  ? -11.677 -5.660  9.419   1.00 25.11 ? 20  ASP A CG  1 
ATOM   162  O  OD1 . ASP A 1 21  ? -12.332 -5.761  8.348   1.00 24.25 ? 20  ASP A OD1 1 
ATOM   163  O  OD2 . ASP A 1 21  ? -11.921 -4.743  10.234  1.00 28.40 ? 20  ASP A OD2 1 
ATOM   164  N  N   . VAL A 1 22  ? -9.652  -7.508  6.233   1.00 17.03 ? 21  VAL A N   1 
ATOM   165  C  CA  . VAL A 1 22  ? -9.095  -6.858  5.012   1.00 16.58 ? 21  VAL A CA  1 
ATOM   166  C  C   . VAL A 1 22  ? -9.853  -5.606  4.591   1.00 17.39 ? 21  VAL A C   1 
ATOM   167  O  O   . VAL A 1 22  ? -9.246  -4.566  4.335   1.00 16.62 ? 21  VAL A O   1 
ATOM   168  C  CB  . VAL A 1 22  ? -8.922  -7.806  3.800   1.00 18.40 ? 21  VAL A CB  1 
ATOM   169  C  CG1 . VAL A 1 22  ? -8.204  -7.089  2.664   1.00 20.28 ? 21  VAL A CG1 1 
ATOM   170  C  CG2 . VAL A 1 22  ? -8.090  -9.002  4.213   1.00 20.51 ? 21  VAL A CG2 1 
ATOM   171  N  N   . ALA A 1 23  ? -11.183 -5.694  4.518   1.00 16.00 ? 22  ALA A N   1 
ATOM   172  C  CA  . ALA A 1 23  ? -11.981 -4.509  4.148   1.00 16.14 ? 22  ALA A CA  1 
ATOM   173  C  C   . ALA A 1 23  ? -11.850 -3.292  5.084   1.00 15.17 ? 22  ALA A C   1 
ATOM   174  O  O   . ALA A 1 23  ? -11.794 -2.157  4.615   1.00 16.75 ? 22  ALA A O   1 
ATOM   175  C  CB  . ALA A 1 23  ? -13.450 -4.896  3.964   1.00 15.64 ? 22  ALA A CB  1 
ATOM   176  N  N   . GLY A 1 24  ? -11.790 -3.536  6.393   1.00 14.62 ? 23  GLY A N   1 
ATOM   177  C  CA  . GLY A 1 24  ? -11.661 -2.463  7.376   1.00 14.84 ? 23  GLY A CA  1 
ATOM   178  C  C   . GLY A 1 24  ? -10.307 -1.757  7.242   1.00 14.44 ? 23  GLY A C   1 
ATOM   179  O  O   . GLY A 1 24  ? -10.234 -0.523  7.158   1.00 14.26 ? 23  GLY A O   1 
ATOM   180  N  N   . HIS A 1 25  ? -9.238  -2.552  7.195   1.00 13.79 ? 24  HIS A N   1 
ATOM   181  C  CA  . HIS A 1 25  ? -7.894  -1.972  6.977   1.00 12.99 ? 24  HIS A CA  1 
ATOM   182  C  C   . HIS A 1 25  ? -7.816  -1.255  5.649   1.00 13.11 ? 24  HIS A C   1 
ATOM   183  O  O   . HIS A 1 25  ? -7.238  -0.170  5.561   1.00 11.80 ? 24  HIS A O   1 
ATOM   184  C  CB  . HIS A 1 25  ? -6.800  -3.032  7.013   1.00 13.67 ? 24  HIS A CB  1 
ATOM   185  C  CG  . HIS A 1 25  ? -6.521  -3.586  8.388   1.00 14.26 ? 24  HIS A CG  1 
ATOM   186  N  ND1 . HIS A 1 25  ? -7.293  -4.550  8.953   1.00 15.11 ? 24  HIS A ND1 1 
ATOM   187  C  CD2 . HIS A 1 25  ? -5.519  -3.298  9.303   1.00 15.39 ? 24  HIS A CD2 1 
ATOM   188  C  CE1 . HIS A 1 25  ? -6.795  -4.869  10.166  1.00 15.86 ? 24  HIS A CE1 1 
ATOM   189  N  NE2 . HIS A 1 25  ? -5.736  -4.069  10.395  1.00 16.16 ? 24  HIS A NE2 1 
ATOM   190  N  N   . GLY A 1 26  ? -8.397  -1.835  4.599   1.00 13.30 ? 25  GLY A N   1 
ATOM   191  C  CA  . GLY A 1 26  ? -8.299  -1.220  3.246   1.00 14.02 ? 25  GLY A CA  1 
ATOM   192  C  C   . GLY A 1 26  ? -8.981  0.128   3.152   1.00 15.20 ? 25  GLY A C   1 
ATOM   193  O  O   . GLY A 1 26  ? -8.464  1.076   2.559   1.00 15.21 ? 25  GLY A O   1 
ATOM   194  N  N   . GLN A 1 27  ? -10.162 0.211   3.760   1.00 15.03 ? 26  GLN A N   1 
ATOM   195  C  CA  . GLN A 1 27  ? -10.927 1.431   3.812   1.00 16.47 ? 26  GLN A CA  1 
ATOM   196  C  C   . GLN A 1 27  ? -10.134 2.507   4.567   1.00 16.58 ? 26  GLN A C   1 
ATOM   197  O  O   . GLN A 1 27  ? -10.022 3.630   4.107   1.00 16.41 ? 26  GLN A O   1 
ATOM   198  C  CB  . GLN A 1 27  ? -12.239 1.128   4.561   1.00 17.99 ? 26  GLN A CB  1 
ATOM   199  C  CG  . GLN A 1 27  ? -13.282 2.227   4.603   1.00 22.00 ? 26  GLN A CG  1 
ATOM   200  C  CD  . GLN A 1 27  ? -14.573 1.702   5.233   1.00 24.22 ? 26  GLN A CD  1 
ATOM   201  O  OE1 . GLN A 1 27  ? -14.547 0.928   6.195   1.00 25.81 ? 26  GLN A OE1 1 
ATOM   202  N  NE2 . GLN A 1 27  ? -15.700 2.087   4.663   1.00 24.41 ? 26  GLN A NE2 1 
ATOM   203  N  N   . ASP A 1 28  ? -9.549  2.129   5.707   1.00 15.79 ? 27  ASP A N   1 
ATOM   204  C  CA  . ASP A 1 28  ? -8.858  3.071   6.575   1.00 16.10 ? 27  ASP A CA  1 
ATOM   205  C  C   . ASP A 1 28  ? -7.602  3.604   5.883   1.00 15.16 ? 27  ASP A C   1 
ATOM   206  O  O   . ASP A 1 28  ? -7.304  4.778   5.938   1.00 15.61 ? 27  ASP A O   1 
ATOM   207  C  CB  . ASP A 1 28  ? -8.473  2.396   7.892   1.00 17.42 ? 27  ASP A CB  1 
ATOM   208  C  CG  . ASP A 1 28  ? -9.652  2.246   8.856   1.00 20.55 ? 27  ASP A CG  1 
ATOM   209  O  OD1 . ASP A 1 28  ? -10.753 2.722   8.537   1.00 22.50 ? 27  ASP A OD1 1 
ATOM   210  O  OD2 . ASP A 1 28  ? -9.467  1.623   9.931   1.00 22.53 ? 27  ASP A OD2 1 
ATOM   211  N  N   . ILE A 1 29  ? -6.915  2.737   5.155   1.00 13.72 ? 28  ILE A N   1 
ATOM   212  C  CA  . ILE A 1 29  ? -5.689  3.134   4.471   1.00 13.62 ? 28  ILE A CA  1 
ATOM   213  C  C   . ILE A 1 29  ? -5.987  4.115   3.333   1.00 13.22 ? 28  ILE A C   1 
ATOM   214  O  O   . ILE A 1 29  ? -5.307  5.105   3.185   1.00 14.21 ? 28  ILE A O   1 
ATOM   215  C  CB  . ILE A 1 29  ? -4.898  1.912   3.972   1.00 13.33 ? 28  ILE A CB  1 
ATOM   216  C  CG1 . ILE A 1 29  ? -4.302  1.176   5.176   1.00 14.80 ? 28  ILE A CG1 1 
ATOM   217  C  CG2 . ILE A 1 29  ? -3.846  2.320   2.943   1.00 14.53 ? 28  ILE A CG2 1 
ATOM   218  C  CD1 . ILE A 1 29  ? -3.837  -0.218  4.833   1.00 15.41 ? 28  ILE A CD1 1 
ATOM   219  N  N   . LEU A 1 30  ? -7.008  3.845   2.523   1.00 12.62 ? 29  LEU A N   1 
ATOM   220  C  CA  . LEU A 1 30  ? -7.308  4.734   1.419   1.00 12.41 ? 29  LEU A CA  1 
ATOM   221  C  C   . LEU A 1 30  ? -7.830  6.080   1.918   1.00 12.86 ? 29  LEU A C   1 
ATOM   222  O  O   . LEU A 1 30  ? -7.439  7.109   1.362   1.00 13.46 ? 29  LEU A O   1 
ATOM   223  C  CB  . LEU A 1 30  ? -8.306  4.115   0.442   1.00 13.54 ? 29  LEU A CB  1 
ATOM   224  C  CG  . LEU A 1 30  ? -7.663  2.977   -0.372  1.00 13.90 ? 29  LEU A CG  1 
ATOM   225  C  CD1 . LEU A 1 30  ? -8.763  2.400   -1.267  1.00 14.63 ? 29  LEU A CD1 1 
ATOM   226  C  CD2 . LEU A 1 30  ? -6.505  3.359   -1.278  1.00 15.91 ? 29  LEU A CD2 1 
ATOM   227  N  N   . ILE A 1 31  ? -8.661  6.065   2.960   1.00 12.30 ? 30  ILE A N   1 
ATOM   228  C  CA  . ILE A 1 31  ? -9.142  7.333   3.520   1.00 14.00 ? 30  ILE A CA  1 
ATOM   229  C  C   . ILE A 1 31  ? -7.971  8.146   4.097   1.00 14.16 ? 30  ILE A C   1 
ATOM   230  O  O   . ILE A 1 31  ? -7.897  9.347   3.885   1.00 15.27 ? 30  ILE A O   1 
ATOM   231  C  CB  . ILE A 1 31  ? -10.266 7.114   4.512   1.00 14.75 ? 30  ILE A CB  1 
ATOM   232  C  CG1 . ILE A 1 31  ? -11.470 6.592   3.715   1.00 15.31 ? 30  ILE A CG1 1 
ATOM   233  C  CG2 . ILE A 1 31  ? -10.639 8.433   5.231   1.00 16.47 ? 30  ILE A CG2 1 
ATOM   234  C  CD1 . ILE A 1 31  ? -12.680 6.237   4.540   1.00 18.21 ? 30  ILE A CD1 1 
ATOM   235  N  N   . ARG A 1 32  ? -7.048  7.482   4.790   1.00 14.66 ? 31  ARG A N   1 
ATOM   236  C  CA  . ARG A 1 32  ? -5.917  8.198   5.383   1.00 15.69 ? 31  ARG A CA  1 
ATOM   237  C  C   . ARG A 1 32  ? -5.040  8.826   4.260   1.00 15.31 ? 31  ARG A C   1 
ATOM   238  O  O   . ARG A 1 32  ? -4.612  9.993   4.356   1.00 15.77 ? 31  ARG A O   1 
ATOM   239  C  CB  . ARG A 1 32  ? -5.132  7.246   6.297   1.00 17.88 ? 31  ARG A CB  1 
ATOM   240  C  CG  . ARG A 1 32  ? -3.791  7.760   6.799   1.00 21.88 ? 31  ARG A CG  1 
ATOM   241  C  CD  . ARG A 1 32  ? -3.984  8.829   7.852   1.00 25.40 ? 31  ARG A CD  1 
ATOM   242  N  NE  . ARG A 1 32  ? -2.713  9.521   8.075   1.00 30.92 ? 31  ARG A NE  1 
ATOM   243  C  CZ  . ARG A 1 32  ? -2.459  10.298  9.125   1.00 34.09 ? 31  ARG A CZ  1 
ATOM   244  N  NH1 . ARG A 1 32  ? -3.370  10.460  10.076  1.00 34.74 ? 31  ARG A NH1 1 
ATOM   245  N  NH2 . ARG A 1 32  ? -1.281  10.899  9.234   1.00 35.53 ? 31  ARG A NH2 1 
ATOM   246  N  N   . LEU A 1 33  ? -4.810  8.076   3.181   1.00 13.23 ? 32  LEU A N   1 
ATOM   247  C  CA  . LEU A 1 33  ? -4.063  8.578   2.019   1.00 13.00 ? 32  LEU A CA  1 
ATOM   248  C  C   . LEU A 1 33  ? -4.732  9.816   1.443   1.00 13.88 ? 32  LEU A C   1 
ATOM   249  O  O   . LEU A 1 33  ? -4.068  10.817  1.209   1.00 14.01 ? 32  LEU A O   1 
ATOM   250  C  CB  . LEU A 1 33  ? -3.955  7.481   0.943   1.00 13.57 ? 32  LEU A CB  1 
ATOM   251  C  CG  . LEU A 1 33  ? -3.244  7.889   -0.345  1.00 14.20 ? 32  LEU A CG  1 
ATOM   252  C  CD1 . LEU A 1 33  ? -1.760  8.220   -0.134  1.00 16.43 ? 32  LEU A CD1 1 
ATOM   253  C  CD2 . LEU A 1 33  ? -3.367  6.848   -1.457  1.00 16.99 ? 32  LEU A CD2 1 
ATOM   254  N  N   . PHE A 1 34  ? -6.039  9.733   1.205   1.00 13.30 ? 33  PHE A N   1 
ATOM   255  C  CA  . PHE A 1 34  ? -6.758  10.831  0.545   1.00 14.56 ? 33  PHE A CA  1 
ATOM   256  C  C   . PHE A 1 34  ? -6.892  12.065  1.418   1.00 16.63 ? 33  PHE A C   1 
ATOM   257  O  O   . PHE A 1 34  ? -6.914  13.169  0.893   1.00 16.61 ? 33  PHE A O   1 
ATOM   258  C  CB  . PHE A 1 34  ? -8.153  10.357  0.101   1.00 14.87 ? 33  PHE A CB  1 
ATOM   259  C  CG  . PHE A 1 34  ? -8.129  9.298   -0.955  1.00 14.77 ? 33  PHE A CG  1 
ATOM   260  C  CD1 . PHE A 1 34  ? -7.073  9.196   -1.849  1.00 15.68 ? 33  PHE A CD1 1 
ATOM   261  C  CD2 . PHE A 1 34  ? -9.202  8.441   -1.088  1.00 16.30 ? 33  PHE A CD2 1 
ATOM   262  C  CE1 . PHE A 1 34  ? -7.063  8.219   -2.838  1.00 16.16 ? 33  PHE A CE1 1 
ATOM   263  C  CE2 . PHE A 1 34  ? -9.207  7.460   -2.071  1.00 16.34 ? 33  PHE A CE2 1 
ATOM   264  C  CZ  . PHE A 1 34  ? -8.129  7.358   -2.954  1.00 16.61 ? 33  PHE A CZ  1 
ATOM   265  N  N   . LYS A 1 35  ? -6.962  11.874  2.731   1.00 17.38 ? 34  LYS A N   1 
ATOM   266  C  CA  . LYS A 1 35  ? -7.090  13.003  3.664   1.00 20.06 ? 34  LYS A CA  1 
ATOM   267  C  C   . LYS A 1 35  ? -5.759  13.693  3.816   1.00 20.53 ? 34  LYS A C   1 
ATOM   268  O  O   . LYS A 1 35  ? -5.679  14.943  3.765   1.00 20.76 ? 34  LYS A O   1 
ATOM   269  C  CB  . LYS A 1 35  ? -7.648  12.530  4.995   1.00 23.25 ? 34  LYS A CB  1 
ATOM   270  C  CG  . LYS A 1 35  ? -9.151  12.294  4.965   1.00 26.88 ? 34  LYS A CG  1 
ATOM   271  C  CD  . LYS A 1 35  ? -9.955  13.528  4.543   1.00 31.88 ? 34  LYS A CD  1 
ATOM   272  C  CE  . LYS A 1 35  ? -9.934  14.616  5.614   1.00 34.24 ? 34  LYS A CE  1 
ATOM   273  N  NZ  . LYS A 1 35  ? -10.368 15.916  5.031   1.00 38.17 ? 34  LYS A NZ  1 
ATOM   274  N  N   . SER A 1 36  ? -4.709  12.886  3.956   1.00 17.91 ? 35  SER A N   1 
ATOM   275  C  CA  . SER A 1 36  ? -3.365  13.396  4.147   1.00 17.91 ? 35  SER A CA  1 
ATOM   276  C  C   . SER A 1 36  ? -2.842  14.019  2.883   1.00 16.99 ? 35  SER A C   1 
ATOM   277  O  O   . SER A 1 36  ? -2.177  15.055  2.945   1.00 18.38 ? 35  SER A O   1 
ATOM   278  C  CB  . SER A 1 36  ? -2.398  12.309  4.589   1.00 20.34 ? 35  SER A CB  1 
ATOM   279  O  OG  . SER A 1 36  ? -2.640  11.907  5.919   1.00 26.63 ? 35  SER A OG  1 
ATOM   280  N  N   . HIS A 1 37  ? -3.167  13.441  1.725   1.00 15.37 ? 36  HIS A N   1 
ATOM   281  C  CA  . HIS A 1 37  ? -2.618  13.913  0.461   1.00 15.48 ? 36  HIS A CA  1 
ATOM   282  C  C   . HIS A 1 37  ? -3.727  13.940  -0.562  1.00 16.06 ? 36  HIS A C   1 
ATOM   283  O  O   . HIS A 1 37  ? -3.845  13.032  -1.398  1.00 16.57 ? 36  HIS A O   1 
ATOM   284  C  CB  . HIS A 1 37  ? -1.494  12.985  0.028   1.00 16.28 ? 36  HIS A CB  1 
ATOM   285  C  CG  . HIS A 1 37  ? -0.297  13.059  0.918   1.00 18.44 ? 36  HIS A CG  1 
ATOM   286  N  ND1 . HIS A 1 37  ? 0.576   14.093  0.874   1.00 16.89 ? 36  HIS A ND1 1 
ATOM   287  C  CD2 . HIS A 1 37  ? 0.174   12.188  1.881   1.00 17.88 ? 36  HIS A CD2 1 
ATOM   288  C  CE1 . HIS A 1 37  ? 1.534   13.911  1.803   1.00 20.15 ? 36  HIS A CE1 1 
ATOM   289  N  NE2 . HIS A 1 37  ? 1.293   12.742  2.420   1.00 20.07 ? 36  HIS A NE2 1 
ATOM   290  N  N   . PRO A 1 38  ? -4.578  14.983  -0.514  1.00 16.24 ? 37  PRO A N   1 
ATOM   291  C  CA  . PRO A 1 38  ? -5.723  15.068  -1.412  1.00 16.53 ? 37  PRO A CA  1 
ATOM   292  C  C   . PRO A 1 38  ? -5.356  15.083  -2.890  1.00 16.40 ? 37  PRO A C   1 
ATOM   293  O  O   . PRO A 1 38  ? -6.188  14.718  -3.729  1.00 17.38 ? 37  PRO A O   1 
ATOM   294  C  CB  . PRO A 1 38  ? -6.398  16.400  -1.009  1.00 17.94 ? 37  PRO A CB  1 
ATOM   295  C  CG  . PRO A 1 38  ? -5.307  17.141  -0.299  1.00 18.23 ? 37  PRO A CG  1 
ATOM   296  C  CD  . PRO A 1 38  ? -4.585  16.074  0.463   1.00 16.72 ? 37  PRO A CD  1 
ATOM   297  N  N   . GLU A 1 39  ? -4.125  15.480  -3.216  1.00 15.97 ? 38  GLU A N   1 
ATOM   298  C  CA  . GLU A 1 39  ? -3.622  15.405  -4.581  1.00 17.58 ? 38  GLU A CA  1 
ATOM   299  C  C   . GLU A 1 39  ? -3.655  13.986  -5.141  1.00 18.58 ? 38  GLU A C   1 
ATOM   300  O  O   . GLU A 1 39  ? -3.748  13.822  -6.359  1.00 20.60 ? 38  GLU A O   1 
ATOM   301  C  CB  . GLU A 1 39  ? -2.203  16.020  -4.722  1.00 20.14 ? 38  GLU A CB  1 
ATOM   302  C  CG  . GLU A 1 39  ? -1.036  15.308  -4.022  1.00 18.31 ? 38  GLU A CG  1 
ATOM   303  C  CD  . GLU A 1 39  ? -0.862  15.671  -2.535  1.00 17.84 ? 38  GLU A CD  1 
ATOM   304  O  OE1 . GLU A 1 39  ? -1.846  16.093  -1.922  1.00 19.06 ? 38  GLU A OE1 1 
ATOM   305  O  OE2 . GLU A 1 39  ? 0.236   15.518  -1.904  1.00 18.13 ? 38  GLU A OE2 1 
ATOM   306  N  N   . THR A 1 40  ? -3.605  12.979  -4.268  1.00 18.99 ? 39  THR A N   1 
ATOM   307  C  CA  . THR A 1 40  ? -3.633  11.574  -4.751  1.00 19.06 ? 39  THR A CA  1 
ATOM   308  C  C   . THR A 1 40  ? -5.016  11.166  -5.270  1.00 20.36 ? 39  THR A C   1 
ATOM   309  O  O   . THR A 1 40  ? -5.117  10.370  -6.207  1.00 20.47 ? 39  THR A O   1 
ATOM   310  C  CB  . THR A 1 40  ? -3.121  10.579  -3.714  1.00 18.02 ? 39  THR A CB  1 
ATOM   311  O  OG1 . THR A 1 40  ? -3.946  10.621  -2.556  1.00 17.83 ? 39  THR A OG1 1 
ATOM   312  C  CG2 . THR A 1 40  ? -1.632  10.917  -3.291  1.00 18.56 ? 39  THR A CG2 1 
ATOM   313  N  N   . LEU A 1 41  ? -6.067  11.704  -4.662  1.00 22.83 ? 40  LEU A N   1 
ATOM   314  C  CA  . LEU A 1 41  ? -7.422  11.553  -5.194  1.00 24.62 ? 40  LEU A CA  1 
ATOM   315  C  C   . LEU A 1 41  ? -7.580  11.833  -6.682  1.00 24.78 ? 40  LEU A C   1 
ATOM   316  O  O   . LEU A 1 41  ? -8.339  11.133  -7.359  1.00 23.90 ? 40  LEU A O   1 
ATOM   317  C  CB  . LEU A 1 41  ? -8.410  12.441  -4.434  1.00 26.17 ? 40  LEU A CB  1 
ATOM   318  C  CG  . LEU A 1 41  ? -9.283  11.847  -3.341  1.00 28.80 ? 40  LEU A CG  1 
ATOM   319  C  CD1 . LEU A 1 41  ? -10.249 12.906  -2.836  1.00 28.24 ? 40  LEU A CD1 1 
ATOM   320  C  CD2 . LEU A 1 41  ? -10.050 10.638  -3.869  1.00 27.65 ? 40  LEU A CD2 1 
ATOM   321  N  N   . GLU A 1 42  ? -6.897  12.871  -7.179  1.00 27.17 ? 41  GLU A N   1 
ATOM   322  C  CA  . GLU A 1 42  ? -6.985  13.342  -8.556  1.00 29.06 ? 41  GLU A CA  1 
ATOM   323  C  C   . GLU A 1 42  ? -6.612  12.287  -9.585  1.00 27.33 ? 41  GLU A C   1 
ATOM   324  O  O   . GLU A 1 42  ? -7.075  12.324  -10.732 1.00 30.06 ? 41  GLU A O   1 
ATOM   325  C  CB  . GLU A 1 42  ? -6.060  14.560  -8.745  1.00 31.65 ? 41  GLU A CB  1 
ATOM   326  C  CG  . GLU A 1 42  ? -6.205  15.252  -10.097 1.00 36.40 ? 41  GLU A CG  1 
ATOM   327  C  CD  . GLU A 1 42  ? -7.615  15.776  -10.348 1.00 38.21 ? 41  GLU A CD  1 
ATOM   328  O  OE1 . GLU A 1 42  ? -8.309  16.170  -9.376  1.00 39.08 ? 41  GLU A OE1 1 
ATOM   329  O  OE2 . GLU A 1 42  ? -8.037  15.783  -11.526 1.00 42.29 ? 41  GLU A OE2 1 
ATOM   330  N  N   . LYS A 1 43  ? -5.767  11.342  -9.159  1.00 24.09 ? 42  LYS A N   1 
ATOM   331  C  CA  . LYS A 1 43  ? -5.338  10.249  -10.000 1.00 23.23 ? 42  LYS A CA  1 
ATOM   332  C  C   . LYS A 1 43  ? -6.416  9.186   -10.223 1.00 22.20 ? 42  LYS A C   1 
ATOM   333  O  O   . LYS A 1 43  ? -6.279  8.359   -11.116 1.00 23.40 ? 42  LYS A O   1 
ATOM   334  C  CB  . LYS A 1 43  ? -4.072  9.599   -9.415  1.00 22.72 ? 42  LYS A CB  1 
ATOM   335  C  CG  . LYS A 1 43  ? -2.798  10.425  -9.625  1.00 23.32 ? 42  LYS A CG  1 
ATOM   336  C  CD  . LYS A 1 43  ? -2.453  10.564  -11.101 1.00 25.84 ? 42  LYS A CD  1 
ATOM   337  C  CE  . LYS A 1 43  ? -1.184  11.367  -11.313 1.00 28.58 ? 42  LYS A CE  1 
ATOM   338  N  NZ  . LYS A 1 43  ? -0.929  11.444  -12.776 1.00 29.75 ? 42  LYS A NZ  1 
ATOM   339  N  N   . PHE A 1 44  ? -7.461  9.181   -9.394  1.00 20.02 ? 43  PHE A N   1 
ATOM   340  C  CA  . PHE A 1 44  ? -8.531  8.203   -9.520  1.00 18.23 ? 43  PHE A CA  1 
ATOM   341  C  C   . PHE A 1 44  ? -9.792  8.838   -10.114 1.00 19.66 ? 43  PHE A C   1 
ATOM   342  O  O   . PHE A 1 44  ? -10.581 9.465   -9.383  1.00 18.98 ? 43  PHE A O   1 
ATOM   343  C  CB  . PHE A 1 44  ? -8.938  7.690   -8.140  1.00 17.62 ? 43  PHE A CB  1 
ATOM   344  C  CG  . PHE A 1 44  ? -7.946  6.785   -7.469  1.00 17.15 ? 43  PHE A CG  1 
ATOM   345  C  CD1 . PHE A 1 44  ? -6.971  7.302   -6.606  1.00 17.88 ? 43  PHE A CD1 1 
ATOM   346  C  CD2 . PHE A 1 44  ? -8.072  5.405   -7.590  1.00 17.53 ? 43  PHE A CD2 1 
ATOM   347  C  CE1 . PHE A 1 44  ? -6.098  6.458   -5.937  1.00 18.35 ? 43  PHE A CE1 1 
ATOM   348  C  CE2 . PHE A 1 44  ? -7.200  4.548   -6.903  1.00 17.46 ? 43  PHE A CE2 1 
ATOM   349  C  CZ  . PHE A 1 44  ? -6.224  5.086   -6.083  1.00 18.22 ? 43  PHE A CZ  1 
ATOM   350  N  N   . ASP A 1 45  ? -10.014 8.671   -11.414 1.00 21.51 ? 44  ASP A N   1 
ATOM   351  C  CA  . ASP A 1 45  ? -11.294 9.112   -11.995 1.00 23.82 ? 44  ASP A CA  1 
ATOM   352  C  C   . ASP A 1 45  ? -12.498 8.505   -11.241 1.00 21.39 ? 44  ASP A C   1 
ATOM   353  O  O   . ASP A 1 45  ? -13.563 9.112   -11.113 1.00 20.57 ? 44  ASP A O   1 
ATOM   354  C  CB  . ASP A 1 45  ? -11.359 8.773   -13.486 1.00 28.73 ? 44  ASP A CB  1 
ATOM   355  C  CG  . ASP A 1 45  ? -10.450 9.666   -14.325 1.00 34.41 ? 44  ASP A CG  1 
ATOM   356  O  OD1 . ASP A 1 45  ? -10.367 10.887  -14.045 1.00 38.07 ? 44  ASP A OD1 1 
ATOM   357  O  OD2 . ASP A 1 45  ? -9.821  9.138   -15.268 1.00 39.74 ? 44  ASP A OD2 1 
ATOM   358  N  N   . ARG A 1 46  ? -12.295 7.312   -10.698 1.00 19.21 ? 45  ARG A N   1 
ATOM   359  C  CA  . ARG A 1 46  ? -13.308 6.583   -9.997  1.00 17.37 ? 45  ARG A CA  1 
ATOM   360  C  C   . ARG A 1 46  ? -13.704 7.244   -8.691  1.00 16.63 ? 45  ARG A C   1 
ATOM   361  O  O   . ARG A 1 46  ? -14.827 7.063   -8.206  1.00 15.71 ? 45  ARG A O   1 
ATOM   362  C  CB  . ARG A 1 46  ? -12.711 5.214   -9.723  1.00 19.89 ? 45  ARG A CB  1 
ATOM   363  C  CG  . ARG A 1 46  ? -13.601 4.192   -9.096  1.00 19.46 ? 45  ARG A CG  1 
ATOM   364  C  CD  . ARG A 1 46  ? -12.958 2.825   -9.325  1.00 20.84 ? 45  ARG A CD  1 
ATOM   365  N  NE  . ARG A 1 46  ? -13.611 1.795   -8.542  1.00 20.23 ? 45  ARG A NE  1 
ATOM   366  C  CZ  . ARG A 1 46  ? -13.077 0.602   -8.309  1.00 22.25 ? 45  ARG A CZ  1 
ATOM   367  N  NH1 . ARG A 1 46  ? -11.881 0.302   -8.817  1.00 21.39 ? 45  ARG A NH1 1 
ATOM   368  N  NH2 . ARG A 1 46  ? -13.735 -0.277  -7.559  1.00 23.17 ? 45  ARG A NH2 1 
ATOM   369  N  N   . PHE A 1 47  ? -12.782 8.018   -8.119  1.00 14.80 ? 46  PHE A N   1 
ATOM   370  C  CA  . PHE A 1 47  ? -13.042 8.546   -6.764  1.00 15.88 ? 46  PHE A CA  1 
ATOM   371  C  C   . PHE A 1 47  ? -12.978 10.072  -6.629  1.00 16.99 ? 46  PHE A C   1 
ATOM   372  O  O   . PHE A 1 47  ? -13.289 10.607  -5.537  1.00 17.75 ? 46  PHE A O   1 
ATOM   373  C  CB  . PHE A 1 47  ? -12.102 7.888   -5.719  1.00 14.68 ? 46  PHE A CB  1 
ATOM   374  C  CG  . PHE A 1 47  ? -12.221 6.389   -5.636  1.00 14.63 ? 46  PHE A CG  1 
ATOM   375  C  CD1 . PHE A 1 47  ? -13.456 5.756   -5.418  1.00 15.18 ? 46  PHE A CD1 1 
ATOM   376  C  CD2 . PHE A 1 47  ? -11.087 5.613   -5.771  1.00 15.37 ? 46  PHE A CD2 1 
ATOM   377  C  CE1 . PHE A 1 47  ? -13.543 4.371   -5.350  1.00 16.00 ? 46  PHE A CE1 1 
ATOM   378  C  CE2 . PHE A 1 47  ? -11.173 4.228   -5.707  1.00 16.10 ? 46  PHE A CE2 1 
ATOM   379  C  CZ  . PHE A 1 47  ? -12.391 3.608   -5.498  1.00 16.52 ? 46  PHE A CZ  1 
ATOM   380  N  N   . LYS A 1 48  ? -12.576 10.770  -7.685  1.00 19.43 ? 47  LYS A N   1 
ATOM   381  C  CA  . LYS A 1 48  ? -12.256 12.216  -7.559  1.00 22.08 ? 47  LYS A CA  1 
ATOM   382  C  C   . LYS A 1 48  ? -13.460 13.076  -7.136  1.00 23.07 ? 47  LYS A C   1 
ATOM   383  O  O   . LYS A 1 48  ? -13.280 14.215  -6.675  1.00 25.29 ? 47  LYS A O   1 
ATOM   384  C  CB  . LYS A 1 48  ? -11.585 12.766  -8.828  1.00 26.81 ? 47  LYS A CB  1 
ATOM   385  C  CG  . LYS A 1 48  ? -12.314 12.479  -10.121 1.00 30.19 ? 47  LYS A CG  1 
ATOM   386  C  CD  . LYS A 1 48  ? -11.603 13.163  -11.286 1.00 35.62 ? 47  LYS A CD  1 
ATOM   387  C  CE  . LYS A 1 48  ? -12.543 13.360  -12.474 1.00 39.87 ? 47  LYS A CE  1 
ATOM   388  N  NZ  . LYS A 1 48  ? -13.701 14.260  -12.175 1.00 41.96 ? 47  LYS A NZ  1 
ATOM   389  N  N   . HIS A 1 49  ? -14.667 12.526  -7.254  1.00 20.90 ? 48  HIS A N   1 
ATOM   390  C  CA  . HIS A 1 49  ? -15.896 13.232  -6.868  1.00 21.47 ? 48  HIS A CA  1 
ATOM   391  C  C   . HIS A 1 49  ? -16.073 13.305  -5.367  1.00 22.18 ? 48  HIS A C   1 
ATOM   392  O  O   . HIS A 1 49  ? -16.851 14.120  -4.876  1.00 25.04 ? 48  HIS A O   1 
ATOM   393  C  CB  . HIS A 1 49  ? -17.130 12.568  -7.491  1.00 21.20 ? 48  HIS A CB  1 
ATOM   394  C  CG  . HIS A 1 49  ? -17.363 11.154  -7.013  1.00 19.75 ? 48  HIS A CG  1 
ATOM   395  N  ND1 . HIS A 1 49  ? -16.682 10.091  -7.507  1.00 20.23 ? 48  HIS A ND1 1 
ATOM   396  C  CD2 . HIS A 1 49  ? -18.230 10.649  -6.042  1.00 19.07 ? 48  HIS A CD2 1 
ATOM   397  C  CE1 . HIS A 1 49  ? -17.092 8.975   -6.873  1.00 18.66 ? 48  HIS A CE1 1 
ATOM   398  N  NE2 . HIS A 1 49  ? -18.043 9.324   -5.979  1.00 19.14 ? 48  HIS A NE2 1 
ATOM   399  N  N   . LEU A 1 50  ? -15.397 12.427  -4.621  1.00 22.35 ? 49  LEU A N   1 
ATOM   400  C  CA  . LEU A 1 50  ? -15.465 12.403  -3.165  1.00 22.96 ? 49  LEU A CA  1 
ATOM   401  C  C   . LEU A 1 50  ? -14.705 13.632  -2.650  1.00 25.05 ? 49  LEU A C   1 
ATOM   402  O  O   . LEU A 1 50  ? -13.550 13.855  -2.998  1.00 27.17 ? 49  LEU A O   1 
ATOM   403  C  CB  . LEU A 1 50  ? -14.880 11.085  -2.645  1.00 21.97 ? 49  LEU A CB  1 
ATOM   404  C  CG  . LEU A 1 50  ? -15.587 9.830   -3.152  1.00 20.66 ? 49  LEU A CG  1 
ATOM   405  C  CD1 . LEU A 1 50  ? -14.726 8.593   -2.891  1.00 20.88 ? 49  LEU A CD1 1 
ATOM   406  C  CD2 . LEU A 1 50  ? -16.972 9.660   -2.528  1.00 22.50 ? 49  LEU A CD2 1 
ATOM   407  N  N   . LYS A 1 51  ? -15.398 14.500  -1.923  1.00 24.95 ? 50  LYS A N   1 
ATOM   408  C  CA  . LYS A 1 51  ? -14.793 15.773  -1.526  1.00 29.00 ? 50  LYS A CA  1 
ATOM   409  C  C   . LYS A 1 51  ? -14.580 15.804  -0.028  1.00 26.43 ? 50  LYS A C   1 
ATOM   410  O  O   . LYS A 1 51  ? -13.745 16.560  0.470   1.00 32.76 ? 50  LYS A O   1 
ATOM   411  C  CB  . LYS A 1 51  ? -15.666 16.956  -1.969  1.00 32.89 ? 50  LYS A CB  1 
ATOM   412  C  CG  . LYS A 1 51  ? -15.298 17.539  -3.333  1.00 37.56 ? 50  LYS A CG  1 
ATOM   413  C  CD  . LYS A 1 51  ? -16.519 17.745  -4.230  1.00 43.54 ? 50  LYS A CD  1 
ATOM   414  C  CE  . LYS A 1 51  ? -17.347 18.978  -3.867  1.00 46.85 ? 50  LYS A CE  1 
ATOM   415  N  NZ  . LYS A 1 51  ? -18.408 18.685  -2.856  1.00 50.19 ? 50  LYS A NZ  1 
ATOM   416  N  N   . THR A 1 52  ? -15.348 15.012  0.695   1.00 22.33 ? 51  THR A N   1 
ATOM   417  C  CA  . THR A 1 52  ? -15.269 15.038  2.166   1.00 21.02 ? 51  THR A CA  1 
ATOM   418  C  C   . THR A 1 52  ? -15.001 13.669  2.738   1.00 19.92 ? 51  THR A C   1 
ATOM   419  O  O   . THR A 1 52  ? -15.352 12.630  2.180   1.00 18.34 ? 51  THR A O   1 
ATOM   420  C  CB  . THR A 1 52  ? -16.545 15.584  2.850   1.00 20.83 ? 51  THR A CB  1 
ATOM   421  O  OG1 . THR A 1 52  ? -17.571 14.569  2.804   1.00 21.53 ? 51  THR A OG1 1 
ATOM   422  C  CG2 . THR A 1 52  ? -17.035 16.865  2.196   1.00 22.15 ? 51  THR A CG2 1 
ATOM   423  N  N   . GLU A 1 53  ? -14.447 13.636  3.936   1.00 19.56 ? 52  GLU A N   1 
ATOM   424  C  CA  . GLU A 1 53  ? -14.206 12.393  4.598   1.00 18.21 ? 52  GLU A CA  1 
ATOM   425  C  C   . GLU A 1 53  ? -15.473 11.549  4.856   1.00 18.33 ? 52  GLU A C   1 
ATOM   426  O  O   . GLU A 1 53  ? -15.458 10.326  4.777   1.00 17.84 ? 52  GLU A O   1 
ATOM   427  C  CB  . GLU A 1 53  ? -13.424 12.676  5.892   1.00 21.67 ? 52  GLU A CB  1 
ATOM   428  C  CG  . GLU A 1 53  ? -12.985 11.423  6.600   1.00 20.84 ? 52  GLU A CG  1 
ATOM   429  C  CD  . GLU A 1 53  ? -12.174 11.669  7.850   1.00 25.27 ? 52  GLU A CD  1 
ATOM   430  O  OE1 . GLU A 1 53  ? -11.813 12.837  8.136   1.00 26.34 ? 52  GLU A OE1 1 
ATOM   431  O  OE2 . GLU A 1 53  ? -11.926 10.663  8.534   1.00 25.40 ? 52  GLU A OE2 1 
ATOM   432  N  N   . ALA A 1 54  ? -16.597 12.212  5.141   1.00 17.15 ? 53  ALA A N   1 
ATOM   433  C  CA  . ALA A 1 54  ? -17.850 11.514  5.337   1.00 16.35 ? 53  ALA A CA  1 
ATOM   434  C  C   . ALA A 1 54  ? -18.264 10.787  4.054   1.00 15.13 ? 53  ALA A C   1 
ATOM   435  O  O   . ALA A 1 54  ? -18.753 9.666   4.140   1.00 15.62 ? 53  ALA A O   1 
ATOM   436  C  CB  . ALA A 1 54  ? -18.946 12.515  5.731   1.00 18.34 ? 53  ALA A CB  1 
ATOM   437  N  N   . GLU A 1 55  ? -18.027 11.429  2.909   1.00 15.45 ? 54  GLU A N   1 
ATOM   438  C  CA  . GLU A 1 55  ? -18.407 10.820  1.610   1.00 14.92 ? 54  GLU A CA  1 
ATOM   439  C  C   . GLU A 1 55  ? -17.512 9.611   1.359   1.00 15.74 ? 54  GLU A C   1 
ATOM   440  O  O   . GLU A 1 55  ? -17.936 8.615   0.803   1.00 16.02 ? 54  GLU A O   1 
ATOM   441  C  CB  . GLU A 1 55  ? -18.277 11.825  0.470   1.00 16.87 ? 54  GLU A CB  1 
ATOM   442  C  CG  . GLU A 1 55  ? -19.342 12.935  0.497   1.00 19.11 ? 54  GLU A CG  1 
ATOM   443  C  CD  . GLU A 1 55  ? -19.008 14.132  -0.399  1.00 23.08 ? 54  GLU A CD  1 
ATOM   444  O  OE1 . GLU A 1 55  ? -17.977 14.135  -1.113  1.00 25.30 ? 54  GLU A OE1 1 
ATOM   445  O  OE2 . GLU A 1 55  ? -19.801 15.116  -0.408  1.00 25.66 ? 54  GLU A OE2 1 
ATOM   446  N  N   . MET A 1 56  ? -16.259 9.708   1.773   1.00 15.06 ? 55  MET A N   1 
ATOM   447  C  CA  . MET A 1 56  ? -15.339 8.583   1.534   1.00 15.19 ? 55  MET A CA  1 
ATOM   448  C  C   . MET A 1 56  ? -15.735 7.388   2.350   1.00 16.40 ? 55  MET A C   1 
ATOM   449  O  O   . MET A 1 56  ? -15.706 6.250   1.866   1.00 16.28 ? 55  MET A O   1 
ATOM   450  C  CB  . MET A 1 56  ? -13.891 8.983   1.865   1.00 15.89 ? 55  MET A CB  1 
ATOM   451  C  CG  . MET A 1 56  ? -13.356 10.047  0.966   1.00 16.51 ? 55  MET A CG  1 
ATOM   452  S  SD  . MET A 1 56  ? -11.755 10.554  1.643   1.00 21.60 ? 55  MET A SD  1 
ATOM   453  C  CE  . MET A 1 56  ? -11.484 12.094  0.809   1.00 21.38 ? 55  MET A CE  1 
ATOM   454  N  N   . LYS A 1 57  ? -16.109 7.645   3.610   1.00 16.34 ? 56  LYS A N   1 
ATOM   455  C  CA  . LYS A 1 57  ? -16.524 6.582   4.506   1.00 18.58 ? 56  LYS A CA  1 
ATOM   456  C  C   . LYS A 1 57  ? -17.788 5.884   4.009   1.00 18.66 ? 56  LYS A C   1 
ATOM   457  O  O   . LYS A 1 57  ? -17.934 4.700   4.210   1.00 21.45 ? 56  LYS A O   1 
ATOM   458  C  CB  . LYS A 1 57  ? -16.720 7.117   5.942   1.00 22.37 ? 56  LYS A CB  1 
ATOM   459  C  CG  . LYS A 1 57  ? -15.414 7.508   6.637   1.00 26.95 ? 56  LYS A CG  1 
ATOM   460  C  CD  . LYS A 1 57  ? -15.586 7.674   8.148   1.00 29.90 ? 56  LYS A CD  1 
ATOM   461  C  CE  . LYS A 1 57  ? -14.293 7.421   8.936   1.00 33.87 ? 56  LYS A CE  1 
ATOM   462  N  NZ  . LYS A 1 57  ? -13.292 8.533   8.941   1.00 32.34 ? 56  LYS A NZ  1 
ATOM   463  N  N   . ALA A 1 58  ? -18.647 6.615   3.305   1.00 17.95 ? 57  ALA A N   1 
ATOM   464  C  CA  . ALA A 1 58  ? -19.914 6.090   2.824   1.00 18.21 ? 57  ALA A CA  1 
ATOM   465  C  C   . ALA A 1 58  ? -19.830 5.297   1.526   1.00 18.67 ? 57  ALA A C   1 
ATOM   466  O  O   . ALA A 1 58  ? -20.780 4.618   1.143   1.00 18.96 ? 57  ALA A O   1 
ATOM   467  C  CB  . ALA A 1 58  ? -20.923 7.232   2.678   1.00 18.69 ? 57  ALA A CB  1 
ATOM   468  N  N   . SER A 1 59  ? -18.700 5.364   0.844   1.00 16.42 ? 58  SER A N   1 
ATOM   469  C  CA  . SER A 1 59  ? -18.602 4.732   -0.480  1.00 15.75 ? 58  SER A CA  1 
ATOM   470  C  C   . SER A 1 59  ? -18.322 3.225   -0.431  1.00 15.52 ? 58  SER A C   1 
ATOM   471  O  O   . SER A 1 59  ? -17.250 2.779   0.014   1.00 15.34 ? 58  SER A O   1 
ATOM   472  C  CB  . SER A 1 59  ? -17.511 5.435   -1.252  1.00 14.89 ? 58  SER A CB  1 
ATOM   473  O  OG  . SER A 1 59  ? -17.235 4.767   -2.461  1.00 14.35 ? 58  SER A OG  1 
ATOM   474  N  N   . GLU A 1 60  ? -19.253 2.413   -0.941  1.00 15.11 ? 59  GLU A N   1 
ATOM   475  C  CA  . GLU A 1 60  ? -19.008 0.963   -1.020  1.00 15.66 ? 59  GLU A CA  1 
ATOM   476  C  C   . GLU A 1 60  ? -17.908 0.685   -2.058  1.00 13.94 ? 59  GLU A C   1 
ATOM   477  O  O   . GLU A 1 60  ? -17.106 -0.237  -1.883  1.00 14.19 ? 59  GLU A O   1 
ATOM   478  C  CB  . GLU A 1 60  ? -20.288 0.212   -1.437  1.00 16.95 ? 59  GLU A CB  1 
ATOM   479  C  CG  . GLU A 1 60  ? -21.349 0.116   -0.352  1.00 20.39 ? 59  GLU A CG  1 
ATOM   480  C  CD  . GLU A 1 60  ? -20.899 -0.730  0.824   1.00 19.51 ? 59  GLU A CD  1 
ATOM   481  O  OE1 . GLU A 1 60  ? -20.230 -1.767  0.605   1.00 20.06 ? 59  GLU A OE1 1 
ATOM   482  O  OE2 . GLU A 1 60  ? -21.248 -0.364  1.969   1.00 23.34 ? 59  GLU A OE2 1 
ATOM   483  N  N   . ASP A 1 61  ? -17.860 1.489   -3.119  1.00 13.62 ? 60  ASP A N   1 
ATOM   484  C  CA  . ASP A 1 61  ? -16.858 1.278   -4.157  1.00 13.80 ? 60  ASP A CA  1 
ATOM   485  C  C   . ASP A 1 61  ? -15.430 1.489   -3.652  1.00 13.46 ? 60  ASP A C   1 
ATOM   486  O  O   . ASP A 1 61  ? -14.508 0.744   -3.998  1.00 13.78 ? 60  ASP A O   1 
ATOM   487  C  CB  . ASP A 1 61  ? -17.146 2.170   -5.349  1.00 15.33 ? 60  ASP A CB  1 
ATOM   488  C  CG  . ASP A 1 61  ? -16.432 1.701   -6.582  1.00 16.38 ? 60  ASP A CG  1 
ATOM   489  O  OD1 . ASP A 1 61  ? -16.439 0.477   -6.865  1.00 17.57 ? 60  ASP A OD1 1 
ATOM   490  O  OD2 . ASP A 1 61  ? -15.859 2.566   -7.242  1.00 19.70 ? 60  ASP A OD2 1 
ATOM   491  N  N   . LEU A 1 62  ? -15.283 2.477   -2.796  1.00 13.46 ? 61  LEU A N   1 
ATOM   492  C  CA  . LEU A 1 62  ? -13.966 2.712   -2.226  1.00 12.65 ? 61  LEU A CA  1 
ATOM   493  C  C   . LEU A 1 62  ? -13.544 1.517   -1.339  1.00 12.94 ? 61  LEU A C   1 
ATOM   494  O  O   . LEU A 1 62  ? -12.383 1.073   -1.400  1.00 12.26 ? 61  LEU A O   1 
ATOM   495  C  CB  . LEU A 1 62  ? -13.974 4.041   -1.456  1.00 12.92 ? 61  LEU A CB  1 
ATOM   496  C  CG  A LEU A 1 62  ? -12.610 4.347   -0.827  0.50 12.51 ? 61  LEU A CG  1 
ATOM   497  C  CG  B LEU A 1 62  ? -12.670 4.581   -0.865  0.50 12.97 ? 61  LEU A CG  1 
ATOM   498  C  CD1 A LEU A 1 62  ? -11.599 4.630   -1.926  0.50 12.19 ? 61  LEU A CD1 1 
ATOM   499  C  CD1 B LEU A 1 62  ? -12.743 6.094   -0.756  0.50 12.65 ? 61  LEU A CD1 1 
ATOM   500  C  CD2 A LEU A 1 62  ? -12.754 5.537   0.093   0.50 12.24 ? 61  LEU A CD2 1 
ATOM   501  C  CD2 B LEU A 1 62  ? -12.446 3.958   0.494   0.50 13.05 ? 61  LEU A CD2 1 
ATOM   502  N  N   . LYS A 1 63  ? -14.472 0.992   -0.535  1.00 13.12 ? 62  LYS A N   1 
ATOM   503  C  CA  . LYS A 1 63  ? -14.194 -0.174  0.295   1.00 13.89 ? 62  LYS A CA  1 
ATOM   504  C  C   . LYS A 1 63  ? -13.804 -1.385  -0.554  1.00 13.94 ? 62  LYS A C   1 
ATOM   505  O  O   . LYS A 1 63  ? -12.851 -2.107  -0.242  1.00 14.65 ? 62  LYS A O   1 
ATOM   506  C  CB  . LYS A 1 63  ? -15.398 -0.480  1.193   1.00 14.98 ? 62  LYS A CB  1 
ATOM   507  C  CG  . LYS A 1 63  ? -15.199 -1.683  2.043   1.00 16.07 ? 62  LYS A CG  1 
ATOM   508  C  CD  . LYS A 1 63  ? -16.237 -1.760  3.170   1.00 17.51 ? 62  LYS A CD  1 
ATOM   509  C  CE  . LYS A 1 63  ? -17.668 -1.755  2.646   1.00 18.40 ? 62  LYS A CE  1 
ATOM   510  N  NZ  . LYS A 1 63  ? -18.663 -1.859  3.767   1.00 19.27 ? 62  LYS A NZ  1 
ATOM   511  N  N   . LYS A 1 64  ? -14.511 -1.582  -1.675  1.00 13.67 ? 63  LYS A N   1 
ATOM   512  C  CA  . LYS A 1 64  ? -14.139 -2.631  -2.599  1.00 14.62 ? 63  LYS A CA  1 
ATOM   513  C  C   . LYS A 1 64  ? -12.713 -2.509  -3.130  1.00 15.05 ? 63  LYS A C   1 
ATOM   514  O  O   . LYS A 1 64  ? -11.971 -3.508  -3.149  1.00 14.16 ? 63  LYS A O   1 
ATOM   515  C  CB  . LYS A 1 64  ? -15.157 -2.692  -3.751  1.00 16.77 ? 63  LYS A CB  1 
ATOM   516  C  CG  . LYS A 1 64  ? -14.992 -3.953  -4.565  1.00 21.38 ? 63  LYS A CG  1 
ATOM   517  C  CD  . LYS A 1 64  ? -15.888 -3.928  -5.797  1.00 25.18 ? 63  LYS A CD  1 
ATOM   518  C  CE  . LYS A 1 64  ? -15.170 -4.671  -6.913  1.00 28.43 ? 63  LYS A CE  1 
ATOM   519  N  NZ  . LYS A 1 64  ? -15.887 -4.527  -8.213  1.00 34.33 ? 63  LYS A NZ  1 
ATOM   520  N  N   . HIS A 1 65  ? -12.312 -1.294  -3.500  1.00 13.78 ? 64  HIS A N   1 
ATOM   521  C  CA  . HIS A 1 65  ? -10.981 -1.103  -4.028  1.00 13.97 ? 64  HIS A CA  1 
ATOM   522  C  C   . HIS A 1 65  ? -9.932  -1.294  -2.978  1.00 13.52 ? 64  HIS A C   1 
ATOM   523  O  O   . HIS A 1 65  ? -8.833  -1.781  -3.272  1.00 13.04 ? 64  HIS A O   1 
ATOM   524  C  CB  . HIS A 1 65  ? -10.820 0.248   -4.741  1.00 13.97 ? 64  HIS A CB  1 
ATOM   525  C  CG  . HIS A 1 65  ? -9.555  0.340   -5.539  1.00 16.04 ? 64  HIS A CG  1 
ATOM   526  N  ND1 . HIS A 1 65  ? -9.328  -0.442  -6.621  1.00 17.02 ? 64  HIS A ND1 1 
ATOM   527  C  CD2 . HIS A 1 65  ? -8.424  1.113   -5.366  1.00 15.54 ? 64  HIS A CD2 1 
ATOM   528  C  CE1 . HIS A 1 65  ? -8.099  -0.157  -7.121  1.00 17.31 ? 64  HIS A CE1 1 
ATOM   529  N  NE2 . HIS A 1 65  ? -7.547  0.780   -6.361  1.00 17.58 ? 64  HIS A NE2 1 
ATOM   530  N  N   . GLY A 1 66  ? -10.243 -0.933  -1.734  1.00 12.79 ? 65  GLY A N   1 
ATOM   531  C  CA  . GLY A 1 66  ? -9.295  -1.177  -0.637  1.00 12.77 ? 65  GLY A CA  1 
ATOM   532  C  C   . GLY A 1 66  ? -8.972  -2.656  -0.487  1.00 13.05 ? 65  GLY A C   1 
ATOM   533  O  O   . GLY A 1 66  ? -7.838  -3.024  -0.271  1.00 12.89 ? 65  GLY A O   1 
ATOM   534  N  N   . VAL A 1 67  ? -9.972  -3.529  -0.653  1.00 13.08 ? 66  VAL A N   1 
ATOM   535  C  CA  . VAL A 1 67  ? -9.714  -4.974  -0.666  1.00 13.65 ? 66  VAL A CA  1 
ATOM   536  C  C   . VAL A 1 67  ? -8.789  -5.375  -1.824  1.00 12.97 ? 66  VAL A C   1 
ATOM   537  O  O   . VAL A 1 67  ? -7.847  -6.137  -1.631  1.00 14.51 ? 66  VAL A O   1 
ATOM   538  C  CB  . VAL A 1 67  ? -11.048 -5.760  -0.696  1.00 14.61 ? 66  VAL A CB  1 
ATOM   539  C  CG1 . VAL A 1 67  ? -10.818 -7.265  -0.785  1.00 15.22 ? 66  VAL A CG1 1 
ATOM   540  C  CG2 . VAL A 1 67  ? -11.872 -5.414  0.546   1.00 14.78 ? 66  VAL A CG2 1 
ATOM   541  N  N   . THR A 1 68  ? -9.030  -4.825  -3.011  1.00 13.44 ? 67  THR A N   1 
ATOM   542  C  CA  . THR A 1 68  ? -8.191  -5.103  -4.192  1.00 14.33 ? 67  THR A CA  1 
ATOM   543  C  C   . THR A 1 68  ? -6.738  -4.737  -3.919  1.00 14.45 ? 67  THR A C   1 
ATOM   544  O  O   . THR A 1 68  ? -5.835  -5.547  -4.130  1.00 15.33 ? 67  THR A O   1 
ATOM   545  C  CB  . THR A 1 68  ? -8.746  -4.397  -5.427  1.00 15.53 ? 67  THR A CB  1 
ATOM   546  O  OG1 . THR A 1 68  ? -10.010 -4.987  -5.706  1.00 18.05 ? 67  THR A OG1 1 
ATOM   547  C  CG2 . THR A 1 68  ? -7.827  -4.537  -6.648  1.00 16.74 ? 67  THR A CG2 1 
ATOM   548  N  N   . VAL A 1 69  ? -6.531  -3.558  -3.343  1.00 13.21 ? 68  VAL A N   1 
ATOM   549  C  CA  . VAL A 1 69  ? -5.185  -3.097  -3.067  1.00 13.35 ? 68  VAL A CA  1 
ATOM   550  C  C   . VAL A 1 69  ? -4.494  -3.976  -2.029  1.00 13.37 ? 68  VAL A C   1 
ATOM   551  O  O   . VAL A 1 69  ? -3.368  -4.435  -2.246  1.00 14.43 ? 68  VAL A O   1 
ATOM   552  C  CB  . VAL A 1 69  ? -5.193  -1.612  -2.614  1.00 13.15 ? 68  VAL A CB  1 
ATOM   553  C  CG1 . VAL A 1 69  ? -3.805  -1.162  -2.173  1.00 14.44 ? 68  VAL A CG1 1 
ATOM   554  C  CG2 . VAL A 1 69  ? -5.628  -0.724  -3.767  1.00 14.38 ? 68  VAL A CG2 1 
ATOM   555  N  N   . LEU A 1 70  ? -5.173  -4.268  -0.915  1.00 14.21 ? 69  LEU A N   1 
ATOM   556  C  CA  . LEU A 1 70  ? -4.500  -5.046  0.126   1.00 14.36 ? 69  LEU A CA  1 
ATOM   557  C  C   . LEU A 1 70  ? -4.302  -6.495  -0.288  1.00 15.33 ? 69  LEU A C   1 
ATOM   558  O  O   . LEU A 1 70  ? -3.323  -7.107  0.126   1.00 16.60 ? 69  LEU A O   1 
ATOM   559  C  CB  . LEU A 1 70  ? -5.235  -4.960  1.443   1.00 15.65 ? 69  LEU A CB  1 
ATOM   560  C  CG  . LEU A 1 70  ? -5.156  -3.624  2.142   1.00 16.40 ? 69  LEU A CG  1 
ATOM   561  C  CD1 . LEU A 1 70  ? -5.728  -3.792  3.549   1.00 16.47 ? 69  LEU A CD1 1 
ATOM   562  C  CD2 . LEU A 1 70  ? -3.693  -3.187  2.189   1.00 18.82 ? 69  LEU A CD2 1 
ATOM   563  N  N   . THR A 1 71  ? -5.216  -7.039  -1.098  1.00 16.86 ? 70  THR A N   1 
ATOM   564  C  CA  . THR A 1 71  ? -5.037  -8.424  -1.616  1.00 17.30 ? 70  THR A CA  1 
ATOM   565  C  C   . THR A 1 71  ? -3.792  -8.538  -2.494  1.00 17.06 ? 70  THR A C   1 
ATOM   566  O  O   . THR A 1 71  ? -3.008  -9.491  -2.360  1.00 19.39 ? 70  THR A O   1 
ATOM   567  C  CB  . THR A 1 71  ? -6.283  -8.919  -2.380  1.00 18.29 ? 70  THR A CB  1 
ATOM   568  O  OG1 . THR A 1 71  ? -7.410  -8.803  -1.525  1.00 22.07 ? 70  THR A OG1 1 
ATOM   569  C  CG2 . THR A 1 71  ? -6.125  -10.400 -2.752  1.00 21.61 ? 70  THR A CG2 1 
ATOM   570  N  N   . ALA A 1 72  ? -3.574  -7.545  -3.342  1.00 16.40 ? 71  ALA A N   1 
ATOM   571  C  CA  . ALA A 1 72  ? -2.395  -7.494  -4.199  1.00 16.08 ? 71  ALA A CA  1 
ATOM   572  C  C   . ALA A 1 72  ? -1.126  -7.303  -3.404  1.00 17.15 ? 71  ALA A C   1 
ATOM   573  O  O   . ALA A 1 72  ? -0.123  -7.976  -3.658  1.00 18.22 ? 71  ALA A O   1 
ATOM   574  C  CB  . ALA A 1 72  ? -2.550  -6.401  -5.235  1.00 16.10 ? 71  ALA A CB  1 
ATOM   575  N  N   . LEU A 1 73  ? -1.163  -6.415  -2.408  1.00 14.83 ? 72  LEU A N   1 
ATOM   576  C  CA  . LEU A 1 73  ? 0.032   -6.178  -1.616  1.00 15.97 ? 72  LEU A CA  1 
ATOM   577  C  C   . LEU A 1 73  ? 0.380   -7.403  -0.769  1.00 16.71 ? 72  LEU A C   1 
ATOM   578  O  O   . LEU A 1 73  ? 1.552   -7.751  -0.621  1.00 18.55 ? 72  LEU A O   1 
ATOM   579  C  CB  . LEU A 1 73  ? -0.159  -4.925  -0.741  1.00 16.71 ? 72  LEU A CB  1 
ATOM   580  C  CG  . LEU A 1 73  ? 1.018   -4.641  0.189   1.00 18.23 ? 72  LEU A CG  1 
ATOM   581  C  CD1 . LEU A 1 73  ? 2.251   -4.352  -0.643  1.00 19.30 ? 72  LEU A CD1 1 
ATOM   582  C  CD2 . LEU A 1 73  ? 0.676   -3.458  1.084   1.00 19.50 ? 72  LEU A CD2 1 
ATOM   583  N  N   . GLY A 1 74  ? -0.635  -8.076  -0.227  1.00 17.52 ? 73  GLY A N   1 
ATOM   584  C  CA  . GLY A 1 74  ? -0.421  -9.268  0.594   1.00 18.11 ? 73  GLY A CA  1 
ATOM   585  C  C   . GLY A 1 74  ? 0.249   -10.397 -0.196  1.00 19.28 ? 73  GLY A C   1 
ATOM   586  O  O   . GLY A 1 74  ? 1.152   -11.063 0.324   1.00 18.95 ? 73  GLY A O   1 
ATOM   587  N  N   . ALA A 1 75  ? -0.198  -10.598 -1.440  1.00 18.96 ? 74  ALA A N   1 
ATOM   588  C  CA  . ALA A 1 75  ? 0.373   -11.611 -2.344  1.00 20.14 ? 74  ALA A CA  1 
ATOM   589  C  C   . ALA A 1 75  ? 1.843   -11.344 -2.567  1.00 21.06 ? 74  ALA A C   1 
ATOM   590  O  O   . ALA A 1 75  ? 2.648   -12.274 -2.567  1.00 25.11 ? 74  ALA A O   1 
ATOM   591  C  CB  . ALA A 1 75  ? -0.361  -11.632 -3.675  1.00 21.07 ? 74  ALA A CB  1 
ATOM   592  N  N   . ILE A 1 76  ? 2.200   -10.070 -2.716  1.00 19.18 ? 75  ILE A N   1 
ATOM   593  C  CA  . ILE A 1 76  ? 3.593   -9.659  -2.863  1.00 19.98 ? 75  ILE A CA  1 
ATOM   594  C  C   . ILE A 1 76  ? 4.408   -9.888  -1.578  1.00 20.32 ? 75  ILE A C   1 
ATOM   595  O  O   . ILE A 1 76  ? 5.490   -10.485 -1.618  1.00 21.82 ? 75  ILE A O   1 
ATOM   596  C  CB  . ILE A 1 76  ? 3.676   -8.194  -3.346  1.00 20.15 ? 75  ILE A CB  1 
ATOM   597  C  CG1 . ILE A 1 76  ? 3.152   -8.083  -4.788  1.00 22.83 ? 75  ILE A CG1 1 
ATOM   598  C  CG2 . ILE A 1 76  ? 5.104   -7.665  -3.276  1.00 21.37 ? 75  ILE A CG2 1 
ATOM   599  C  CD1 . ILE A 1 76  ? 2.638   -6.710  -5.136  1.00 26.42 ? 75  ILE A CD1 1 
ATOM   600  N  N   . LEU A 1 77  ? 3.905   -9.460  -0.421  1.00 19.90 ? 76  LEU A N   1 
ATOM   601  C  CA  . LEU A 1 77  ? 4.692   -9.616  0.830   1.00 21.27 ? 76  LEU A CA  1 
ATOM   602  C  C   . LEU A 1 77  ? 4.981   -11.075 1.148   1.00 22.13 ? 76  LEU A C   1 
ATOM   603  O  O   . LEU A 1 77  ? 6.052   -11.400 1.657   1.00 24.03 ? 76  LEU A O   1 
ATOM   604  C  CB  . LEU A 1 77  ? 4.011   -8.954  2.028   1.00 21.56 ? 76  LEU A CB  1 
ATOM   605  C  CG  . LEU A 1 77  ? 3.815   -7.433  1.951   1.00 22.82 ? 76  LEU A CG  1 
ATOM   606  C  CD1 . LEU A 1 77  ? 2.961   -7.022  3.132   1.00 23.37 ? 76  LEU A CD1 1 
ATOM   607  C  CD2 . LEU A 1 77  ? 5.159   -6.721  1.991   1.00 24.77 ? 76  LEU A CD2 1 
ATOM   608  N  N   . LYS A 1 78  ? 4.036   -11.940 0.813   1.00 24.04 ? 77  LYS A N   1 
ATOM   609  C  CA  . LYS A 1 78  ? 4.151   -13.368 1.109   1.00 27.33 ? 77  LYS A CA  1 
ATOM   610  C  C   . LYS A 1 78  ? 5.237   -14.055 0.289   1.00 28.90 ? 77  LYS A C   1 
ATOM   611  O  O   . LYS A 1 78  ? 5.633   -15.174 0.611   1.00 28.61 ? 77  LYS A O   1 
ATOM   612  C  CB  . LYS A 1 78  ? 2.794   -14.072 0.941   1.00 30.22 ? 77  LYS A CB  1 
ATOM   613  C  CG  . LYS A 1 78  ? 1.775   -13.734 2.012   1.00 31.31 ? 77  LYS A CG  1 
ATOM   614  C  CD  . LYS A 1 78  ? 0.402   -14.228 1.602   1.00 32.47 ? 77  LYS A CD  1 
ATOM   615  C  CE  . LYS A 1 78  ? -0.724  -13.471 2.285   1.00 35.76 ? 77  LYS A CE  1 
ATOM   616  N  NZ  . LYS A 1 78  ? -2.040  -13.746 1.621   1.00 36.51 ? 77  LYS A NZ  1 
ATOM   617  N  N   . LYS A 1 79  ? 5.731   -13.375 -0.747  1.00 28.32 ? 78  LYS A N   1 
ATOM   618  C  CA  . LYS A 1 79  ? 6.823   -13.898 -1.580  1.00 30.51 ? 78  LYS A CA  1 
ATOM   619  C  C   . LYS A 1 79  ? 8.214   -13.612 -1.004  1.00 31.30 ? 78  LYS A C   1 
ATOM   620  O  O   . LYS A 1 79  ? 9.234   -13.994 -1.606  1.00 33.64 ? 78  LYS A O   1 
ATOM   621  C  CB  . LYS A 1 79  ? 6.756   -13.338 -3.011  1.00 31.87 ? 78  LYS A CB  1 
ATOM   622  C  CG  . LYS A 1 79  ? 5.489   -13.640 -3.802  1.00 35.15 ? 78  LYS A CG  1 
ATOM   623  C  CD  . LYS A 1 79  ? 5.271   -15.121 -4.072  1.00 38.07 ? 78  LYS A CD  1 
ATOM   624  C  CE  . LYS A 1 79  ? 6.152   -15.598 -5.216  1.00 40.12 ? 78  LYS A CE  1 
ATOM   625  N  NZ  . LYS A 1 79  ? 5.653   -16.854 -5.839  1.00 44.61 ? 78  LYS A NZ  1 
ATOM   626  N  N   . LYS A 1 80  ? 8.262   -12.921 0.133   1.00 31.41 ? 79  LYS A N   1 
ATOM   627  C  CA  . LYS A 1 80  ? 9.512   -12.612 0.826   1.00 33.30 ? 79  LYS A CA  1 
ATOM   628  C  C   . LYS A 1 80  ? 10.627  -12.110 -0.106  1.00 33.69 ? 79  LYS A C   1 
ATOM   629  O  O   . LYS A 1 80  ? 11.776  -12.567 -0.043  1.00 32.00 ? 79  LYS A O   1 
ATOM   630  C  CB  . LYS A 1 80  ? 9.971   -13.820 1.652   1.00 35.74 ? 79  LYS A CB  1 
ATOM   631  C  CG  . LYS A 1 80  ? 9.019   -14.179 2.791   1.00 38.01 ? 79  LYS A CG  1 
ATOM   632  C  CD  . LYS A 1 80  ? 9.100   -15.638 3.220   1.00 42.08 ? 79  LYS A CD  1 
ATOM   633  C  CE  . LYS A 1 80  ? 10.360  -15.957 4.015   1.00 44.36 ? 79  LYS A CE  1 
ATOM   634  N  NZ  . LYS A 1 80  ? 10.428  -17.417 4.320   1.00 44.93 ? 79  LYS A NZ  1 
ATOM   635  N  N   . GLY A 1 81  ? 10.289  -11.156 -0.957  1.00 30.31 ? 80  GLY A N   1 
ATOM   636  C  CA  . GLY A 1 81  ? 11.275  -10.572 -1.865  1.00 34.04 ? 80  GLY A CA  1 
ATOM   637  C  C   . GLY A 1 81  ? 11.369  -11.224 -3.234  1.00 33.89 ? 80  GLY A C   1 
ATOM   638  O  O   . GLY A 1 81  ? 11.903  -10.618 -4.165  1.00 34.86 ? 80  GLY A O   1 
ATOM   639  N  N   . HIS A 1 82  ? 10.850  -12.443 -3.379  1.00 33.72 ? 81  HIS A N   1 
ATOM   640  C  CA  . HIS A 1 82  ? 10.868  -13.133 -4.685  1.00 33.79 ? 81  HIS A CA  1 
ATOM   641  C  C   . HIS A 1 82  ? 9.562   -12.929 -5.383  1.00 31.74 ? 81  HIS A C   1 
ATOM   642  O  O   . HIS A 1 82  ? 8.779   -13.868 -5.604  1.00 30.84 ? 81  HIS A O   1 
ATOM   643  C  CB  . HIS A 1 82  ? 11.223  -14.616 -4.531  1.00 37.60 ? 81  HIS A CB  1 
ATOM   644  C  CG  . HIS A 1 82  ? 12.507  -14.843 -3.775  1.00 43.06 ? 81  HIS A CG  1 
ATOM   645  N  ND1 . HIS A 1 82  ? 12.567  -15.578 -2.641  1.00 45.71 ? 81  HIS A ND1 1 
ATOM   646  C  CD2 . HIS A 1 82  ? 13.800  -14.354 -3.998  1.00 43.44 ? 81  HIS A CD2 1 
ATOM   647  C  CE1 . HIS A 1 82  ? 13.836  -15.577 -2.177  1.00 45.53 ? 81  HIS A CE1 1 
ATOM   648  N  NE2 . HIS A 1 82  ? 14.586  -14.825 -3.004  1.00 44.30 ? 81  HIS A NE2 1 
ATOM   649  N  N   . HIS A 1 83  ? 9.321   -11.670 -5.738  1.00 28.92 ? 82  HIS A N   1 
ATOM   650  C  CA  . HIS A 1 83  ? 8.007   -11.213 -6.134  1.00 29.32 ? 82  HIS A CA  1 
ATOM   651  C  C   . HIS A 1 83  ? 7.919   -10.717 -7.549  1.00 30.72 ? 82  HIS A C   1 
ATOM   652  O  O   . HIS A 1 83  ? 6.999   -9.967  -7.887  1.00 31.23 ? 82  HIS A O   1 
ATOM   653  C  CB  . HIS A 1 83  ? 7.527   -10.124 -5.166  1.00 26.96 ? 82  HIS A CB  1 
ATOM   654  C  CG  . HIS A 1 83  ? 8.530   -9.016  -4.917  1.00 26.16 ? 82  HIS A CG  1 
ATOM   655  N  ND1 . HIS A 1 83  ? 8.792   -8.551  -3.681  1.00 27.74 ? 82  HIS A ND1 1 
ATOM   656  C  CD2 . HIS A 1 83  ? 9.321   -8.269  -5.789  1.00 25.90 ? 82  HIS A CD2 1 
ATOM   657  C  CE1 . HIS A 1 83  ? 9.705   -7.565  -3.756  1.00 27.28 ? 82  HIS A CE1 1 
ATOM   658  N  NE2 . HIS A 1 83  ? 10.030  -7.396  -5.041  1.00 25.57 ? 82  HIS A NE2 1 
ATOM   659  N  N   . GLU A 1 84  ? 8.837   -11.168 -8.402  1.00 34.52 ? 83  GLU A N   1 
ATOM   660  C  CA  . GLU A 1 84  ? 8.924   -10.691 -9.785  1.00 37.02 ? 83  GLU A CA  1 
ATOM   661  C  C   . GLU A 1 84  ? 7.627   -10.879 -10.600 1.00 37.12 ? 83  GLU A C   1 
ATOM   662  O  O   . GLU A 1 84  ? 7.158   -9.936  -11.258 1.00 37.31 ? 83  GLU A O   1 
ATOM   663  C  CB  . GLU A 1 84  ? 10.141  -11.319 -10.491 1.00 42.17 ? 83  GLU A CB  1 
ATOM   664  C  CG  . GLU A 1 84  ? 11.494  -10.767 -10.030 1.00 46.33 ? 83  GLU A CG  1 
ATOM   665  C  CD  . GLU A 1 84  ? 12.036  -11.402 -8.747  1.00 51.31 ? 83  GLU A CD  1 
ATOM   666  O  OE1 . GLU A 1 84  ? 11.754  -12.598 -8.477  1.00 53.94 ? 83  GLU A OE1 1 
ATOM   667  O  OE2 . GLU A 1 84  ? 12.767  -10.704 -8.004  1.00 52.38 ? 83  GLU A OE2 1 
ATOM   668  N  N   . ALA A 1 85  ? 7.038   -12.075 -10.533 1.00 36.41 ? 84  ALA A N   1 
ATOM   669  C  CA  . ALA A 1 85  ? 5.817   -12.386 -11.286 1.00 36.82 ? 84  ALA A CA  1 
ATOM   670  C  C   . ALA A 1 85  ? 4.603   -11.582 -10.820 1.00 36.97 ? 84  ALA A C   1 
ATOM   671  O  O   . ALA A 1 85  ? 3.733   -11.240 -11.624 1.00 38.47 ? 84  ALA A O   1 
ATOM   672  C  CB  . ALA A 1 85  ? 5.514   -13.884 -11.235 1.00 39.21 ? 84  ALA A CB  1 
ATOM   673  N  N   . GLU A 1 86  ? 4.553   -11.284 -9.527  1.00 34.69 ? 85  GLU A N   1 
ATOM   674  C  CA  . GLU A 1 86  ? 3.417   -10.593 -8.941  1.00 34.48 ? 85  GLU A CA  1 
ATOM   675  C  C   . GLU A 1 86  ? 3.549   -9.085  -9.133  1.00 32.39 ? 85  GLU A C   1 
ATOM   676  O  O   . GLU A 1 86  ? 2.549   -8.385  -9.299  1.00 35.36 ? 85  GLU A O   1 
ATOM   677  C  CB  . GLU A 1 86  ? 3.303   -10.939 -7.455  1.00 36.73 ? 85  GLU A CB  1 
ATOM   678  C  CG  . GLU A 1 86  ? 2.864   -12.379 -7.157  1.00 40.61 ? 85  GLU A CG  1 
ATOM   679  C  CD  . GLU A 1 86  ? 3.971   -13.419 -7.361  1.00 42.48 ? 85  GLU A CD  1 
ATOM   680  O  OE1 . GLU A 1 86  ? 5.160   -13.044 -7.535  1.00 38.98 ? 85  GLU A OE1 1 
ATOM   681  O  OE2 . GLU A 1 86  ? 3.642   -14.629 -7.341  1.00 43.32 ? 85  GLU A OE2 1 
ATOM   682  N  N   . LEU A 1 87  ? 4.783   -8.596  -9.127  1.00 30.50 ? 86  LEU A N   1 
ATOM   683  C  CA  . LEU A 1 87  ? 5.046   -7.150  -9.140  1.00 29.92 ? 86  LEU A CA  1 
ATOM   684  C  C   . LEU A 1 87  ? 5.017   -6.575  -10.542 1.00 30.19 ? 86  LEU A C   1 
ATOM   685  O  O   . LEU A 1 87  ? 4.568   -5.439  -10.749 1.00 29.03 ? 86  LEU A O   1 
ATOM   686  C  CB  . LEU A 1 87  ? 6.383   -6.859  -8.458  1.00 31.08 ? 86  LEU A CB  1 
ATOM   687  C  CG  . LEU A 1 87  ? 6.751   -5.424  -8.114  1.00 31.18 ? 86  LEU A CG  1 
ATOM   688  C  CD1 . LEU A 1 87  ? 7.567   -5.425  -6.837  1.00 31.39 ? 86  LEU A CD1 1 
ATOM   689  C  CD2 . LEU A 1 87  ? 7.545   -4.797  -9.248  1.00 34.12 ? 86  LEU A CD2 1 
ATOM   690  N  N   . LYS A 1 88  ? 5.473   -7.362  -11.515 1.00 29.36 ? 87  LYS A N   1 
ATOM   691  C  CA  . LYS A 1 88  ? 5.524   -6.901  -12.908 1.00 30.51 ? 87  LYS A CA  1 
ATOM   692  C  C   . LYS A 1 88  ? 4.231   -6.305  -13.473 1.00 27.41 ? 87  LYS A C   1 
ATOM   693  O  O   . LYS A 1 88  ? 4.265   -5.196  -13.995 1.00 27.49 ? 87  LYS A O   1 
ATOM   694  C  CB  . LYS A 1 88  ? 6.088   -7.985  -13.842 1.00 33.45 ? 87  LYS A CB  1 
ATOM   695  C  CG  . LYS A 1 88  ? 7.598   -7.899  -14.016 1.00 38.04 ? 87  LYS A CG  1 
ATOM   696  C  CD  . LYS A 1 88  ? 8.124   -8.924  -15.020 1.00 41.42 ? 87  LYS A CD  1 
ATOM   697  C  CE  . LYS A 1 88  ? 7.693   -8.603  -16.449 1.00 45.70 ? 87  LYS A CE  1 
ATOM   698  N  NZ  . LYS A 1 88  ? 8.193   -9.618  -17.426 1.00 46.30 ? 87  LYS A NZ  1 
ATOM   699  N  N   . PRO A 1 89  ? 3.092   -7.031  -13.374 1.00 25.21 ? 88  PRO A N   1 
ATOM   700  C  CA  . PRO A 1 89  ? 1.836   -6.528  -13.914 1.00 23.79 ? 88  PRO A CA  1 
ATOM   701  C  C   . PRO A 1 89  ? 1.438   -5.217  -13.242 1.00 21.20 ? 88  PRO A C   1 
ATOM   702  O  O   . PRO A 1 89  ? 0.873   -4.336  -13.870 1.00 22.23 ? 88  PRO A O   1 
ATOM   703  C  CB  . PRO A 1 89  ? 0.819   -7.633  -13.560 1.00 26.65 ? 88  PRO A CB  1 
ATOM   704  C  CG  . PRO A 1 89  ? 1.635   -8.861  -13.358 1.00 27.82 ? 88  PRO A CG  1 
ATOM   705  C  CD  . PRO A 1 89  ? 2.984   -8.419  -12.882 1.00 26.74 ? 88  PRO A CD  1 
ATOM   706  N  N   . LEU A 1 90  ? 1.735   -5.119  -11.955 1.00 22.27 ? 89  LEU A N   1 
ATOM   707  C  CA  . LEU A 1 90  ? 1.386   -3.925  -11.178 1.00 20.30 ? 89  LEU A CA  1 
ATOM   708  C  C   . LEU A 1 90  ? 2.207   -2.707  -11.571 1.00 18.97 ? 89  LEU A C   1 
ATOM   709  O  O   . LEU A 1 90  ? 1.683   -1.583  -11.735 1.00 18.55 ? 89  LEU A O   1 
ATOM   710  C  CB  . LEU A 1 90  ? 1.564   -4.254  -9.685  1.00 21.83 ? 89  LEU A CB  1 
ATOM   711  C  CG  . LEU A 1 90  ? 0.304   -4.882  -9.106  1.00 25.78 ? 89  LEU A CG  1 
ATOM   712  C  CD1 . LEU A 1 90  ? 0.573   -5.567  -7.786  1.00 28.20 ? 89  LEU A CD1 1 
ATOM   713  C  CD2 . LEU A 1 90  ? -0.690  -3.757  -8.882  1.00 27.05 ? 89  LEU A CD2 1 
ATOM   714  N  N   . ALA A 1 91  ? 3.496   -2.928  -11.750 1.00 19.96 ? 90  ALA A N   1 
ATOM   715  C  CA  . ALA A 1 91  ? 4.391   -1.840  -12.185 1.00 20.18 ? 90  ALA A CA  1 
ATOM   716  C  C   . ALA A 1 91  ? 4.000   -1.358  -13.585 1.00 21.69 ? 90  ALA A C   1 
ATOM   717  O  O   . ALA A 1 91  ? 3.933   -0.164  -13.829 1.00 21.40 ? 90  ALA A O   1 
ATOM   718  C  CB  . ALA A 1 91  ? 5.853   -2.294  -12.147 1.00 21.69 ? 90  ALA A CB  1 
ATOM   719  N  N   . GLN A 1 92  ? 3.699   -2.288  -14.497 1.00 21.76 ? 91  GLN A N   1 
ATOM   720  C  CA  . GLN A 1 92  ? 3.243   -1.932  -15.845 1.00 23.94 ? 91  GLN A CA  1 
ATOM   721  C  C   . GLN A 1 92  ? 2.021   -1.041  -15.835 1.00 21.93 ? 91  GLN A C   1 
ATOM   722  O  O   . GLN A 1 92  ? 2.026   0.048   -16.407 1.00 22.38 ? 91  GLN A O   1 
ATOM   723  C  CB  . GLN A 1 92  ? 2.867   -3.185  -16.639 1.00 27.71 ? 91  GLN A CB  1 
ATOM   724  C  CG  . GLN A 1 92  ? 3.740   -3.550  -17.818 1.00 34.63 ? 91  GLN A CG  1 
ATOM   725  C  CD  . GLN A 1 92  ? 3.231   -4.832  -18.470 1.00 40.84 ? 91  GLN A CD  1 
ATOM   726  O  OE1 . GLN A 1 92  ? 3.193   -5.894  -17.829 1.00 43.35 ? 91  GLN A OE1 1 
ATOM   727  N  NE2 . GLN A 1 92  ? 2.812   -4.740  -19.736 1.00 42.54 ? 91  GLN A NE2 1 
ATOM   728  N  N   . SER A 1 93  ? 0.955   -1.497  -15.180 1.00 20.52 ? 92  SER A N   1 
ATOM   729  C  CA  . SER A 1 93  ? -0.291  -0.733  -15.212 1.00 19.82 ? 92  SER A CA  1 
ATOM   730  C  C   . SER A 1 93  ? -0.137  0.632   -14.515 1.00 17.89 ? 92  SER A C   1 
ATOM   731  O  O   . SER A 1 93  ? -0.690  1.615   -14.955 1.00 17.48 ? 92  SER A O   1 
ATOM   732  C  CB  . SER A 1 93  ? -1.407  -1.548  -14.571 1.00 20.48 ? 92  SER A CB  1 
ATOM   733  O  OG  . SER A 1 93  ? -1.171  -1.738  -13.164 1.00 22.19 ? 92  SER A OG  1 
ATOM   734  N  N   . HIS A 1 94  ? 0.615   0.688   -13.416 1.00 17.97 ? 93  HIS A N   1 
ATOM   735  C  CA  . HIS A 1 94  ? 0.716   1.958   -12.700 1.00 16.57 ? 93  HIS A CA  1 
ATOM   736  C  C   . HIS A 1 94  ? 1.589   2.972   -13.373 1.00 17.52 ? 93  HIS A C   1 
ATOM   737  O  O   . HIS A 1 94  ? 1.333   4.172   -13.291 1.00 17.12 ? 93  HIS A O   1 
ATOM   738  C  CB  . HIS A 1 94  ? 1.084   1.746   -11.231 1.00 14.76 ? 93  HIS A CB  1 
ATOM   739  C  CG  . HIS A 1 94  ? -0.061  1.206   -10.407 1.00 14.47 ? 93  HIS A CG  1 
ATOM   740  N  ND1 . HIS A 1 94  ? -0.566  -0.041  -10.596 1.00 15.73 ? 93  HIS A ND1 1 
ATOM   741  C  CD2 . HIS A 1 94  ? -0.816  1.795   -9.393  1.00 14.43 ? 93  HIS A CD2 1 
ATOM   742  C  CE1 . HIS A 1 94  ? -1.597  -0.246  -9.731  1.00 15.35 ? 93  HIS A CE1 1 
ATOM   743  N  NE2 . HIS A 1 94  ? -1.766  0.881   -9.009  1.00 13.70 ? 93  HIS A NE2 1 
ATOM   744  N  N   . ALA A 1 95  ? 2.567   2.500   -14.140 1.00 18.50 ? 94  ALA A N   1 
ATOM   745  C  CA  . ALA A 1 95  ? 3.396   3.405   -14.937 1.00 20.02 ? 94  ALA A CA  1 
ATOM   746  C  C   . ALA A 1 95  ? 2.710   3.875   -16.213 1.00 21.61 ? 94  ALA A C   1 
ATOM   747  O  O   . ALA A 1 95  ? 2.688   5.078   -16.502 1.00 23.60 ? 94  ALA A O   1 
ATOM   748  C  CB  . ALA A 1 95  ? 4.732   2.745   -15.273 1.00 20.12 ? 94  ALA A CB  1 
ATOM   749  N  N   . THR A 1 96  ? 2.135   2.940   -16.971 1.00 22.55 ? 95  THR A N   1 
ATOM   750  C  CA  . THR A 1 96  ? 1.718   3.247   -18.342 1.00 24.23 ? 95  THR A CA  1 
ATOM   751  C  C   . THR A 1 96  ? 0.262   3.658   -18.472 1.00 25.54 ? 95  THR A C   1 
ATOM   752  O  O   . THR A 1 96  ? -0.091  4.388   -19.390 1.00 26.51 ? 95  THR A O   1 
ATOM   753  C  CB  . THR A 1 96  ? 2.040   2.101   -19.337 1.00 24.16 ? 95  THR A CB  1 
ATOM   754  O  OG1 . THR A 1 96  ? 1.207   0.969   -19.065 1.00 28.25 ? 95  THR A OG1 1 
ATOM   755  C  CG2 . THR A 1 96  ? 3.478   1.672   -19.208 1.00 25.65 ? 95  THR A CG2 1 
ATOM   756  N  N   . LYS A 1 97  ? -0.577  3.198   -17.542 1.00 26.38 ? 96  LYS A N   1 
ATOM   757  C  CA  . LYS A 1 97  ? -2.014  3.419   -17.606 1.00 25.61 ? 96  LYS A CA  1 
ATOM   758  C  C   . LYS A 1 97  ? -2.445  4.444   -16.557 1.00 23.52 ? 96  LYS A C   1 
ATOM   759  O  O   . LYS A 1 97  ? -3.020  5.468   -16.870 1.00 23.33 ? 96  LYS A O   1 
ATOM   760  C  CB  . LYS A 1 97  ? -2.745  2.089   -17.435 1.00 28.05 ? 96  LYS A CB  1 
ATOM   761  C  CG  . LYS A 1 97  ? -4.234  2.109   -17.762 1.00 34.44 ? 96  LYS A CG  1 
ATOM   762  C  CD  . LYS A 1 97  ? -4.649  0.777   -18.393 1.00 37.65 ? 96  LYS A CD  1 
ATOM   763  C  CE  . LYS A 1 97  ? -6.116  0.439   -18.132 1.00 39.52 ? 96  LYS A CE  1 
ATOM   764  N  NZ  . LYS A 1 97  ? -6.404  -1.003  -18.419 1.00 40.97 ? 96  LYS A NZ  1 
ATOM   765  N  N   . HIS A 1 98  ? -2.150  4.181   -15.298 1.00 21.44 ? 97  HIS A N   1 
ATOM   766  C  CA  . HIS A 1 98  ? -2.630  5.065   -14.252 1.00 19.83 ? 97  HIS A CA  1 
ATOM   767  C  C   . HIS A 1 98  ? -1.744  6.240   -14.051 1.00 20.49 ? 97  HIS A C   1 
ATOM   768  O  O   . HIS A 1 98  ? -2.167  7.258   -13.509 1.00 21.07 ? 97  HIS A O   1 
ATOM   769  C  CB  . HIS A 1 98  ? -2.823  4.298   -12.935 1.00 19.95 ? 97  HIS A CB  1 
ATOM   770  C  CG  . HIS A 1 98  ? -3.569  3.005   -13.100 1.00 18.59 ? 97  HIS A CG  1 
ATOM   771  N  ND1 . HIS A 1 98  ? -4.747  2.927   -13.756 1.00 19.57 ? 97  HIS A ND1 1 
ATOM   772  C  CD2 . HIS A 1 98  ? -3.275  1.713   -12.664 1.00 18.57 ? 97  HIS A CD2 1 
ATOM   773  C  CE1 . HIS A 1 98  ? -5.174  1.664   -13.751 1.00 18.92 ? 97  HIS A CE1 1 
ATOM   774  N  NE2 . HIS A 1 98  ? -4.277  0.916   -13.093 1.00 18.33 ? 97  HIS A NE2 1 
ATOM   775  N  N   . LYS A 1 99  ? -0.501  6.113   -14.507 1.00 20.56 ? 98  LYS A N   1 
ATOM   776  C  CA  . LYS A 1 99  ? 0.507   7.174   -14.366 1.00 21.42 ? 98  LYS A CA  1 
ATOM   777  C  C   . LYS A 1 99  ? 0.694   7.713   -12.930 1.00 19.87 ? 98  LYS A C   1 
ATOM   778  O  O   . LYS A 1 99  ? 0.514   8.900   -12.628 1.00 20.15 ? 98  LYS A O   1 
ATOM   779  C  CB  . LYS A 1 99  ? 0.243   8.286   -15.383 1.00 23.87 ? 98  LYS A CB  1 
ATOM   780  C  CG  . LYS A 1 99  ? 0.315   7.838   -16.825 1.00 27.89 ? 98  LYS A CG  1 
ATOM   781  C  CD  . LYS A 1 99  ? 0.325   9.056   -17.731 1.00 30.55 ? 98  LYS A CD  1 
ATOM   782  C  CE  . LYS A 1 99  ? -0.176  8.720   -19.120 1.00 33.00 ? 98  LYS A CE  1 
ATOM   783  N  NZ  . LYS A 1 99  ? -1.672  8.646   -19.140 1.00 38.30 ? 98  LYS A NZ  1 
ATOM   784  N  N   . ILE A 1 100 ? 1.098   6.825   -12.047 1.00 18.01 ? 99  ILE A N   1 
ATOM   785  C  CA  . ILE A 1 100 ? 1.234   7.138   -10.628 1.00 17.28 ? 99  ILE A CA  1 
ATOM   786  C  C   . ILE A 1 100 ? 2.692   7.400   -10.290 1.00 18.68 ? 99  ILE A C   1 
ATOM   787  O  O   . ILE A 1 100 ? 3.521   6.487   -10.402 1.00 20.77 ? 99  ILE A O   1 
ATOM   788  C  CB  . ILE A 1 100 ? 0.720   5.952   -9.758  1.00 17.12 ? 99  ILE A CB  1 
ATOM   789  C  CG1 . ILE A 1 100 ? -0.726  5.585   -10.124 1.00 17.16 ? 99  ILE A CG1 1 
ATOM   790  C  CG2 . ILE A 1 100 ? 0.820   6.275   -8.271  1.00 17.62 ? 99  ILE A CG2 1 
ATOM   791  C  CD1 . ILE A 1 100 ? -1.721  6.736   -10.088 1.00 17.30 ? 99  ILE A CD1 1 
ATOM   792  N  N   . PRO A 1 101 ? 3.029   8.629   -9.857  1.00 18.10 ? 100 PRO A N   1 
ATOM   793  C  CA  . PRO A 1 101 ? 4.450   8.828   -9.561  1.00 18.66 ? 100 PRO A CA  1 
ATOM   794  C  C   . PRO A 1 101 ? 4.913   8.056   -8.324  1.00 19.17 ? 100 PRO A C   1 
ATOM   795  O  O   . PRO A 1 101 ? 4.115   7.749   -7.429  1.00 18.94 ? 100 PRO A O   1 
ATOM   796  C  CB  . PRO A 1 101 ? 4.574   10.338  -9.340  1.00 19.13 ? 100 PRO A CB  1 
ATOM   797  C  CG  . PRO A 1 101 ? 3.197   10.832  -9.086  1.00 20.96 ? 100 PRO A CG  1 
ATOM   798  C  CD  . PRO A 1 101 ? 2.224   9.852   -9.687  1.00 19.36 ? 100 PRO A CD  1 
ATOM   799  N  N   . ILE A 1 102 ? 6.205   7.737   -8.276  1.00 19.51 ? 101 ILE A N   1 
ATOM   800  C  CA  . ILE A 1 102 ? 6.774   6.972   -7.156  1.00 19.20 ? 101 ILE A CA  1 
ATOM   801  C  C   . ILE A 1 102 ? 6.524   7.642   -5.814  1.00 17.28 ? 101 ILE A C   1 
ATOM   802  O  O   . ILE A 1 102 ? 6.292   6.953   -4.828  1.00 18.12 ? 101 ILE A O   1 
ATOM   803  C  CB  . ILE A 1 102 ? 8.277   6.686   -7.379  1.00 19.44 ? 101 ILE A CB  1 
ATOM   804  C  CG1 . ILE A 1 102 ? 8.453   5.936   -8.703  1.00 21.91 ? 101 ILE A CG1 1 
ATOM   805  C  CG2 . ILE A 1 102 ? 8.875   5.911   -6.222  1.00 19.97 ? 101 ILE A CG2 1 
ATOM   806  C  CD1 . ILE A 1 102 ? 7.981   4.491   -8.685  1.00 24.51 ? 101 ILE A CD1 1 
ATOM   807  N  N   . LYS A 1 103 ? 6.517   8.981   -5.766  1.00 17.58 ? 102 LYS A N   1 
ATOM   808  C  CA  . LYS A 1 103 ? 6.224   9.696   -4.528  1.00 17.54 ? 102 LYS A CA  1 
ATOM   809  C  C   . LYS A 1 103 ? 4.879   9.269   -3.931  1.00 15.96 ? 102 LYS A C   1 
ATOM   810  O  O   . LYS A 1 103 ? 4.712   9.261   -2.735  1.00 16.07 ? 102 LYS A O   1 
ATOM   811  C  CB  . LYS A 1 103 ? 6.186   11.221  -4.793  1.00 19.09 ? 102 LYS A CB  1 
ATOM   812  C  CG  . LYS A 1 103 ? 6.187   12.081  -3.554  1.00 21.67 ? 102 LYS A CG  1 
ATOM   813  C  CD  . LYS A 1 103 ? 7.502   11.903  -2.822  1.00 24.81 ? 102 LYS A CD  1 
ATOM   814  C  CE  . LYS A 1 103 ? 7.552   12.719  -1.556  1.00 27.33 ? 102 LYS A CE  1 
ATOM   815  N  NZ  . LYS A 1 103 ? 8.927   12.557  -1.012  1.00 28.03 ? 102 LYS A NZ  1 
ATOM   816  N  N   . TYR A 1 104 ? 3.908   8.956   -4.777  1.00 15.77 ? 103 TYR A N   1 
ATOM   817  C  CA  . TYR A 1 104 ? 2.596   8.613   -4.221  1.00 15.96 ? 103 TYR A CA  1 
ATOM   818  C  C   . TYR A 1 104 ? 2.625   7.230   -3.600  1.00 14.97 ? 103 TYR A C   1 
ATOM   819  O  O   . TYR A 1 104 ? 1.877   6.942   -2.642  1.00 15.11 ? 103 TYR A O   1 
ATOM   820  C  CB  . TYR A 1 104 ? 1.483   8.736   -5.246  1.00 17.75 ? 103 TYR A CB  1 
ATOM   821  C  CG  . TYR A 1 104 ? 1.203   10.168  -5.677  1.00 19.75 ? 103 TYR A CG  1 
ATOM   822  C  CD1 . TYR A 1 104 ? 1.873   11.262  -5.085  1.00 19.81 ? 103 TYR A CD1 1 
ATOM   823  C  CD2 . TYR A 1 104 ? 0.238   10.422  -6.643  1.00 21.00 ? 103 TYR A CD2 1 
ATOM   824  C  CE1 . TYR A 1 104 ? 1.597   12.578  -5.490  1.00 22.18 ? 103 TYR A CE1 1 
ATOM   825  C  CE2 . TYR A 1 104 ? -0.041  11.721  -7.040  1.00 21.82 ? 103 TYR A CE2 1 
ATOM   826  C  CZ  . TYR A 1 104 ? 0.645   12.775  -6.479  1.00 22.57 ? 103 TYR A CZ  1 
ATOM   827  O  OH  . TYR A 1 104 ? 0.317   14.047  -6.914  1.00 26.18 ? 103 TYR A OH  1 
ATOM   828  N  N   . LEU A 1 105 ? 3.512   6.388   -4.115  1.00 15.54 ? 104 LEU A N   1 
ATOM   829  C  CA  . LEU A 1 105 ? 3.764   5.085   -3.453  1.00 15.40 ? 104 LEU A CA  1 
ATOM   830  C  C   . LEU A 1 105 ? 4.419   5.257   -2.089  1.00 14.95 ? 104 LEU A C   1 
ATOM   831  O  O   . LEU A 1 105 ? 4.150   4.490   -1.161  1.00 15.99 ? 104 LEU A O   1 
ATOM   832  C  CB  . LEU A 1 105 ? 4.606   4.155   -4.341  1.00 16.44 ? 104 LEU A CB  1 
ATOM   833  C  CG  . LEU A 1 105 ? 4.043   3.904   -5.722  1.00 19.37 ? 104 LEU A CG  1 
ATOM   834  C  CD1 . LEU A 1 105 ? 4.937   2.883   -6.422  1.00 22.06 ? 104 LEU A CD1 1 
ATOM   835  C  CD2 . LEU A 1 105 ? 2.605   3.396   -5.628  1.00 20.78 ? 104 LEU A CD2 1 
ATOM   836  N  N   . GLU A 1 106 ? 5.288   6.259   -1.936  1.00 14.86 ? 105 GLU A N   1 
ATOM   837  C  CA  . GLU A 1 106 ? 5.776   6.620   -0.632  1.00 14.54 ? 105 GLU A CA  1 
ATOM   838  C  C   . GLU A 1 106 ? 4.650   7.079   0.295   1.00 13.53 ? 105 GLU A C   1 
ATOM   839  O  O   . GLU A 1 106 ? 4.578   6.646   1.418   1.00 13.71 ? 105 GLU A O   1 
ATOM   840  C  CB  . GLU A 1 106 ? 6.857   7.713   -0.737  1.00 16.51 ? 105 GLU A CB  1 
ATOM   841  C  CG  . GLU A 1 106 ? 7.454   8.103   0.603   1.00 18.78 ? 105 GLU A CG  1 
ATOM   842  C  CD  . GLU A 1 106 ? 8.505   9.196   0.500   1.00 22.60 ? 105 GLU A CD  1 
ATOM   843  O  OE1 . GLU A 1 106 ? 8.688   9.775   -0.593  1.00 23.13 ? 105 GLU A OE1 1 
ATOM   844  O  OE2 . GLU A 1 106 ? 9.142   9.459   1.539   1.00 27.22 ? 105 GLU A OE2 1 
ATOM   845  N  N   . PHE A 1 107 ? 3.730   7.905   -0.211  1.00 13.90 ? 106 PHE A N   1 
ATOM   846  C  CA  . PHE A 1 107 ? 2.635   8.369   0.631   1.00 13.71 ? 106 PHE A CA  1 
ATOM   847  C  C   . PHE A 1 107 ? 1.732   7.210   1.110   1.00 12.44 ? 106 PHE A C   1 
ATOM   848  O  O   . PHE A 1 107 ? 1.348   7.167   2.275   1.00 12.83 ? 106 PHE A O   1 
ATOM   849  C  CB  . PHE A 1 107 ? 1.773   9.365   -0.106  1.00 13.90 ? 106 PHE A CB  1 
ATOM   850  C  CG  . PHE A 1 107 ? 2.464   10.689  -0.428  1.00 15.34 ? 106 PHE A CG  1 
ATOM   851  C  CD1 . PHE A 1 107 ? 3.526   11.150  0.360   1.00 16.33 ? 106 PHE A CD1 1 
ATOM   852  C  CD2 . PHE A 1 107 ? 1.975   11.477  -1.469  1.00 16.53 ? 106 PHE A CD2 1 
ATOM   853  C  CE1 . PHE A 1 107 ? 4.128   12.386  0.064   1.00 17.19 ? 106 PHE A CE1 1 
ATOM   854  C  CE2 . PHE A 1 107 ? 2.560   12.699  -1.761  1.00 17.12 ? 106 PHE A CE2 1 
ATOM   855  C  CZ  . PHE A 1 107 ? 3.634   13.139  -0.985  1.00 17.65 ? 106 PHE A CZ  1 
ATOM   856  N  N   . ILE A 1 108 ? 1.415   6.273   0.212   1.00 12.52 ? 107 ILE A N   1 
ATOM   857  C  CA  . ILE A 1 108 ? 0.527   5.180   0.631   1.00 11.54 ? 107 ILE A CA  1 
ATOM   858  C  C   . ILE A 1 108 ? 1.275   4.268   1.631   1.00 11.45 ? 107 ILE A C   1 
ATOM   859  O  O   . ILE A 1 108 ? 0.666   3.676   2.502   1.00 11.44 ? 107 ILE A O   1 
ATOM   860  C  CB  . ILE A 1 108 ? -0.110  4.404   -0.563  1.00 11.72 ? 107 ILE A CB  1 
ATOM   861  C  CG1 . ILE A 1 108 ? -1.344  3.619   -0.038  1.00 12.65 ? 107 ILE A CG1 1 
ATOM   862  C  CG2 . ILE A 1 108 ? 0.901   3.475   -1.259  1.00 13.15 ? 107 ILE A CG2 1 
ATOM   863  C  CD1 . ILE A 1 108 ? -2.155  2.938   -1.130  1.00 14.64 ? 107 ILE A CD1 1 
ATOM   864  N  N   . SER A 1 109 ? 2.591   4.144   1.487   1.00 12.18 ? 108 SER A N   1 
ATOM   865  C  CA  . SER A 1 109 ? 3.373   3.380   2.475   1.00 12.63 ? 108 SER A CA  1 
ATOM   866  C  C   . SER A 1 109 ? 3.271   4.006   3.869   1.00 12.89 ? 108 SER A C   1 
ATOM   867  O  O   . SER A 1 109 ? 3.062   3.308   4.854   1.00 13.58 ? 108 SER A O   1 
ATOM   868  C  CB  . SER A 1 109 ? 4.858   3.240   2.066   1.00 13.41 ? 108 SER A CB  1 
ATOM   869  O  OG  . SER A 1 109 ? 5.005   2.615   0.819   1.00 15.38 ? 108 SER A OG  1 
ATOM   870  N  N   . GLU A 1 110 ? 3.361   5.340   3.967   1.00 13.64 ? 109 GLU A N   1 
ATOM   871  C  CA  . GLU A 1 110 ? 3.151   6.010   5.258   1.00 14.76 ? 109 GLU A CA  1 
ATOM   872  C  C   . GLU A 1 110 ? 1.749   5.762   5.824   1.00 13.58 ? 109 GLU A C   1 
ATOM   873  O  O   . GLU A 1 110 ? 1.585   5.573   7.020   1.00 13.56 ? 109 GLU A O   1 
ATOM   874  C  CB  . GLU A 1 110 ? 3.387   7.529   5.151   1.00 18.89 ? 109 GLU A CB  1 
ATOM   875  C  CG  . GLU A 1 110 ? 4.744   7.890   4.572   1.00 23.96 ? 109 GLU A CG  1 
ATOM   876  C  CD  . GLU A 1 110 ? 5.004   9.386   4.543   1.00 31.17 ? 109 GLU A CD  1 
ATOM   877  O  OE1 . GLU A 1 110 ? 4.051   10.184  4.400   1.00 33.98 ? 109 GLU A OE1 1 
ATOM   878  O  OE2 . GLU A 1 110 ? 6.194   9.762   4.651   1.00 36.93 ? 109 GLU A OE2 1 
ATOM   879  N  N   . ALA A 1 111 ? 0.738   5.743   4.956   1.00 12.47 ? 110 ALA A N   1 
ATOM   880  C  CA  . ALA A 1 111 ? -0.629  5.525   5.424   1.00 12.48 ? 110 ALA A CA  1 
ATOM   881  C  C   . ALA A 1 111 ? -0.836  4.125   5.971   1.00 12.02 ? 110 ALA A C   1 
ATOM   882  O  O   . ALA A 1 111 ? -1.531  3.917   6.968   1.00 12.75 ? 110 ALA A O   1 
ATOM   883  C  CB  . ALA A 1 111 ? -1.611  5.786   4.305   1.00 12.70 ? 110 ALA A CB  1 
ATOM   884  N  N   . ILE A 1 112 ? -0.225  3.157   5.305   1.00 11.87 ? 111 ILE A N   1 
ATOM   885  C  CA  . ILE A 1 112 ? -0.270  1.791   5.801   1.00 12.65 ? 111 ILE A CA  1 
ATOM   886  C  C   . ILE A 1 112 ? 0.326   1.685   7.206   1.00 12.72 ? 111 ILE A C   1 
ATOM   887  O  O   . ILE A 1 112 ? -0.291  1.085   8.099   1.00 13.76 ? 111 ILE A O   1 
ATOM   888  C  CB  . ILE A 1 112 ? 0.446   0.827   4.811   1.00 12.66 ? 111 ILE A CB  1 
ATOM   889  C  CG1 . ILE A 1 112 ? -0.336  0.725   3.500   1.00 13.91 ? 111 ILE A CG1 1 
ATOM   890  C  CG2 . ILE A 1 112 ? 0.696   -0.533  5.480   1.00 13.59 ? 111 ILE A CG2 1 
ATOM   891  C  CD1 . ILE A 1 112 ? 0.476   0.086   2.386   1.00 14.37 ? 111 ILE A CD1 1 
ATOM   892  N  N   . ILE A 1 113 ? 1.515   2.256   7.417   1.00 12.39 ? 112 ILE A N   1 
ATOM   893  C  CA  . ILE A 1 113 ? 2.145   2.196   8.726   1.00 14.51 ? 112 ILE A CA  1 
ATOM   894  C  C   . ILE A 1 113 ? 1.264   2.873   9.770   1.00 14.69 ? 112 ILE A C   1 
ATOM   895  O  O   . ILE A 1 113 ? 1.068   2.334   10.848  1.00 15.08 ? 112 ILE A O   1 
ATOM   896  C  CB  . ILE A 1 113 ? 3.570   2.767   8.664   1.00 15.95 ? 112 ILE A CB  1 
ATOM   897  C  CG1 . ILE A 1 113 ? 4.400   1.795   7.821   1.00 18.41 ? 112 ILE A CG1 1 
ATOM   898  C  CG2 . ILE A 1 113 ? 4.155   2.905   10.067  1.00 17.42 ? 112 ILE A CG2 1 
ATOM   899  C  CD1 . ILE A 1 113 ? 5.504   2.445   7.037   1.00 22.17 ? 112 ILE A CD1 1 
ATOM   900  N  N   . HIS A 1 114 ? 0.668   4.012   9.413   1.00 14.37 ? 113 HIS A N   1 
ATOM   901  C  CA  . HIS A 1 114 ? -0.173  4.732   10.358  1.00 17.11 ? 113 HIS A CA  1 
ATOM   902  C  C   . HIS A 1 114 ? -1.383  3.933   10.788  1.00 15.71 ? 113 HIS A C   1 
ATOM   903  O  O   . HIS A 1 114 ? -1.703  3.830   11.981  1.00 15.62 ? 113 HIS A O   1 
ATOM   904  C  CB  . HIS A 1 114 ? -0.605  6.053   9.756   1.00 20.67 ? 113 HIS A CB  1 
ATOM   905  C  CG  . HIS A 1 114 ? -1.403  6.904   10.710  1.00 28.76 ? 113 HIS A CG  1 
ATOM   906  N  ND1 . HIS A 1 114 ? -2.741  6.787   10.842  1.00 30.96 ? 113 HIS A ND1 1 
ATOM   907  C  CD2 . HIS A 1 114 ? -0.996  7.877   11.627  1.00 32.23 ? 113 HIS A CD2 1 
ATOM   908  C  CE1 . HIS A 1 114 ? -3.174  7.655   11.787  1.00 32.50 ? 113 HIS A CE1 1 
ATOM   909  N  NE2 . HIS A 1 114 ? -2.103  8.320   12.262  1.00 33.71 ? 113 HIS A NE2 1 
ATOM   910  N  N   . VAL A 1 115 ? -2.071  3.336   9.825   1.00 15.03 ? 114 VAL A N   1 
ATOM   911  C  CA  . VAL A 1 115 ? -3.253  2.531   10.147  1.00 14.95 ? 114 VAL A CA  1 
ATOM   912  C  C   . VAL A 1 115 ? -2.891  1.264   10.950  1.00 14.61 ? 114 VAL A C   1 
ATOM   913  O  O   . VAL A 1 115 ? -3.610  0.888   11.885  1.00 14.63 ? 114 VAL A O   1 
ATOM   914  C  CB  . VAL A 1 115 ? -4.033  2.179   8.859   1.00 14.59 ? 114 VAL A CB  1 
ATOM   915  C  CG1 . VAL A 1 115 ? -5.130  1.152   9.136   1.00 15.41 ? 114 VAL A CG1 1 
ATOM   916  C  CG2 . VAL A 1 115 ? -4.600  3.464   8.233   1.00 15.42 ? 114 VAL A CG2 1 
ATOM   917  N  N   . LEU A 1 116 ? -1.778  0.615   10.642  1.00 14.54 ? 115 LEU A N   1 
ATOM   918  C  CA  . LEU A 1 116 ? -1.370  -0.562  11.420  1.00 16.32 ? 115 LEU A CA  1 
ATOM   919  C  C   . LEU A 1 116 ? -1.116  -0.180  12.886  1.00 17.30 ? 115 LEU A C   1 
ATOM   920  O  O   . LEU A 1 116 ? -1.482  -0.917  13.800  1.00 17.92 ? 115 LEU A O   1 
ATOM   921  C  CB  . LEU A 1 116 ? -0.103  -1.186  10.847  1.00 16.66 ? 115 LEU A CB  1 
ATOM   922  C  CG  . LEU A 1 116 ? -0.333  -1.936  9.562   1.00 17.85 ? 115 LEU A CG  1 
ATOM   923  C  CD1 . LEU A 1 116 ? 1.000   -2.357  8.936   1.00 19.42 ? 115 LEU A CD1 1 
ATOM   924  C  CD2 . LEU A 1 116 ? -1.183  -3.130  9.873   1.00 19.85 ? 115 LEU A CD2 1 
ATOM   925  N  N   . HIS A 1 117 ? -0.498  0.978   13.083  1.00 18.01 ? 116 HIS A N   1 
ATOM   926  C  CA  . HIS A 1 117 ? -0.275  1.466   14.442  1.00 21.57 ? 116 HIS A CA  1 
ATOM   927  C  C   . HIS A 1 117 ? -1.577  1.783   15.164  1.00 21.59 ? 116 HIS A C   1 
ATOM   928  O  O   . HIS A 1 117 ? -1.732  1.433   16.351  1.00 21.54 ? 116 HIS A O   1 
ATOM   929  C  CB  . HIS A 1 117 ? 0.676   2.653   14.461  1.00 24.01 ? 116 HIS A CB  1 
ATOM   930  C  CG  . HIS A 1 117 ? 0.729   3.314   15.802  1.00 29.15 ? 116 HIS A CG  1 
ATOM   931  N  ND1 . HIS A 1 117 ? 0.240   4.549   16.014  1.00 32.64 ? 116 HIS A ND1 1 
ATOM   932  C  CD2 . HIS A 1 117 ? 1.124   2.820   17.042  1.00 31.31 ? 116 HIS A CD2 1 
ATOM   933  C  CE1 . HIS A 1 117 ? 0.374   4.857   17.321  1.00 32.59 ? 116 HIS A CE1 1 
ATOM   934  N  NE2 . HIS A 1 117 ? 0.907   3.793   17.948  1.00 33.28 ? 116 HIS A NE2 1 
ATOM   935  N  N   . SER A 1 118 ? -2.525  2.422   14.471  1.00 19.79 ? 117 SER A N   1 
ATOM   936  C  CA  . SER A 1 118 ? -3.847  2.771   15.021  1.00 19.30 ? 117 SER A CA  1 
ATOM   937  C  C   . SER A 1 118 ? -4.702  1.576   15.408  1.00 19.85 ? 117 SER A C   1 
ATOM   938  O  O   . SER A 1 118 ? -5.360  1.576   16.439  1.00 21.96 ? 117 SER A O   1 
ATOM   939  C  CB  . SER A 1 118 ? -4.608  3.680   14.043  1.00 20.75 ? 117 SER A CB  1 
ATOM   940  O  OG  A SER A 1 118 ? -3.959  4.931   13.923  0.50 21.40 ? 117 SER A OG  1 
ATOM   941  O  OG  B SER A 1 118 ? -5.818  4.169   14.600  0.50 21.03 ? 117 SER A OG  1 
ATOM   942  N  N   . ARG A 1 119 ? -4.628  0.523   14.613  1.00 18.60 ? 118 ARG A N   1 
ATOM   943  C  CA  . ARG A 1 119 ? -5.438  -0.644  14.844  1.00 18.67 ? 118 ARG A CA  1 
ATOM   944  C  C   . ARG A 1 119 ? -4.788  -1.672  15.743  1.00 18.62 ? 118 ARG A C   1 
ATOM   945  O  O   . ARG A 1 119 ? -5.498  -2.468  16.359  1.00 19.13 ? 118 ARG A O   1 
ATOM   946  C  CB  . ARG A 1 119 ? -5.870  -1.261  13.516  1.00 18.72 ? 118 ARG A CB  1 
ATOM   947  C  CG  . ARG A 1 119 ? -6.841  -0.350  12.775  1.00 21.76 ? 118 ARG A CG  1 
ATOM   948  C  CD  . ARG A 1 119 ? -7.247  -0.949  11.447  1.00 25.13 ? 118 ARG A CD  1 
ATOM   949  N  NE  . ARG A 1 119 ? -8.139  -2.068  11.679  1.00 29.37 ? 118 ARG A NE  1 
ATOM   950  C  CZ  . ARG A 1 119 ? -9.411  -2.140  11.284  1.00 27.62 ? 118 ARG A CZ  1 
ATOM   951  N  NH1 . ARG A 1 119 ? -9.994  -1.174  10.587  1.00 28.15 ? 118 ARG A NH1 1 
ATOM   952  N  NH2 . ARG A 1 119 ? -10.083 -3.215  11.577  1.00 29.25 ? 118 ARG A NH2 1 
ATOM   953  N  N   . HIS A 1 120 ? -3.457  -1.634  15.849  1.00 18.60 ? 119 HIS A N   1 
ATOM   954  C  CA  . HIS A 1 120 ? -2.713  -2.627  16.606  1.00 18.67 ? 119 HIS A CA  1 
ATOM   955  C  C   . HIS A 1 120 ? -1.664  -1.979  17.491  1.00 21.29 ? 119 HIS A C   1 
ATOM   956  O  O   . HIS A 1 120 ? -0.492  -2.332  17.390  1.00 25.44 ? 119 HIS A O   1 
ATOM   957  C  CB  . HIS A 1 120 ? -2.108  -3.676  15.666  1.00 16.91 ? 119 HIS A CB  1 
ATOM   958  C  CG  . HIS A 1 120 ? -3.092  -4.212  14.649  1.00 16.33 ? 119 HIS A CG  1 
ATOM   959  N  ND1 . HIS A 1 120 ? -3.933  -5.211  14.926  1.00 15.38 ? 119 HIS A ND1 1 
ATOM   960  C  CD2 . HIS A 1 120 ? -3.368  -3.821  13.348  1.00 15.89 ? 119 HIS A CD2 1 
ATOM   961  C  CE1 . HIS A 1 120 ? -4.739  -5.449  13.882  1.00 16.23 ? 119 HIS A CE1 1 
ATOM   962  N  NE2 . HIS A 1 120 ? -4.368  -4.608  12.894  1.00 14.74 ? 119 HIS A NE2 1 
ATOM   963  N  N   . PRO A 1 121 ? -2.087  -1.062  18.394  1.00 24.73 ? 120 PRO A N   1 
ATOM   964  C  CA  . PRO A 1 121 ? -1.126  -0.332  19.248  1.00 27.39 ? 120 PRO A CA  1 
ATOM   965  C  C   . PRO A 1 121 ? -0.250  -1.233  20.134  1.00 32.56 ? 120 PRO A C   1 
ATOM   966  O  O   . PRO A 1 121 ? 0.931   -0.922  20.339  1.00 37.11 ? 120 PRO A O   1 
ATOM   967  C  CB  . PRO A 1 121 ? -2.017  0.565   20.108  1.00 28.19 ? 120 PRO A CB  1 
ATOM   968  C  CG  . PRO A 1 121 ? -3.378  -0.055  20.067  1.00 27.41 ? 120 PRO A CG  1 
ATOM   969  C  CD  . PRO A 1 121 ? -3.476  -0.658  18.692  1.00 25.11 ? 120 PRO A CD  1 
ATOM   970  N  N   . GLY A 1 122 ? -0.812  -2.337  20.630  1.00 34.50 ? 121 GLY A N   1 
ATOM   971  C  CA  . GLY A 1 122 ? -0.061  -3.326  21.406  1.00 37.29 ? 121 GLY A CA  1 
ATOM   972  C  C   . GLY A 1 122 ? 0.891   -4.189  20.598  1.00 39.55 ? 121 GLY A C   1 
ATOM   973  O  O   . GLY A 1 122 ? 1.988   -4.477  21.056  1.00 41.97 ? 121 GLY A O   1 
ATOM   974  N  N   . ASP A 1 123 ? 0.481   -4.580  19.389  1.00 40.35 ? 122 ASP A N   1 
ATOM   975  C  CA  . ASP A 1 123 ? 1.201   -5.559  18.557  1.00 41.98 ? 122 ASP A CA  1 
ATOM   976  C  C   . ASP A 1 123 ? 2.260   -4.982  17.651  1.00 39.90 ? 122 ASP A C   1 
ATOM   977  O  O   . ASP A 1 123 ? 3.188   -5.671  17.210  1.00 44.33 ? 122 ASP A O   1 
ATOM   978  C  CB  . ASP A 1 123 ? 0.222   -6.277  17.638  1.00 49.28 ? 122 ASP A CB  1 
ATOM   979  C  CG  . ASP A 1 123 ? -0.367  -7.508  18.265  1.00 54.37 ? 122 ASP A CG  1 
ATOM   980  O  OD1 . ASP A 1 123 ? 0.415   -8.387  18.706  1.00 57.09 ? 122 ASP A OD1 1 
ATOM   981  O  OD2 . ASP A 1 123 ? -1.616  -7.601  18.281  1.00 59.58 ? 122 ASP A OD2 1 
ATOM   982  N  N   . PHE A 1 124 ? 2.111   -3.714  17.336  1.00 31.32 ? 123 PHE A N   1 
ATOM   983  C  CA  . PHE A 1 124 ? 2.885   -3.184  16.267  1.00 27.11 ? 123 PHE A CA  1 
ATOM   984  C  C   . PHE A 1 124 ? 3.895   -2.204  16.853  1.00 24.93 ? 123 PHE A C   1 
ATOM   985  O  O   . PHE A 1 124 ? 3.765   -0.999  16.686  1.00 25.95 ? 123 PHE A O   1 
ATOM   986  C  CB  . PHE A 1 124 ? 1.929   -2.567  15.245  1.00 23.83 ? 123 PHE A CB  1 
ATOM   987  C  CG  . PHE A 1 124 ? 2.585   -2.140  13.968  1.00 21.60 ? 123 PHE A CG  1 
ATOM   988  C  CD1 . PHE A 1 124 ? 3.210   -3.062  13.137  1.00 21.86 ? 123 PHE A CD1 1 
ATOM   989  C  CD2 . PHE A 1 124 ? 2.570   -0.814  13.594  1.00 22.18 ? 123 PHE A CD2 1 
ATOM   990  C  CE1 . PHE A 1 124 ? 3.822   -2.651  11.959  1.00 21.61 ? 123 PHE A CE1 1 
ATOM   991  C  CE2 . PHE A 1 124 ? 3.195   -0.397  12.429  1.00 22.35 ? 123 PHE A CE2 1 
ATOM   992  C  CZ  . PHE A 1 124 ? 3.807   -1.323  11.593  1.00 21.31 ? 123 PHE A CZ  1 
ATOM   993  N  N   . GLY A 1 125 ? 4.903   -2.751  17.533  1.00 25.72 ? 124 GLY A N   1 
ATOM   994  C  CA  . GLY A 1 125 ? 5.949   -1.942  18.191  1.00 26.89 ? 124 GLY A CA  1 
ATOM   995  C  C   . GLY A 1 125 ? 6.998   -1.452  17.208  1.00 28.29 ? 124 GLY A C   1 
ATOM   996  O  O   . GLY A 1 125 ? 6.902   -1.721  16.013  1.00 26.20 ? 124 GLY A O   1 
ATOM   997  N  N   . ALA A 1 126 ? 8.013   -0.732  17.695  1.00 28.35 ? 125 ALA A N   1 
ATOM   998  C  CA  . ALA A 1 126 ? 8.938   -0.045  16.785  1.00 28.52 ? 125 ALA A CA  1 
ATOM   999  C  C   . ALA A 1 126 ? 9.760   -0.995  15.900  1.00 26.66 ? 125 ALA A C   1 
ATOM   1000 O  O   . ALA A 1 126 ? 10.135  -0.628  14.782  1.00 27.84 ? 125 ALA A O   1 
ATOM   1001 C  CB  . ALA A 1 126 ? 9.851   0.903   17.553  1.00 29.17 ? 125 ALA A CB  1 
ATOM   1002 N  N   . ASP A 1 127 ? 10.034  -2.202  16.401  1.00 27.83 ? 126 ASP A N   1 
ATOM   1003 C  CA  . ASP A 1 127 ? 10.782  -3.204  15.641  1.00 28.61 ? 126 ASP A CA  1 
ATOM   1004 C  C   . ASP A 1 127 ? 9.983   -3.667  14.419  1.00 26.69 ? 126 ASP A C   1 
ATOM   1005 O  O   . ASP A 1 127 ? 10.505  -3.676  13.290  1.00 26.04 ? 126 ASP A O   1 
ATOM   1006 C  CB  . ASP A 1 127 ? 11.212  -4.386  16.521  1.00 32.32 ? 126 ASP A CB  1 
ATOM   1007 C  CG  . ASP A 1 127 ? 10.049  -5.065  17.204  1.00 35.71 ? 126 ASP A CG  1 
ATOM   1008 O  OD1 . ASP A 1 127 ? 9.014   -4.398  17.471  1.00 38.69 ? 126 ASP A OD1 1 
ATOM   1009 O  OD2 . ASP A 1 127 ? 10.173  -6.281  17.475  1.00 42.19 ? 126 ASP A OD2 1 
ATOM   1010 N  N   . ALA A 1 128 ? 8.712   -4.005  14.644  1.00 25.40 ? 127 ALA A N   1 
ATOM   1011 C  CA  . ALA A 1 128 ? 7.784   -4.342  13.539  1.00 23.19 ? 127 ALA A CA  1 
ATOM   1012 C  C   . ALA A 1 128 ? 7.570   -3.195  12.556  1.00 21.75 ? 127 ALA A C   1 
ATOM   1013 O  O   . ALA A 1 128 ? 7.478   -3.427  11.347  1.00 22.08 ? 127 ALA A O   1 
ATOM   1014 C  CB  . ALA A 1 128 ? 6.452   -4.826  14.093  1.00 22.93 ? 127 ALA A CB  1 
ATOM   1015 N  N   . GLN A 1 129 ? 7.431   -1.984  13.084  1.00 20.91 ? 128 GLN A N   1 
ATOM   1016 C  CA  . GLN A 1 129 ? 7.340   -0.774  12.279  1.00 21.48 ? 128 GLN A CA  1 
ATOM   1017 C  C   . GLN A 1 129 ? 8.563   -0.576  11.391  1.00 20.88 ? 128 GLN A C   1 
ATOM   1018 O  O   . GLN A 1 129 ? 8.430   -0.267  10.195  1.00 20.60 ? 128 GLN A O   1 
ATOM   1019 C  CB  . GLN A 1 129 ? 7.111   0.447   13.184  1.00 25.32 ? 128 GLN A CB  1 
ATOM   1020 C  CG  . GLN A 1 129 ? 6.917   1.763   12.449  1.00 31.03 ? 128 GLN A CG  1 
ATOM   1021 C  CD  . GLN A 1 129 ? 6.666   2.933   13.392  1.00 33.75 ? 128 GLN A CD  1 
ATOM   1022 O  OE1 . GLN A 1 129 ? 6.325   2.739   14.566  1.00 37.53 ? 128 GLN A OE1 1 
ATOM   1023 N  NE2 . GLN A 1 129 ? 6.840   4.160   12.883  1.00 36.64 ? 128 GLN A NE2 1 
ATOM   1024 N  N   . GLY A 1 130 ? 9.757   -0.754  11.962  1.00 20.18 ? 129 GLY A N   1 
ATOM   1025 C  CA  . GLY A 1 130 ? 10.972  -0.683  11.150  1.00 20.18 ? 129 GLY A CA  1 
ATOM   1026 C  C   . GLY A 1 130 ? 11.017  -1.744  10.059  1.00 18.47 ? 129 GLY A C   1 
ATOM   1027 O  O   . GLY A 1 130 ? 11.397  -1.460  8.915   1.00 18.04 ? 129 GLY A O   1 
ATOM   1028 N  N   . ALA A 1 131 ? 10.611  -2.970  10.407  1.00 17.81 ? 130 ALA A N   1 
ATOM   1029 C  CA  . ALA A 1 131 ? 10.606  -4.071  9.456   1.00 16.90 ? 130 ALA A CA  1 
ATOM   1030 C  C   . ALA A 1 131 ? 9.575   -3.833  8.335   1.00 16.23 ? 130 ALA A C   1 
ATOM   1031 O  O   . ALA A 1 131 ? 9.842   -4.083  7.173   1.00 15.90 ? 130 ALA A O   1 
ATOM   1032 C  CB  . ALA A 1 131 ? 10.301  -5.376  10.174  1.00 17.59 ? 130 ALA A CB  1 
ATOM   1033 N  N   . MET A 1 132 ? 8.392   -3.342  8.695   1.00 16.39 ? 131 MET A N   1 
ATOM   1034 C  CA  . MET A 1 132 ? 7.388   -3.027  7.687   1.00 18.11 ? 131 MET A CA  1 
ATOM   1035 C  C   . MET A 1 132 ? 7.865   -1.896  6.781   1.00 16.91 ? 131 MET A C   1 
ATOM   1036 O  O   . MET A 1 132 ? 7.678   -1.953  5.554   1.00 17.29 ? 131 MET A O   1 
ATOM   1037 C  CB  . MET A 1 132 ? 6.046   -2.673  8.323   1.00 18.08 ? 131 MET A CB  1 
ATOM   1038 C  CG  . MET A 1 132 ? 4.929   -2.499  7.304   1.00 18.06 ? 131 MET A CG  1 
ATOM   1039 S  SD  . MET A 1 132 ? 4.499   -4.027  6.410   1.00 24.15 ? 131 MET A SD  1 
ATOM   1040 C  CE  . MET A 1 132 ? 3.703   -4.938  7.700   1.00 23.84 ? 131 MET A CE  1 
ATOM   1041 N  N   . ASN A 1 133 ? 8.503   -0.890  7.367   1.00 17.82 ? 132 ASN A N   1 
ATOM   1042 C  CA  . ASN A 1 133 ? 9.042   0.175   6.536   1.00 19.28 ? 132 ASN A CA  1 
ATOM   1043 C  C   . ASN A 1 133 ? 10.030  -0.385  5.526   1.00 17.64 ? 132 ASN A C   1 
ATOM   1044 O  O   . ASN A 1 133 ? 9.987   -0.008  4.349   1.00 18.29 ? 132 ASN A O   1 
ATOM   1045 C  CB  . ASN A 1 133 ? 9.691   1.275   7.376   1.00 21.39 ? 132 ASN A CB  1 
ATOM   1046 C  CG  . ASN A 1 133 ? 10.017  2.524   6.546   1.00 28.32 ? 132 ASN A CG  1 
ATOM   1047 O  OD1 . ASN A 1 133 ? 9.171   3.036   5.804   1.00 31.26 ? 132 ASN A OD1 1 
ATOM   1048 N  ND2 . ASN A 1 133 ? 11.264  2.988   6.641   1.00 30.61 ? 132 ASN A ND2 1 
ATOM   1049 N  N   . LYS A 1 134 ? 10.894  -1.312  5.962   1.00 16.98 ? 133 LYS A N   1 
ATOM   1050 C  CA  . LYS A 1 134 ? 11.878  -1.897  5.028   1.00 17.37 ? 133 LYS A CA  1 
ATOM   1051 C  C   . LYS A 1 134 ? 11.240  -2.683  3.908   1.00 16.17 ? 133 LYS A C   1 
ATOM   1052 O  O   . LYS A 1 134 ? 11.720  -2.656  2.771   1.00 16.07 ? 133 LYS A O   1 
ATOM   1053 C  CB  . LYS A 1 134 ? 12.874  -2.814  5.752   1.00 20.65 ? 133 LYS A CB  1 
ATOM   1054 C  CG  . LYS A 1 134 ? 13.847  -2.085  6.660   1.00 23.30 ? 133 LYS A CG  1 
ATOM   1055 C  CD  . LYS A 1 134 ? 14.981  -3.022  7.088   1.00 26.52 ? 133 LYS A CD  1 
ATOM   1056 C  CE  . LYS A 1 134 ? 15.811  -2.389  8.195   1.00 30.71 ? 133 LYS A CE  1 
ATOM   1057 N  NZ  . LYS A 1 134 ? 16.935  -3.276  8.623   1.00 32.83 ? 133 LYS A NZ  1 
ATOM   1058 N  N   . ALA A 1 135 ? 10.187  -3.440  4.234   1.00 14.86 ? 134 ALA A N   1 
ATOM   1059 C  CA  . ALA A 1 135 ? 9.485   -4.227  3.225   1.00 15.20 ? 134 ALA A CA  1 
ATOM   1060 C  C   . ALA A 1 135 ? 8.825   -3.345  2.161   1.00 13.95 ? 134 ALA A C   1 
ATOM   1061 O  O   . ALA A 1 135 ? 8.914   -3.623  0.963   1.00 14.59 ? 134 ALA A O   1 
ATOM   1062 C  CB  . ALA A 1 135 ? 8.427   -5.107  3.886   1.00 14.96 ? 134 ALA A CB  1 
ATOM   1063 N  N   . LEU A 1 136 ? 8.181   -2.261  2.612   1.00 13.91 ? 135 LEU A N   1 
ATOM   1064 C  CA  . LEU A 1 136 ? 7.567   -1.305  1.670   1.00 14.76 ? 135 LEU A CA  1 
ATOM   1065 C  C   . LEU A 1 136 ? 8.607   -0.539  0.832   1.00 14.79 ? 135 LEU A C   1 
ATOM   1066 O  O   . LEU A 1 136 ? 8.344   -0.213  -0.305  1.00 16.40 ? 135 LEU A O   1 
ATOM   1067 C  CB  . LEU A 1 136 ? 6.623   -0.347  2.415   1.00 15.25 ? 135 LEU A CB  1 
ATOM   1068 C  CG  . LEU A 1 136 ? 5.479   -1.107  3.100   1.00 14.33 ? 135 LEU A CG  1 
ATOM   1069 C  CD1 . LEU A 1 136 ? 4.620   -0.191  3.951   1.00 14.76 ? 135 LEU A CD1 1 
ATOM   1070 C  CD2 . LEU A 1 136 ? 4.629   -1.780  2.034   1.00 17.21 ? 135 LEU A CD2 1 
ATOM   1071 N  N   . GLU A 1 137 ? 9.766   -0.272  1.422   1.00 15.02 ? 136 GLU A N   1 
ATOM   1072 C  CA  . GLU A 1 137 ? 10.892  0.325   0.683   1.00 16.28 ? 136 GLU A CA  1 
ATOM   1073 C  C   . GLU A 1 137 ? 11.353  -0.606  -0.424  1.00 16.41 ? 136 GLU A C   1 
ATOM   1074 O  O   . GLU A 1 137 ? 11.584  -0.171  -1.562  1.00 16.92 ? 136 GLU A O   1 
ATOM   1075 C  CB  . GLU A 1 137 ? 12.044  0.682   1.620   1.00 18.48 ? 136 GLU A CB  1 
ATOM   1076 C  CG  . GLU A 1 137 ? 11.835  1.996   2.362   1.00 21.91 ? 136 GLU A CG  1 
ATOM   1077 C  CD  . GLU A 1 137 ? 12.802  2.199   3.531   1.00 26.82 ? 136 GLU A CD  1 
ATOM   1078 O  OE1 . GLU A 1 137 ? 13.609  1.295   3.860   1.00 29.13 ? 136 GLU A OE1 1 
ATOM   1079 O  OE2 . GLU A 1 137 ? 12.741  3.274   4.156   1.00 30.26 ? 136 GLU A OE2 1 
ATOM   1080 N  N   . LEU A 1 138 ? 11.480  -1.896  -0.126  1.00 16.23 ? 137 LEU A N   1 
ATOM   1081 C  CA  . LEU A 1 138 ? 11.904  -2.860  -1.118  1.00 18.11 ? 137 LEU A CA  1 
ATOM   1082 C  C   . LEU A 1 138 ? 10.895  -2.908  -2.261  1.00 17.81 ? 137 LEU A C   1 
ATOM   1083 O  O   . LEU A 1 138 ? 11.266  -2.955  -3.416  1.00 17.45 ? 137 LEU A O   1 
ATOM   1084 C  CB  . LEU A 1 138 ? 12.050  -4.250  -0.469  1.00 19.20 ? 137 LEU A CB  1 
ATOM   1085 C  CG  . LEU A 1 138 ? 12.408  -5.382  -1.448  1.00 21.74 ? 137 LEU A CG  1 
ATOM   1086 C  CD1 . LEU A 1 138 ? 13.818  -5.211  -1.994  1.00 23.28 ? 137 LEU A CD1 1 
ATOM   1087 C  CD2 . LEU A 1 138 ? 12.240  -6.736  -0.782  1.00 22.10 ? 137 LEU A CD2 1 
ATOM   1088 N  N   . PHE A 1 139 ? 9.604   -2.910  -1.922  1.00 17.11 ? 138 PHE A N   1 
ATOM   1089 C  CA  . PHE A 1 139 ? 8.510   -2.868  -2.916  1.00 19.40 ? 138 PHE A CA  1 
ATOM   1090 C  C   . PHE A 1 139 ? 8.708   -1.646  -3.844  1.00 17.08 ? 138 PHE A C   1 
ATOM   1091 O  O   . PHE A 1 139 ? 8.690   -1.777  -5.068  1.00 16.63 ? 138 PHE A O   1 
ATOM   1092 C  CB  . PHE A 1 139 ? 7.197   -2.813  -2.125  1.00 21.38 ? 138 PHE A CB  1 
ATOM   1093 C  CG  . PHE A 1 139 ? 5.934   -2.682  -2.944  1.00 25.97 ? 138 PHE A CG  1 
ATOM   1094 C  CD1 . PHE A 1 139 ? 5.398   -3.772  -3.614  1.00 27.36 ? 138 PHE A CD1 1 
ATOM   1095 C  CD2 . PHE A 1 139 ? 5.211   -1.488  -2.948  1.00 29.82 ? 138 PHE A CD2 1 
ATOM   1096 C  CE1 . PHE A 1 139 ? 4.189   -3.674  -4.305  1.00 31.12 ? 138 PHE A CE1 1 
ATOM   1097 C  CE2 . PHE A 1 139 ? 4.000   -1.381  -3.656  1.00 30.48 ? 138 PHE A CE2 1 
ATOM   1098 C  CZ  . PHE A 1 139 ? 3.498   -2.485  -4.329  1.00 30.73 ? 138 PHE A CZ  1 
ATOM   1099 N  N   . ARG A 1 140 ? 8.920   -0.476  -3.254  1.00 16.35 ? 139 ARG A N   1 
ATOM   1100 C  CA  . ARG A 1 140 ? 9.095   0.771   -4.029  1.00 17.42 ? 139 ARG A CA  1 
ATOM   1101 C  C   . ARG A 1 140 ? 10.340  0.712   -4.904  1.00 17.39 ? 139 ARG A C   1 
ATOM   1102 O  O   . ARG A 1 140 ? 10.307  1.165   -6.051  1.00 17.49 ? 139 ARG A O   1 
ATOM   1103 C  CB  . ARG A 1 140 ? 9.253   1.976   -3.112  1.00 17.87 ? 139 ARG A CB  1 
ATOM   1104 C  CG  . ARG A 1 140 ? 8.023   2.382   -2.359  1.00 19.80 ? 139 ARG A CG  1 
ATOM   1105 C  CD  . ARG A 1 140 ? 8.031   3.900   -2.208  1.00 19.51 ? 139 ARG A CD  1 
ATOM   1106 N  NE  . ARG A 1 140 ? 9.015   4.390   -1.233  1.00 19.73 ? 139 ARG A NE  1 
ATOM   1107 C  CZ  . ARG A 1 140 ? 8.952   4.166   0.070   1.00 19.00 ? 139 ARG A CZ  1 
ATOM   1108 N  NH1 . ARG A 1 140 ? 7.987   3.391   0.589   1.00 20.93 ? 139 ARG A NH1 1 
ATOM   1109 N  NH2 . ARG A 1 140 ? 9.865   4.664   0.875   1.00 19.09 ? 139 ARG A NH2 1 
ATOM   1110 N  N   . LYS A 1 141 ? 11.439  0.189   -4.351  1.00 18.11 ? 140 LYS A N   1 
ATOM   1111 C  CA  . LYS A 1 141 ? 12.719  0.118   -5.090  1.00 18.74 ? 140 LYS A CA  1 
ATOM   1112 C  C   . LYS A 1 141 ? 12.538  -0.696  -6.372  1.00 19.26 ? 140 LYS A C   1 
ATOM   1113 O  O   . LYS A 1 141 ? 12.961  -0.275  -7.468  1.00 18.03 ? 140 LYS A O   1 
ATOM   1114 C  CB  . LYS A 1 141 ? 13.821  -0.467  -4.182  1.00 21.77 ? 140 LYS A CB  1 
ATOM   1115 C  CG  . LYS A 1 141 ? 15.084  -0.959  -4.876  1.00 25.33 ? 140 LYS A CG  1 
ATOM   1116 C  CD  . LYS A 1 141 ? 16.078  -1.464  -3.835  1.00 29.15 ? 140 LYS A CD  1 
ATOM   1117 C  CE  . LYS A 1 141 ? 17.196  -2.260  -4.496  1.00 33.05 ? 140 LYS A CE  1 
ATOM   1118 N  NZ  . LYS A 1 141 ? 18.033  -1.415  -5.399  1.00 36.34 ? 140 LYS A NZ  1 
ATOM   1119 N  N   . ASP A 1 142 ? 11.867  -1.841  -6.259  1.00 18.11 ? 141 ASP A N   1 
ATOM   1120 C  CA  . ASP A 1 142 ? 11.666  -2.708  -7.415  1.00 18.94 ? 141 ASP A CA  1 
ATOM   1121 C  C   . ASP A 1 142 ? 10.680  -2.147  -8.442  1.00 18.92 ? 141 ASP A C   1 
ATOM   1122 O  O   . ASP A 1 142 ? 10.871  -2.349  -9.654  1.00 20.42 ? 141 ASP A O   1 
ATOM   1123 C  CB  . ASP A 1 142 ? 11.234  -4.111  -6.974  1.00 20.25 ? 141 ASP A CB  1 
ATOM   1124 C  CG  . ASP A 1 142 ? 12.384  -4.956  -6.441  1.00 23.89 ? 141 ASP A CG  1 
ATOM   1125 O  OD1 . ASP A 1 142 ? 13.542  -4.488  -6.391  1.00 24.44 ? 141 ASP A OD1 1 
ATOM   1126 O  OD2 . ASP A 1 142 ? 12.102  -6.098  -6.003  1.00 24.59 ? 141 ASP A OD2 1 
ATOM   1127 N  N   . ILE A 1 143 ? 9.632   -1.449  -7.983  1.00 19.02 ? 142 ILE A N   1 
ATOM   1128 C  CA  . ILE A 1 143 ? 8.705   -0.753  -8.885  1.00 18.24 ? 142 ILE A CA  1 
ATOM   1129 C  C   . ILE A 1 143 ? 9.431   0.365   -9.622  1.00 17.21 ? 142 ILE A C   1 
ATOM   1130 O  O   . ILE A 1 143 ? 9.256   0.518   -10.827 1.00 16.27 ? 142 ILE A O   1 
ATOM   1131 C  CB  . ILE A 1 143 ? 7.473   -0.202  -8.114  1.00 19.74 ? 142 ILE A CB  1 
ATOM   1132 C  CG1 . ILE A 1 143 ? 6.614   -1.380  -7.662  1.00 20.24 ? 142 ILE A CG1 1 
ATOM   1133 C  CG2 . ILE A 1 143 ? 6.622   0.723   -8.990  1.00 20.22 ? 142 ILE A CG2 1 
ATOM   1134 C  CD1 . ILE A 1 143 ? 5.686   -1.019  -6.512  1.00 21.44 ? 142 ILE A CD1 1 
ATOM   1135 N  N   . ALA A 1 144 ? 10.263  1.100   -8.884  1.00 15.98 ? 143 ALA A N   1 
ATOM   1136 C  CA  . ALA A 1 144 ? 11.002  2.249   -9.445  1.00 16.44 ? 143 ALA A CA  1 
ATOM   1137 C  C   . ALA A 1 144 ? 11.927  1.752   -10.554 1.00 17.59 ? 143 ALA A C   1 
ATOM   1138 O  O   . ALA A 1 144 ? 12.074  2.437   -11.586 1.00 17.51 ? 143 ALA A O   1 
ATOM   1139 C  CB  . ALA A 1 144 ? 11.784  2.991   -8.360  1.00 17.07 ? 143 ALA A CB  1 
ATOM   1140 N  N   . ALA A 1 145 ? 12.525  0.574   -10.370 1.00 17.49 ? 144 ALA A N   1 
ATOM   1141 C  CA  . ALA A 1 145 ? 13.408  0.014   -11.397 1.00 17.44 ? 144 ALA A CA  1 
ATOM   1142 C  C   . ALA A 1 145 ? 12.657  -0.267  -12.676 1.00 18.22 ? 144 ALA A C   1 
ATOM   1143 O  O   . ALA A 1 145 ? 13.170  -0.029  -13.784 1.00 19.08 ? 144 ALA A O   1 
ATOM   1144 C  CB  . ALA A 1 145 ? 14.086  -1.252  -10.899 1.00 17.86 ? 144 ALA A CB  1 
ATOM   1145 N  N   . LYS A 1 146 ? 11.436  -0.759  -12.534 1.00 17.17 ? 145 LYS A N   1 
ATOM   1146 C  CA  . LYS A 1 146 ? 10.608  -1.087  -13.688 1.00 18.73 ? 145 LYS A CA  1 
ATOM   1147 C  C   . LYS A 1 146 ? 10.152  0.211   -14.382 1.00 18.62 ? 145 LYS A C   1 
ATOM   1148 O  O   . LYS A 1 146 ? 10.087  0.283   -15.615 1.00 20.23 ? 145 LYS A O   1 
ATOM   1149 C  CB  . LYS A 1 146 ? 9.417   -1.982  -13.296 1.00 19.05 ? 145 LYS A CB  1 
ATOM   1150 C  CG  A LYS A 1 146 ? 9.783   -3.376  -12.784 0.50 19.34 ? 145 LYS A CG  1 
ATOM   1151 C  CG  B LYS A 1 146 ? 8.470   -2.380  -14.439 0.50 20.34 ? 145 LYS A CG  1 
ATOM   1152 C  CD  A LYS A 1 146 ? 10.641  -4.193  -13.755 0.50 20.92 ? 145 LYS A CD  1 
ATOM   1153 C  CD  B LYS A 1 146 ? 9.145   -2.774  -15.754 0.50 21.56 ? 145 LYS A CD  1 
ATOM   1154 C  CE  A LYS A 1 146 ? 9.966   -4.414  -15.109 0.50 21.55 ? 145 LYS A CE  1 
ATOM   1155 C  CE  B LYS A 1 146 ? 9.504   -4.248  -15.804 0.50 22.69 ? 145 LYS A CE  1 
ATOM   1156 N  NZ  A LYS A 1 146 ? 10.647  -5.425  -15.979 0.50 21.56 ? 145 LYS A NZ  1 
ATOM   1157 N  NZ  B LYS A 1 146 ? 9.995   -4.699  -17.134 0.50 24.04 ? 145 LYS A NZ  1 
ATOM   1158 N  N   . TYR A 1 147 ? 9.838   1.229   -13.589 1.00 18.10 ? 146 TYR A N   1 
ATOM   1159 C  CA  . TYR A 1 147 ? 9.457   2.526   -14.132 1.00 18.57 ? 146 TYR A CA  1 
ATOM   1160 C  C   . TYR A 1 147 ? 10.604  3.074   -14.978 1.00 20.06 ? 146 TYR A C   1 
ATOM   1161 O  O   . TYR A 1 147 ? 10.376  3.548   -16.087 1.00 20.80 ? 146 TYR A O   1 
ATOM   1162 C  CB  . TYR A 1 147 ? 9.169   3.510   -13.013 1.00 19.45 ? 146 TYR A CB  1 
ATOM   1163 C  CG  . TYR A 1 147 ? 7.744   3.565   -12.493 1.00 19.71 ? 146 TYR A CG  1 
ATOM   1164 C  CD1 . TYR A 1 147 ? 6.971   2.422   -12.324 1.00 19.44 ? 146 TYR A CD1 1 
ATOM   1165 C  CD2 . TYR A 1 147 ? 7.190   4.777   -12.133 1.00 20.75 ? 146 TYR A CD2 1 
ATOM   1166 C  CE1 . TYR A 1 147 ? 5.682   2.497   -11.825 1.00 18.91 ? 146 TYR A CE1 1 
ATOM   1167 C  CE2 . TYR A 1 147 ? 5.898   4.860   -11.594 1.00 21.74 ? 146 TYR A CE2 1 
ATOM   1168 C  CZ  . TYR A 1 147 ? 5.149   3.713   -11.458 1.00 20.18 ? 146 TYR A CZ  1 
ATOM   1169 O  OH  . TYR A 1 147 ? 3.850   3.806   -10.956 1.00 21.50 ? 146 TYR A OH  1 
ATOM   1170 N  N   . LYS A 1 148 ? 11.822  2.973   -14.447 1.00 20.17 ? 147 LYS A N   1 
ATOM   1171 C  CA  . LYS A 1 148 ? 13.017  3.494   -15.150 1.00 21.20 ? 147 LYS A CA  1 
ATOM   1172 C  C   . LYS A 1 148 ? 13.228  2.735   -16.469 1.00 21.99 ? 147 LYS A C   1 
ATOM   1173 O  O   . LYS A 1 148 ? 13.486  3.362   -17.523 1.00 23.87 ? 147 LYS A O   1 
ATOM   1174 C  CB  . LYS A 1 148 ? 14.261  3.447   -14.257 1.00 24.11 ? 147 LYS A CB  1 
ATOM   1175 C  CG  . LYS A 1 148 ? 15.494  4.195   -14.796 1.00 27.59 ? 147 LYS A CG  1 
ATOM   1176 C  CD  . LYS A 1 148 ? 15.294  5.713   -14.778 1.00 29.60 ? 147 LYS A CD  1 
ATOM   1177 C  CE  . LYS A 1 148 ? 16.571  6.495   -15.106 1.00 33.06 ? 147 LYS A CE  1 
ATOM   1178 N  NZ  . LYS A 1 148 ? 16.798  6.782   -16.559 1.00 36.26 ? 147 LYS A NZ  1 
ATOM   1179 N  N   . GLU A 1 149 ? 13.084  1.414   -16.427 1.00 21.98 ? 148 GLU A N   1 
ATOM   1180 C  CA  . GLU A 1 149 ? 13.153  0.582   -17.625 1.00 23.06 ? 148 GLU A CA  1 
ATOM   1181 C  C   . GLU A 1 149 ? 12.207  1.115   -18.714 1.00 24.12 ? 148 GLU A C   1 
ATOM   1182 O  O   . GLU A 1 149 ? 12.635  1.347   -19.850 1.00 24.30 ? 148 GLU A O   1 
ATOM   1183 C  CB  . GLU A 1 149 ? 12.825  -0.878  -17.263 1.00 24.55 ? 148 GLU A CB  1 
ATOM   1184 C  CG  . GLU A 1 149 ? 12.893  -1.846  -18.418 1.00 28.27 ? 148 GLU A CG  1 
ATOM   1185 C  CD  . GLU A 1 149 ? 12.529  -3.268  -18.019 1.00 31.52 ? 148 GLU A CD  1 
ATOM   1186 O  OE1 . GLU A 1 149 ? 12.743  -3.643  -16.840 1.00 30.76 ? 148 GLU A OE1 1 
ATOM   1187 O  OE2 . GLU A 1 149 ? 12.019  -4.011  -18.890 1.00 34.93 ? 148 GLU A OE2 1 
ATOM   1188 N  N   . LEU A 1 150 ? 10.936  1.340   -18.343 1.00 22.67 ? 149 LEU A N   1 
ATOM   1189 C  CA  . LEU A 1 150 ? 9.870   1.758   -19.266 1.00 24.49 ? 149 LEU A CA  1 
ATOM   1190 C  C   . LEU A 1 150 ? 9.887   3.258   -19.572 1.00 24.44 ? 149 LEU A C   1 
ATOM   1191 O  O   . LEU A 1 150 ? 9.098   3.729   -20.387 1.00 29.26 ? 149 LEU A O   1 
ATOM   1192 C  CB  . LEU A 1 150 ? 8.506   1.354   -18.701 1.00 24.28 ? 149 LEU A CB  1 
ATOM   1193 C  CG  . LEU A 1 150 ? 8.230   -0.155  -18.629 1.00 26.01 ? 149 LEU A CG  1 
ATOM   1194 C  CD1 . LEU A 1 150 ? 6.875   -0.420  -17.982 1.00 27.50 ? 149 LEU A CD1 1 
ATOM   1195 C  CD2 . LEU A 1 150 ? 8.311   -0.822  -20.011 1.00 25.86 ? 149 LEU A CD2 1 
ATOM   1196 N  N   . GLY A 1 151 ? 10.765  4.000   -18.909 1.00 23.41 ? 150 GLY A N   1 
ATOM   1197 C  CA  . GLY A 1 151 ? 11.013  5.409   -19.244 1.00 23.88 ? 150 GLY A CA  1 
ATOM   1198 C  C   . GLY A 1 151 ? 10.049  6.349   -18.560 1.00 25.71 ? 150 GLY A C   1 
ATOM   1199 O  O   . GLY A 1 151 ? 9.728   7.422   -19.075 1.00 26.00 ? 150 GLY A O   1 
ATOM   1200 N  N   . TYR A 1 152 ? 9.577   5.946   -17.382 1.00 25.15 ? 151 TYR A N   1 
ATOM   1201 C  CA  . TYR A 1 152 ? 8.662   6.796   -16.601 1.00 29.17 ? 151 TYR A CA  1 
ATOM   1202 C  C   . TYR A 1 152 ? 9.368   7.432   -15.395 1.00 34.66 ? 151 TYR A C   1 
ATOM   1203 O  O   . TYR A 1 152 ? 9.251   8.642   -15.176 1.00 42.78 ? 151 TYR A O   1 
ATOM   1204 C  CB  . TYR A 1 152 ? 7.384   6.011   -16.197 1.00 26.37 ? 151 TYR A CB  1 
ATOM   1205 C  CG  A TYR A 1 152 ? 6.513   5.646   -17.377 0.50 23.22 ? 151 TYR A CG  1 
ATOM   1206 C  CG  B TYR A 1 152 ? 6.325   6.843   -15.464 0.50 29.54 ? 151 TYR A CG  1 
ATOM   1207 C  CD1 A TYR A 1 152 ? 6.708   4.469   -18.077 0.50 21.88 ? 151 TYR A CD1 1 
ATOM   1208 C  CD1 B TYR A 1 152 ? 5.286   7.465   -16.147 0.50 30.42 ? 151 TYR A CD1 1 
ATOM   1209 C  CD2 A TYR A 1 152 ? 5.509   6.496   -17.802 0.50 21.77 ? 151 TYR A CD2 1 
ATOM   1210 C  CD2 B TYR A 1 152 ? 6.375   7.005   -14.087 0.50 30.18 ? 151 TYR A CD2 1 
ATOM   1211 C  CE1 A TYR A 1 152 ? 5.919   4.140   -19.159 0.50 21.27 ? 151 TYR A CE1 1 
ATOM   1212 C  CE1 B TYR A 1 152 ? 4.332   8.211   -15.468 0.50 30.49 ? 151 TYR A CE1 1 
ATOM   1213 C  CE2 A TYR A 1 152 ? 4.714   6.172   -18.873 0.50 21.26 ? 151 TYR A CE2 1 
ATOM   1214 C  CE2 B TYR A 1 152 ? 5.432   7.753   -13.405 0.50 29.98 ? 151 TYR A CE2 1 
ATOM   1215 C  CZ  A TYR A 1 152 ? 4.926   4.995   -19.546 0.50 20.98 ? 151 TYR A CZ  1 
ATOM   1216 C  CZ  B TYR A 1 152 ? 4.419   8.351   -14.094 0.50 29.24 ? 151 TYR A CZ  1 
ATOM   1217 O  OH  A TYR A 1 152 ? 4.137   4.672   -20.611 0.50 22.46 ? 151 TYR A OH  1 
ATOM   1218 O  OH  B TYR A 1 152 ? 3.510   9.093   -13.389 0.50 30.63 ? 151 TYR A OH  1 
ATOM   1219 N  N   . GLN A 1 153 ? 10.146  6.616   -14.689 1.00 39.78 ? 152 GLN A N   1 
ATOM   1220 C  CA  . GLN A 1 153 ? 10.707  6.876   -13.331 1.00 47.33 ? 152 GLN A CA  1 
ATOM   1221 C  C   . GLN A 1 153 ? 10.432  8.210   -12.586 1.00 50.37 ? 152 GLN A C   1 
ATOM   1222 O  O   . GLN A 1 153 ? 10.478  9.306   -13.162 1.00 48.63 ? 152 GLN A O   1 
ATOM   1223 C  CB  . GLN A 1 153 ? 12.196  6.520   -13.268 1.00 47.04 ? 152 GLN A CB  1 
ATOM   1224 C  CG  . GLN A 1 153 ? 12.619  5.942   -11.921 1.00 49.47 ? 152 GLN A CG  1 
ATOM   1225 C  CD  . GLN A 1 153 ? 13.871  6.602   -11.371 1.00 53.13 ? 152 GLN A CD  1 
ATOM   1226 O  OE1 . GLN A 1 153 ? 14.755  5.937   -10.827 1.00 54.04 ? 152 GLN A OE1 1 
ATOM   1227 N  NE2 . GLN A 1 153 ? 13.948  7.923   -11.504 1.00 54.21 ? 152 GLN A NE2 1 
ATOM   1228 N  N   . GLY A 1 154 ? 10.191  8.081   -11.278 1.00 54.36 ? 153 GLY A N   1 
ATOM   1229 C  CA  . GLY A 1 154 ? 9.644   9.173   -10.475 1.00 53.57 ? 153 GLY A CA  1 
ATOM   1230 C  C   . GLY A 1 154 ? 8.185   9.349   -10.869 1.00 54.10 ? 153 GLY A C   1 
ATOM   1231 O  O   . GLY A 1 154 ? 7.646   10.456  -10.910 1.00 57.45 ? 153 GLY A O   1 
ATOM   1232 O  OXT . GLY A 1 154 ? 7.509   8.374   -11.184 1.00 48.79 ? 153 GLY A OXT 1 
HETATM 1233 C  CHA . HEM B 2 .   ? -5.783  0.121   -9.748  1.00 14.71 ? 201 HEM A CHA 1 
HETATM 1234 C  CHB . HEM B 2 .   ? -2.789  -2.115  -6.459  1.00 13.93 ? 201 HEM A CHB 1 
HETATM 1235 C  CHC . HEM B 2 .   ? -0.972  2.166   -5.069  1.00 13.12 ? 201 HEM A CHC 1 
HETATM 1236 C  CHD . HEM B 2 .   ? -3.881  4.391   -8.487  1.00 14.12 ? 201 HEM A CHD 1 
HETATM 1237 C  C1A . HEM B 2 .   ? -5.080  -0.883  -8.979  1.00 15.00 ? 201 HEM A C1A 1 
HETATM 1238 C  C2A . HEM B 2 .   ? -5.316  -2.329  -9.152  1.00 15.62 ? 201 HEM A C2A 1 
HETATM 1239 C  C3A . HEM B 2 .   ? -4.456  -2.998  -8.168  1.00 15.55 ? 201 HEM A C3A 1 
HETATM 1240 C  C4A . HEM B 2 .   ? -3.729  -1.886  -7.507  1.00 13.88 ? 201 HEM A C4A 1 
HETATM 1241 C  CMA . HEM B 2 .   ? -4.282  -4.478  -7.921  1.00 16.25 ? 201 HEM A CMA 1 
HETATM 1242 C  CAA . HEM B 2 .   ? -6.258  -2.954  -10.150 1.00 18.04 ? 201 HEM A CAA 1 
HETATM 1243 C  CBA . HEM B 2 .   ? -5.438  -3.518  -11.321 1.00 21.62 ? 201 HEM A CBA 1 
HETATM 1244 C  CGA . HEM B 2 .   ? -4.549  -2.510  -12.036 1.00 21.91 ? 201 HEM A CGA 1 
HETATM 1245 O  O1A . HEM B 2 .   ? -3.323  -2.675  -11.955 1.00 25.06 ? 201 HEM A O1A 1 
HETATM 1246 O  O2A . HEM B 2 .   ? -5.033  -1.557  -12.685 1.00 24.93 ? 201 HEM A O2A 1 
HETATM 1247 C  C1B . HEM B 2 .   ? -2.010  -1.103  -5.793  1.00 13.22 ? 201 HEM A C1B 1 
HETATM 1248 C  C2B . HEM B 2 .   ? -1.093  -1.491  -4.712  1.00 13.43 ? 201 HEM A C2B 1 
HETATM 1249 C  C3B . HEM B 2 .   ? -0.594  -0.220  -4.296  1.00 13.70 ? 201 HEM A C3B 1 
HETATM 1250 C  C4B . HEM B 2 .   ? -1.261  0.742   -5.174  1.00 13.03 ? 201 HEM A C4B 1 
HETATM 1251 C  CMB . HEM B 2 .   ? -0.777  -2.856  -4.183  1.00 15.47 ? 201 HEM A CMB 1 
HETATM 1252 C  CAB . HEM B 2 .   ? 0.421   0.011   -3.240  1.00 14.50 ? 201 HEM A CAB 1 
HETATM 1253 C  CBB . HEM B 2 .   ? 0.250   -0.463  -2.024  1.00 15.67 ? 201 HEM A CBB 1 
HETATM 1254 C  C1C . HEM B 2 .   ? -1.667  3.181   -5.825  1.00 13.46 ? 201 HEM A C1C 1 
HETATM 1255 C  C2C . HEM B 2 .   ? -1.530  4.638   -5.575  1.00 13.63 ? 201 HEM A C2C 1 
HETATM 1256 C  C3C . HEM B 2 .   ? -2.403  5.247   -6.578  1.00 13.73 ? 201 HEM A C3C 1 
HETATM 1257 C  C4C . HEM B 2 .   ? -3.013  4.160   -7.370  1.00 13.84 ? 201 HEM A C4C 1 
HETATM 1258 C  CMC . HEM B 2 .   ? -0.694  5.312   -4.510  1.00 13.89 ? 201 HEM A CMC 1 
HETATM 1259 C  CAC . HEM B 2 .   ? -2.709  6.674   -6.805  1.00 14.95 ? 201 HEM A CAC 1 
HETATM 1260 C  CBC . HEM B 2 .   ? -2.242  7.620   -6.012  1.00 17.18 ? 201 HEM A CBC 1 
HETATM 1261 C  C1D . HEM B 2 .   ? -4.672  3.369   -9.122  1.00 14.30 ? 201 HEM A C1D 1 
HETATM 1262 C  C2D . HEM B 2 .   ? -5.666  3.794   -10.123 1.00 15.43 ? 201 HEM A C2D 1 
HETATM 1263 C  C3D . HEM B 2 .   ? -6.252  2.521   -10.486 1.00 15.51 ? 201 HEM A C3D 1 
HETATM 1264 C  C4D . HEM B 2 .   ? -5.522  1.542   -9.676  1.00 14.25 ? 201 HEM A C4D 1 
HETATM 1265 C  CMD . HEM B 2 .   ? -6.034  5.153   -10.623 1.00 16.96 ? 201 HEM A CMD 1 
HETATM 1266 C  CAD . HEM B 2 .   ? -7.384  2.276   -11.443 1.00 16.98 ? 201 HEM A CAD 1 
HETATM 1267 C  CBD . HEM B 2 .   ? -8.629  2.311   -10.556 1.00 19.10 ? 201 HEM A CBD 1 
HETATM 1268 C  CGD . HEM B 2 .   ? -9.895  2.115   -11.376 1.00 20.77 ? 201 HEM A CGD 1 
HETATM 1269 O  O1D . HEM B 2 .   ? -10.365 3.076   -12.010 1.00 22.53 ? 201 HEM A O1D 1 
HETATM 1270 O  O2D . HEM B 2 .   ? -10.438 1.002   -11.363 1.00 22.18 ? 201 HEM A O2D 1 
HETATM 1271 N  NA  . HEM B 2 .   ? -4.157  -0.588  -7.898  1.00 14.05 ? 201 HEM A NA  1 
HETATM 1272 N  NB  . HEM B 2 .   ? -2.139  0.215   -6.062  1.00 13.52 ? 201 HEM A NB  1 
HETATM 1273 N  NC  . HEM B 2 .   ? -2.601  2.887   -6.897  1.00 13.38 ? 201 HEM A NC  1 
HETATM 1274 N  ND  . HEM B 2 .   ? -4.589  2.051   -8.848  1.00 14.16 ? 201 HEM A ND  1 
HETATM 1275 FE FE  . HEM B 2 .   ? -3.264  1.132   -7.546  1.00 13.89 ? 201 HEM A FE  1 
HETATM 1276 ZN ZN  . ZN  C 3 .   ? 0.421   15.853  -0.216  1.00 18.74 ? 202 ZN  A ZN  1 
HETATM 1277 ZN ZN  . ZN  D 3 .   ? -20.762 -1.564  3.297   1.00 22.61 ? 203 ZN  A ZN  1 
HETATM 1278 S  S   . SO4 E 4 .   ? -20.577 4.451   -3.999  0.90 20.67 ? 204 SO4 A S   1 
HETATM 1279 O  O1  . SO4 E 4 .   ? -21.561 4.918   -5.017  0.90 23.78 ? 204 SO4 A O1  1 
HETATM 1280 O  O2  . SO4 E 4 .   ? -21.262 4.413   -2.681  0.90 24.17 ? 204 SO4 A O2  1 
HETATM 1281 O  O3  . SO4 E 4 .   ? -19.476 5.438   -4.009  0.90 22.75 ? 204 SO4 A O3  1 
HETATM 1282 O  O4  . SO4 E 4 .   ? -20.074 3.080   -4.211  0.90 20.92 ? 204 SO4 A O4  1 
HETATM 1283 S  S   . SO4 F 4 .   ? -11.708 -3.190  -8.131  1.00 35.72 ? 205 SO4 A S   1 
HETATM 1284 O  O1  . SO4 F 4 .   ? -12.475 -2.806  -9.343  1.00 40.57 ? 205 SO4 A O1  1 
HETATM 1285 O  O2  . SO4 F 4 .   ? -11.340 -4.607  -7.902  1.00 37.91 ? 205 SO4 A O2  1 
HETATM 1286 O  O3  . SO4 F 4 .   ? -11.154 -2.183  -7.190  1.00 39.26 ? 205 SO4 A O3  1 
HETATM 1287 O  O4  . SO4 F 4 .   ? -10.479 -3.011  -8.938  1.00 40.52 ? 205 SO4 A O4  1 
HETATM 1288 S  S   . SO4 G 4 .   ? -3.329  -4.884  20.330  0.40 28.26 ? 206 SO4 A S   1 
HETATM 1289 O  O1  . SO4 G 4 .   ? -4.698  -5.450  20.274  0.40 27.71 ? 206 SO4 A O1  1 
HETATM 1290 O  O2  . SO4 G 4 .   ? -3.381  -3.493  20.835  0.40 28.74 ? 206 SO4 A O2  1 
HETATM 1291 O  O3  . SO4 G 4 .   ? -2.555  -5.712  21.270  0.40 29.73 ? 206 SO4 A O3  1 
HETATM 1292 O  O4  . SO4 G 4 .   ? -2.684  -4.910  18.992  0.40 25.64 ? 206 SO4 A O4  1 
HETATM 1293 XE XE  . XE  H 5 .   ? 1.799   -0.324  -7.479  0.80 26.20 ? 207 XE  A XE  1 
HETATM 1294 XE XE  . XE  I 5 .   ? 4.563   0.498   -1.849  0.15 25.35 ? 208 XE  A XE  1 
HETATM 1295 XE XE  . XE  J 5 .   ? 8.159   -6.344  -0.918  0.30 33.93 ? 209 XE  A XE  1 
HETATM 1296 XE XE  . XE  K 5 .   ? -5.369  0.021   0.578   0.25 27.45 ? 210 XE  A XE  1 
HETATM 1297 XE XE  . XE  L 5 .   ? -2.728  -2.223  6.484   0.15 31.56 ? 211 XE  A XE  1 
HETATM 1298 O  O   . HOH M 6 .   ? -18.665 6.389   -6.670  1.00 23.94 ? 301 HOH A O   1 
HETATM 1299 O  O   . HOH M 6 .   ? -15.476 3.404   2.247   1.00 23.30 ? 302 HOH A O   1 
HETATM 1300 O  O   . HOH M 6 .   ? -7.580  -7.249  12.456  1.00 27.31 ? 303 HOH A O   1 
HETATM 1301 O  O   . HOH M 6 .   ? 15.133  1.560   -7.741  1.00 29.34 ? 304 HOH A O   1 
HETATM 1302 O  O   . HOH M 6 .   ? -15.715 10.527  -10.076 1.00 31.38 ? 305 HOH A O   1 
HETATM 1303 O  O   . HOH M 6 .   ? -19.986 15.435  3.590   1.00 21.75 ? 306 HOH A O   1 
HETATM 1304 O  O   . HOH M 6 .   ? 11.014  11.597  0.967   1.00 25.53 ? 307 HOH A O   1 
HETATM 1305 O  O   . HOH M 6 .   ? -9.849  5.688   -11.445 1.00 25.01 ? 308 HOH A O   1 
HETATM 1306 O  O   . HOH M 6 .   ? 15.233  2.988   -10.320 1.00 31.16 ? 309 HOH A O   1 
HETATM 1307 O  O   . HOH M 6 .   ? -6.143  -7.690  -6.070  1.00 26.97 ? 310 HOH A O   1 
HETATM 1308 O  O   . HOH M 6 .   ? -8.064  7.088   -12.961 1.00 32.67 ? 311 HOH A O   1 
HETATM 1309 O  O   . HOH M 6 .   ? -11.347 -1.763  1.960   1.00 24.15 ? 312 HOH A O   1 
HETATM 1310 O  O   . HOH M 6 .   ? -0.028  -9.240  -6.171  1.00 31.76 ? 313 HOH A O   1 
HETATM 1311 O  O   . HOH M 6 .   ? -20.296 8.543   -0.815  1.00 26.61 ? 314 HOH A O   1 
HETATM 1312 O  O   . HOH M 6 .   ? -10.752 -10.271 6.214   1.00 30.51 ? 315 HOH A O   1 
HETATM 1313 O  O   . HOH M 6 .   ? -16.693 4.942   -7.505  1.00 25.31 ? 316 HOH A O   1 
HETATM 1314 O  O   . HOH M 6 .   ? -4.925  1.480   -6.040  1.00 14.82 ? 317 HOH A O   1 
HETATM 1315 O  O   . HOH M 6 .   ? 8.045   -9.560  -1.249  1.00 34.57 ? 318 HOH A O   1 
HETATM 1316 O  O   . HOH M 6 .   ? 0.060   9.258   3.730   1.00 26.01 ? 319 HOH A O   1 
HETATM 1317 O  O   . HOH M 6 .   ? -8.106  -4.181  13.544  1.00 35.66 ? 320 HOH A O   1 
HETATM 1318 O  O   . HOH M 6 .   ? -21.307 0.864   -5.029  1.00 37.21 ? 321 HOH A O   1 
HETATM 1319 O  O   . HOH M 6 .   ? -9.193  -1.145  -10.781 1.00 31.76 ? 322 HOH A O   1 
HETATM 1320 O  O   . HOH M 6 .   ? -8.394  6.255   8.145   1.00 29.53 ? 323 HOH A O   1 
HETATM 1321 O  O   . HOH M 6 .   ? 11.481  -11.863 14.495  1.00 32.18 ? 324 HOH A O   1 
HETATM 1322 O  O   . HOH M 6 .   ? -2.103  13.941  -8.672  1.00 31.31 ? 325 HOH A O   1 
HETATM 1323 O  O   . HOH M 6 .   ? 0.755   -13.967 6.528   1.00 19.32 ? 326 HOH A O   1 
HETATM 1324 O  O   . HOH M 6 .   ? 8.487   2.566   3.366   1.00 38.74 ? 327 HOH A O   1 
HETATM 1325 O  O   . HOH M 6 .   ? 13.121  -5.665  -20.815 1.00 30.65 ? 328 HOH A O   1 
HETATM 1326 O  O   . HOH M 6 .   ? -4.756  7.896   -13.305 1.00 33.03 ? 329 HOH A O   1 
HETATM 1327 O  O   . HOH M 6 .   ? -20.173 8.587   6.343   1.00 33.89 ? 330 HOH A O   1 
HETATM 1328 O  O   . HOH M 6 .   ? -7.668  -1.540  -13.139 1.00 37.17 ? 331 HOH A O   1 
HETATM 1329 O  O   . HOH M 6 .   ? -8.567  -2.630  16.071  1.00 34.46 ? 332 HOH A O   1 
HETATM 1330 O  O   . HOH M 6 .   ? -19.912 8.101   -3.598  1.00 35.12 ? 333 HOH A O   1 
HETATM 1331 O  O   . HOH M 6 .   ? -8.834  -8.776  -5.748  1.00 32.71 ? 334 HOH A O   1 
HETATM 1332 O  O   . HOH M 6 .   ? -0.400  9.062   6.606   1.00 39.34 ? 335 HOH A O   1 
HETATM 1333 O  O   . HOH M 6 .   ? -22.460 6.449   -0.940  1.00 40.25 ? 336 HOH A O   1 
HETATM 1334 O  O   . HOH M 6 .   ? -5.089  -12.597 13.000  1.00 32.84 ? 337 HOH A O   1 
HETATM 1335 O  O   . HOH M 6 .   ? -9.232  14.785  0.720   1.00 36.35 ? 338 HOH A O   1 
HETATM 1336 O  O   . HOH M 6 .   ? -17.821 -2.719  -0.981  1.00 27.56 ? 339 HOH A O   1 
HETATM 1337 O  O   . HOH M 6 .   ? 3.260   6.852   8.937   1.00 32.24 ? 340 HOH A O   1 
HETATM 1338 O  O   . HOH M 6 .   ? -7.824  15.826  -6.392  1.00 39.13 ? 341 HOH A O   1 
HETATM 1339 O  O   . HOH M 6 .   ? -3.177  -11.573 -0.192  1.00 28.09 ? 342 HOH A O   1 
HETATM 1340 O  O   . HOH M 6 .   ? 1.944   -14.833 -3.194  1.00 35.90 ? 343 HOH A O   1 
HETATM 1341 O  O   . HOH M 6 .   ? 1.895   11.148  4.793   1.00 37.92 ? 344 HOH A O   1 
HETATM 1342 O  O   . HOH M 6 .   ? -22.006 13.418  3.736   1.00 36.08 ? 345 HOH A O   1 
HETATM 1343 O  O   . HOH M 6 .   ? -12.919 -8.027  5.315   1.00 35.06 ? 346 HOH A O   1 
HETATM 1344 O  O   . HOH M 6 .   ? -0.267  15.631  4.961   1.00 39.04 ? 347 HOH A O   1 
HETATM 1345 O  O   . HOH M 6 .   ? -12.765 0.700   8.415   1.00 35.20 ? 348 HOH A O   1 
HETATM 1346 O  O   . HOH M 6 .   ? 6.289   -5.235  17.779  1.00 43.84 ? 349 HOH A O   1 
HETATM 1347 O  O   . HOH M 6 .   ? -2.613  -10.796 -6.413  1.00 37.56 ? 350 HOH A O   1 
HETATM 1348 O  O   . HOH M 6 .   ? -20.115 -1.860  -8.200  1.00 41.75 ? 351 HOH A O   1 
HETATM 1349 O  O   . HOH M 6 .   ? 15.642  0.248   1.999   1.00 44.22 ? 352 HOH A O   1 
HETATM 1350 O  O   . HOH M 6 .   ? -2.186  16.200  7.248   1.00 50.28 ? 353 HOH A O   1 
HETATM 1351 O  O   . HOH M 6 .   ? -8.730  -4.850  -13.376 1.00 39.31 ? 354 HOH A O   1 
HETATM 1352 O  O   . HOH M 6 .   ? -14.944 -7.919  -7.885  1.00 39.02 ? 355 HOH A O   1 
HETATM 1353 O  O   . HOH M 6 .   ? 1.428   -2.113  24.451  1.00 47.00 ? 356 HOH A O   1 
# 
loop_
_pdbx_poly_seq_scheme.asym_id 
_pdbx_poly_seq_scheme.entity_id 
_pdbx_poly_seq_scheme.seq_id 
_pdbx_poly_seq_scheme.mon_id 
_pdbx_poly_seq_scheme.ndb_seq_num 
_pdbx_poly_seq_scheme.pdb_seq_num 
_pdbx_poly_seq_scheme.auth_seq_num 
_pdbx_poly_seq_scheme.pdb_mon_id 
_pdbx_poly_seq_scheme.auth_mon_id 
_pdbx_poly_seq_scheme.pdb_strand_id 
_pdbx_poly_seq_scheme.pdb_ins_code 
_pdbx_poly_seq_scheme.hetero 
A 1 1   MET 1   0   ?   ?   ?   A . n 
A 1 2   VAL 2   1   1   VAL VAL A . n 
A 1 3   LEU 3   2   2   LEU LEU A . n 
A 1 4   SER 4   3   3   SER SER A . n 
A 1 5   GLU 5   4   4   GLU GLU A . n 
A 1 6   GLY 6   5   5   GLY GLY A . n 
A 1 7   GLU 7   6   6   GLU GLU A . n 
A 1 8   TRP 8   7   7   TRP TRP A . n 
A 1 9   GLN 9   8   8   GLN GLN A . n 
A 1 10  LEU 10  9   9   LEU LEU A . n 
A 1 11  VAL 11  10  10  VAL VAL A . n 
A 1 12  LEU 12  11  11  LEU LEU A . n 
A 1 13  HIS 13  12  12  HIS HIS A . n 
A 1 14  VAL 14  13  13  VAL VAL A . n 
A 1 15  TRP 15  14  14  TRP TRP A . n 
A 1 16  ALA 16  15  15  ALA ALA A . n 
A 1 17  LYS 17  16  16  LYS LYS A . n 
A 1 18  VAL 18  17  17  VAL VAL A . n 
A 1 19  GLU 19  18  18  GLU GLU A . n 
A 1 20  ALA 20  19  19  ALA ALA A . n 
A 1 21  ASP 21  20  20  ASP ASP A . n 
A 1 22  VAL 22  21  21  VAL VAL A . n 
A 1 23  ALA 23  22  22  ALA ALA A . n 
A 1 24  GLY 24  23  23  GLY GLY A . n 
A 1 25  HIS 25  24  24  HIS HIS A . n 
A 1 26  GLY 26  25  25  GLY GLY A . n 
A 1 27  GLN 27  26  26  GLN GLN A . n 
A 1 28  ASP 28  27  27  ASP ASP A . n 
A 1 29  ILE 29  28  28  ILE ILE A . n 
A 1 30  LEU 30  29  29  LEU LEU A . n 
A 1 31  ILE 31  30  30  ILE ILE A . n 
A 1 32  ARG 32  31  31  ARG ARG A . n 
A 1 33  LEU 33  32  32  LEU LEU A . n 
A 1 34  PHE 34  33  33  PHE PHE A . n 
A 1 35  LYS 35  34  34  LYS LYS A . n 
A 1 36  SER 36  35  35  SER SER A . n 
A 1 37  HIS 37  36  36  HIS HIS A . n 
A 1 38  PRO 38  37  37  PRO PRO A . n 
A 1 39  GLU 39  38  38  GLU GLU A . n 
A 1 40  THR 40  39  39  THR THR A . n 
A 1 41  LEU 41  40  40  LEU LEU A . n 
A 1 42  GLU 42  41  41  GLU GLU A . n 
A 1 43  LYS 43  42  42  LYS LYS A . n 
A 1 44  PHE 44  43  43  PHE PHE A . n 
A 1 45  ASP 45  44  44  ASP ASP A . n 
A 1 46  ARG 46  45  45  ARG ARG A . n 
A 1 47  PHE 47  46  46  PHE PHE A . n 
A 1 48  LYS 48  47  47  LYS LYS A . n 
A 1 49  HIS 49  48  48  HIS HIS A . n 
A 1 50  LEU 50  49  49  LEU LEU A . n 
A 1 51  LYS 51  50  50  LYS LYS A . n 
A 1 52  THR 52  51  51  THR THR A . n 
A 1 53  GLU 53  52  52  GLU GLU A . n 
A 1 54  ALA 54  53  53  ALA ALA A . n 
A 1 55  GLU 55  54  54  GLU GLU A . n 
A 1 56  MET 56  55  55  MET MET A . n 
A 1 57  LYS 57  56  56  LYS LYS A . n 
A 1 58  ALA 58  57  57  ALA ALA A . n 
A 1 59  SER 59  58  58  SER SER A . n 
A 1 60  GLU 60  59  59  GLU GLU A . n 
A 1 61  ASP 61  60  60  ASP ASP A . n 
A 1 62  LEU 62  61  61  LEU LEU A . n 
A 1 63  LYS 63  62  62  LYS LYS A . n 
A 1 64  LYS 64  63  63  LYS LYS A . n 
A 1 65  HIS 65  64  64  HIS HIS A . n 
A 1 66  GLY 66  65  65  GLY GLY A . n 
A 1 67  VAL 67  66  66  VAL VAL A . n 
A 1 68  THR 68  67  67  THR THR A . n 
A 1 69  VAL 69  68  68  VAL VAL A . n 
A 1 70  LEU 70  69  69  LEU LEU A . n 
A 1 71  THR 71  70  70  THR THR A . n 
A 1 72  ALA 72  71  71  ALA ALA A . n 
A 1 73  LEU 73  72  72  LEU LEU A . n 
A 1 74  GLY 74  73  73  GLY GLY A . n 
A 1 75  ALA 75  74  74  ALA ALA A . n 
A 1 76  ILE 76  75  75  ILE ILE A . n 
A 1 77  LEU 77  76  76  LEU LEU A . n 
A 1 78  LYS 78  77  77  LYS LYS A . n 
A 1 79  LYS 79  78  78  LYS LYS A . n 
A 1 80  LYS 80  79  79  LYS LYS A . n 
A 1 81  GLY 81  80  80  GLY GLY A . n 
A 1 82  HIS 82  81  81  HIS HIS A . n 
A 1 83  HIS 83  82  82  HIS HIS A . n 
A 1 84  GLU 84  83  83  GLU GLU A . n 
A 1 85  ALA 85  84  84  ALA ALA A . n 
A 1 86  GLU 86  85  85  GLU GLU A . n 
A 1 87  LEU 87  86  86  LEU LEU A . n 
A 1 88  LYS 88  87  87  LYS LYS A . n 
A 1 89  PRO 89  88  88  PRO PRO A . n 
A 1 90  LEU 90  89  89  LEU LEU A . n 
A 1 91  ALA 91  90  90  ALA ALA A . n 
A 1 92  GLN 92  91  91  GLN GLN A . n 
A 1 93  SER 93  92  92  SER SER A . n 
A 1 94  HIS 94  93  93  HIS HIS A . n 
A 1 95  ALA 95  94  94  ALA ALA A . n 
A 1 96  THR 96  95  95  THR THR A . n 
A 1 97  LYS 97  96  96  LYS LYS A . n 
A 1 98  HIS 98  97  97  HIS HIS A . n 
A 1 99  LYS 99  98  98  LYS LYS A . n 
A 1 100 ILE 100 99  99  ILE ILE A . n 
A 1 101 PRO 101 100 100 PRO PRO A . n 
A 1 102 ILE 102 101 101 ILE ILE A . n 
A 1 103 LYS 103 102 102 LYS LYS A . n 
A 1 104 TYR 104 103 103 TYR TYR A . n 
A 1 105 LEU 105 104 104 LEU LEU A . n 
A 1 106 GLU 106 105 105 GLU GLU A . n 
A 1 107 PHE 107 106 106 PHE PHE A . n 
A 1 108 ILE 108 107 107 ILE ILE A . n 
A 1 109 SER 109 108 108 SER SER A . n 
A 1 110 GLU 110 109 109 GLU GLU A . n 
A 1 111 ALA 111 110 110 ALA ALA A . n 
A 1 112 ILE 112 111 111 ILE ILE A . n 
A 1 113 ILE 113 112 112 ILE ILE A . n 
A 1 114 HIS 114 113 113 HIS HIS A . n 
A 1 115 VAL 115 114 114 VAL VAL A . n 
A 1 116 LEU 116 115 115 LEU LEU A . n 
A 1 117 HIS 117 116 116 HIS HIS A . n 
A 1 118 SER 118 117 117 SER SER A . n 
A 1 119 ARG 119 118 118 ARG ARG A . n 
A 1 120 HIS 120 119 119 HIS HIS A . n 
A 1 121 PRO 121 120 120 PRO PRO A . n 
A 1 122 GLY 122 121 121 GLY GLY A . n 
A 1 123 ASP 123 122 122 ASP ASP A . n 
A 1 124 PHE 124 123 123 PHE PHE A . n 
A 1 125 GLY 125 124 124 GLY GLY A . n 
A 1 126 ALA 126 125 125 ALA ALA A . n 
A 1 127 ASP 127 126 126 ASP ASP A . n 
A 1 128 ALA 128 127 127 ALA ALA A . n 
A 1 129 GLN 129 128 128 GLN GLN A . n 
A 1 130 GLY 130 129 129 GLY GLY A . n 
A 1 131 ALA 131 130 130 ALA ALA A . n 
A 1 132 MET 132 131 131 MET MET A . n 
A 1 133 ASN 133 132 132 ASN ASN A . n 
A 1 134 LYS 134 133 133 LYS LYS A . n 
A 1 135 ALA 135 134 134 ALA ALA A . n 
A 1 136 LEU 136 135 135 LEU LEU A . n 
A 1 137 GLU 137 136 136 GLU GLU A . n 
A 1 138 LEU 138 137 137 LEU LEU A . n 
A 1 139 PHE 139 138 138 PHE PHE A . n 
A 1 140 ARG 140 139 139 ARG ARG A . n 
A 1 141 LYS 141 140 140 LYS LYS A . n 
A 1 142 ASP 142 141 141 ASP ASP A . n 
A 1 143 ILE 143 142 142 ILE ILE A . n 
A 1 144 ALA 144 143 143 ALA ALA A . n 
A 1 145 ALA 145 144 144 ALA ALA A . n 
A 1 146 LYS 146 145 145 LYS LYS A . n 
A 1 147 TYR 147 146 146 TYR TYR A . n 
A 1 148 LYS 148 147 147 LYS LYS A . n 
A 1 149 GLU 149 148 148 GLU GLU A . n 
A 1 150 LEU 150 149 149 LEU LEU A . n 
A 1 151 GLY 151 150 150 GLY GLY A . n 
A 1 152 TYR 152 151 151 TYR TYR A . n 
A 1 153 GLN 153 152 152 GLN GLN A . n 
A 1 154 GLY 154 153 153 GLY GLY A . n 
# 
loop_
_pdbx_nonpoly_scheme.asym_id 
_pdbx_nonpoly_scheme.entity_id 
_pdbx_nonpoly_scheme.mon_id 
_pdbx_nonpoly_scheme.ndb_seq_num 
_pdbx_nonpoly_scheme.pdb_seq_num 
_pdbx_nonpoly_scheme.auth_seq_num 
_pdbx_nonpoly_scheme.pdb_mon_id 
_pdbx_nonpoly_scheme.auth_mon_id 
_pdbx_nonpoly_scheme.pdb_strand_id 
_pdbx_nonpoly_scheme.pdb_ins_code 
B 2 HEM 1  201 160 HEM HEM A . 
C 3 ZN  1  202 170 ZN  ZN  A . 
D 3 ZN  1  203 171 ZN  ZN  A . 
E 4 SO4 1  204 172 SO4 SO4 A . 
F 4 SO4 1  205 173 SO4 SO4 A . 
G 4 SO4 1  206 174 SO4 SO4 A . 
H 5 XE  1  207 181 XE  XE  A . 
I 5 XE  1  208 182 XE  XE  A . 
J 5 XE  1  209 183 XE  XE  A . 
K 5 XE  1  210 184 XE  XE  A . 
L 5 XE  1  211 185 XE  XE  A . 
M 6 HOH 1  301 201 HOH HOH A . 
M 6 HOH 2  302 202 HOH HOH A . 
M 6 HOH 3  303 203 HOH HOH A . 
M 6 HOH 4  304 204 HOH HOH A . 
M 6 HOH 5  305 205 HOH HOH A . 
M 6 HOH 6  306 206 HOH HOH A . 
M 6 HOH 7  307 207 HOH HOH A . 
M 6 HOH 8  308 208 HOH HOH A . 
M 6 HOH 9  309 209 HOH HOH A . 
M 6 HOH 10 310 210 HOH HOH A . 
M 6 HOH 11 311 211 HOH HOH A . 
M 6 HOH 12 312 212 HOH HOH A . 
M 6 HOH 13 313 213 HOH HOH A . 
M 6 HOH 14 314 214 HOH HOH A . 
M 6 HOH 15 315 215 HOH HOH A . 
M 6 HOH 16 316 216 HOH HOH A . 
M 6 HOH 17 317 217 HOH HOH A . 
M 6 HOH 18 318 218 HOH HOH A . 
M 6 HOH 19 319 219 HOH HOH A . 
M 6 HOH 20 320 220 HOH HOH A . 
M 6 HOH 21 321 221 HOH HOH A . 
M 6 HOH 22 322 222 HOH HOH A . 
M 6 HOH 23 323 223 HOH HOH A . 
M 6 HOH 24 324 224 HOH HOH A . 
M 6 HOH 25 325 225 HOH HOH A . 
M 6 HOH 26 326 226 HOH HOH A . 
M 6 HOH 27 327 227 HOH HOH A . 
M 6 HOH 28 328 228 HOH HOH A . 
M 6 HOH 29 329 229 HOH HOH A . 
M 6 HOH 30 330 230 HOH HOH A . 
M 6 HOH 31 331 231 HOH HOH A . 
M 6 HOH 32 332 232 HOH HOH A . 
M 6 HOH 33 333 234 HOH HOH A . 
M 6 HOH 34 334 235 HOH HOH A . 
M 6 HOH 35 335 236 HOH HOH A . 
M 6 HOH 36 336 237 HOH HOH A . 
M 6 HOH 37 337 242 HOH HOH A . 
M 6 HOH 38 338 243 HOH HOH A . 
M 6 HOH 39 339 244 HOH HOH A . 
M 6 HOH 40 340 253 HOH HOH A . 
M 6 HOH 41 341 254 HOH HOH A . 
M 6 HOH 42 342 255 HOH HOH A . 
M 6 HOH 43 343 261 HOH HOH A . 
M 6 HOH 44 344 264 HOH HOH A . 
M 6 HOH 45 345 265 HOH HOH A . 
M 6 HOH 46 346 266 HOH HOH A . 
M 6 HOH 47 347 267 HOH HOH A . 
M 6 HOH 48 348 270 HOH HOH A . 
M 6 HOH 49 349 272 HOH HOH A . 
M 6 HOH 50 350 278 HOH HOH A . 
M 6 HOH 51 351 279 HOH HOH A . 
M 6 HOH 52 352 282 HOH HOH A . 
M 6 HOH 53 353 290 HOH HOH A . 
M 6 HOH 54 354 299 HOH HOH A . 
M 6 HOH 55 355 300 HOH HOH A . 
M 6 HOH 56 356 301 HOH HOH A . 
# 
_pdbx_struct_assembly.id                   1 
_pdbx_struct_assembly.details              author_and_software_defined_assembly 
_pdbx_struct_assembly.method_details       PISA 
_pdbx_struct_assembly.oligomeric_details   monomeric 
_pdbx_struct_assembly.oligomeric_count     1 
# 
_pdbx_struct_assembly_gen.assembly_id       1 
_pdbx_struct_assembly_gen.oper_expression   1 
_pdbx_struct_assembly_gen.asym_id_list      A,B,C,D,E,F,G,H,I,J,K,L,M 
# 
_pdbx_struct_oper_list.id                   1 
_pdbx_struct_oper_list.type                 'identity operation' 
_pdbx_struct_oper_list.name                 1_555 
_pdbx_struct_oper_list.symmetry_operation   x,y,z 
_pdbx_struct_oper_list.matrix[1][1]         1.0000000000 
_pdbx_struct_oper_list.matrix[1][2]         0.0000000000 
_pdbx_struct_oper_list.matrix[1][3]         0.0000000000 
_pdbx_struct_oper_list.vector[1]            0.0000000000 
_pdbx_struct_oper_list.matrix[2][1]         0.0000000000 
_pdbx_struct_oper_list.matrix[2][2]         1.0000000000 
_pdbx_struct_oper_list.matrix[2][3]         0.0000000000 
_pdbx_struct_oper_list.vector[2]            0.0000000000 
_pdbx_struct_oper_list.matrix[3][1]         0.0000000000 
_pdbx_struct_oper_list.matrix[3][2]         0.0000000000 
_pdbx_struct_oper_list.matrix[3][3]         1.0000000000 
_pdbx_struct_oper_list.vector[3]            0.0000000000 
# 
loop_
_pdbx_struct_conn_angle.id 
_pdbx_struct_conn_angle.ptnr1_label_atom_id 
_pdbx_struct_conn_angle.ptnr1_label_alt_id 
_pdbx_struct_conn_angle.ptnr1_label_asym_id 
_pdbx_struct_conn_angle.ptnr1_label_comp_id 
_pdbx_struct_conn_angle.ptnr1_label_seq_id 
_pdbx_struct_conn_angle.ptnr1_auth_atom_id 
_pdbx_struct_conn_angle.ptnr1_auth_asym_id 
_pdbx_struct_conn_angle.ptnr1_auth_comp_id 
_pdbx_struct_conn_angle.ptnr1_auth_seq_id 
_pdbx_struct_conn_angle.ptnr1_PDB_ins_code 
_pdbx_struct_conn_angle.ptnr1_symmetry 
_pdbx_struct_conn_angle.ptnr2_label_atom_id 
_pdbx_struct_conn_angle.ptnr2_label_alt_id 
_pdbx_struct_conn_angle.ptnr2_label_asym_id 
_pdbx_struct_conn_angle.ptnr2_label_comp_id 
_pdbx_struct_conn_angle.ptnr2_label_seq_id 
_pdbx_struct_conn_angle.ptnr2_auth_atom_id 
_pdbx_struct_conn_angle.ptnr2_auth_asym_id 
_pdbx_struct_conn_angle.ptnr2_auth_comp_id 
_pdbx_struct_conn_angle.ptnr2_auth_seq_id 
_pdbx_struct_conn_angle.ptnr2_PDB_ins_code 
_pdbx_struct_conn_angle.ptnr2_symmetry 
_pdbx_struct_conn_angle.ptnr3_label_atom_id 
_pdbx_struct_conn_angle.ptnr3_label_alt_id 
_pdbx_struct_conn_angle.ptnr3_label_asym_id 
_pdbx_struct_conn_angle.ptnr3_label_comp_id 
_pdbx_struct_conn_angle.ptnr3_label_seq_id 
_pdbx_struct_conn_angle.ptnr3_auth_atom_id 
_pdbx_struct_conn_angle.ptnr3_auth_asym_id 
_pdbx_struct_conn_angle.ptnr3_auth_comp_id 
_pdbx_struct_conn_angle.ptnr3_auth_seq_id 
_pdbx_struct_conn_angle.ptnr3_PDB_ins_code 
_pdbx_struct_conn_angle.ptnr3_symmetry 
_pdbx_struct_conn_angle.value 
_pdbx_struct_conn_angle.value_esd 
1  ND1 ? A HIS 37 ? A HIS 36  ? 1_555 ZN ? C ZN  . ? A ZN  202 ? 1_555 OE2 ? A GLU 39 ? A GLU 38  ? 1_555 110.8 ? 
2  OE2 ? A GLU 60 ? A GLU 59  ? 1_555 ZN ? D ZN  . ? A ZN  203 ? 1_555 NZ  ? A LYS 63 ? A LYS 62  ? 1_555 119.8 ? 
3  NE2 ? A HIS 94 ? A HIS 93  ? 1_555 FE ? B HEM . ? A HEM 201 ? 1_555 NA  ? B HEM .  ? A HEM 201 ? 1_555 95.4  ? 
4  NE2 ? A HIS 94 ? A HIS 93  ? 1_555 FE ? B HEM . ? A HEM 201 ? 1_555 NB  ? B HEM .  ? A HEM 201 ? 1_555 93.3  ? 
5  NA  ? B HEM .  ? A HEM 201 ? 1_555 FE ? B HEM . ? A HEM 201 ? 1_555 NB  ? B HEM .  ? A HEM 201 ? 1_555 89.3  ? 
6  NE2 ? A HIS 94 ? A HIS 93  ? 1_555 FE ? B HEM . ? A HEM 201 ? 1_555 NC  ? B HEM .  ? A HEM 201 ? 1_555 95.4  ? 
7  NA  ? B HEM .  ? A HEM 201 ? 1_555 FE ? B HEM . ? A HEM 201 ? 1_555 NC  ? B HEM .  ? A HEM 201 ? 1_555 169.1 ? 
8  NB  ? B HEM .  ? A HEM 201 ? 1_555 FE ? B HEM . ? A HEM 201 ? 1_555 NC  ? B HEM .  ? A HEM 201 ? 1_555 88.6  ? 
9  NE2 ? A HIS 94 ? A HIS 93  ? 1_555 FE ? B HEM . ? A HEM 201 ? 1_555 ND  ? B HEM .  ? A HEM 201 ? 1_555 94.1  ? 
10 NA  ? B HEM .  ? A HEM 201 ? 1_555 FE ? B HEM . ? A HEM 201 ? 1_555 ND  ? B HEM .  ? A HEM 201 ? 1_555 89.2  ? 
11 NB  ? B HEM .  ? A HEM 201 ? 1_555 FE ? B HEM . ? A HEM 201 ? 1_555 ND  ? B HEM .  ? A HEM 201 ? 1_555 172.5 ? 
12 NC  ? B HEM .  ? A HEM 201 ? 1_555 FE ? B HEM . ? A HEM 201 ? 1_555 ND  ? B HEM .  ? A HEM 201 ? 1_555 91.6  ? 
13 NE2 ? A HIS 94 ? A HIS 93  ? 1_555 FE ? B HEM . ? A HEM 201 ? 1_555 O   ? M HOH .  ? A HOH 317 ? 1_555 177.1 ? 
14 NA  ? B HEM .  ? A HEM 201 ? 1_555 FE ? B HEM . ? A HEM 201 ? 1_555 O   ? M HOH .  ? A HOH 317 ? 1_555 85.4  ? 
15 NB  ? B HEM .  ? A HEM 201 ? 1_555 FE ? B HEM . ? A HEM 201 ? 1_555 O   ? M HOH .  ? A HOH 317 ? 1_555 89.4  ? 
16 NC  ? B HEM .  ? A HEM 201 ? 1_555 FE ? B HEM . ? A HEM 201 ? 1_555 O   ? M HOH .  ? A HOH 317 ? 1_555 83.8  ? 
17 ND  ? B HEM .  ? A HEM 201 ? 1_555 FE ? B HEM . ? A HEM 201 ? 1_555 O   ? M HOH .  ? A HOH 317 ? 1_555 83.2  ? 
# 
loop_
_pdbx_audit_revision_history.ordinal 
_pdbx_audit_revision_history.data_content_type 
_pdbx_audit_revision_history.major_revision 
_pdbx_audit_revision_history.minor_revision 
_pdbx_audit_revision_history.revision_date 
1 'Structure model' 1 0 2014-09-24 
2 'Structure model' 1 1 2014-12-17 
3 'Structure model' 1 2 2023-11-08 
# 
_pdbx_audit_revision_details.ordinal             1 
_pdbx_audit_revision_details.revision_ordinal    1 
_pdbx_audit_revision_details.data_content_type   'Structure model' 
_pdbx_audit_revision_details.provider            repository 
_pdbx_audit_revision_details.type                'Initial release' 
_pdbx_audit_revision_details.description         ? 
_pdbx_audit_revision_details.details             ? 
# 
loop_
_pdbx_audit_revision_group.ordinal 
_pdbx_audit_revision_group.revision_ordinal 
_pdbx_audit_revision_group.data_content_type 
_pdbx_audit_revision_group.group 
1 2 'Structure model' 'Database references'    
2 3 'Structure model' 'Data collection'        
3 3 'Structure model' 'Database references'    
4 3 'Structure model' 'Derived calculations'   
5 3 'Structure model' 'Refinement description' 
# 
loop_
_pdbx_audit_revision_category.ordinal 
_pdbx_audit_revision_category.revision_ordinal 
_pdbx_audit_revision_category.data_content_type 
_pdbx_audit_revision_category.category 
1 3 'Structure model' chem_comp_atom                
2 3 'Structure model' chem_comp_bond                
3 3 'Structure model' database_2                    
4 3 'Structure model' pdbx_initial_refinement_model 
5 3 'Structure model' pdbx_struct_conn_angle        
6 3 'Structure model' struct_conn                   
7 3 'Structure model' struct_site                   
# 
loop_
_pdbx_audit_revision_item.ordinal 
_pdbx_audit_revision_item.revision_ordinal 
_pdbx_audit_revision_item.data_content_type 
_pdbx_audit_revision_item.item 
1  3 'Structure model' '_database_2.pdbx_DOI'                        
2  3 'Structure model' '_database_2.pdbx_database_accession'         
3  3 'Structure model' '_pdbx_struct_conn_angle.ptnr1_auth_comp_id'  
4  3 'Structure model' '_pdbx_struct_conn_angle.ptnr1_auth_seq_id'   
5  3 'Structure model' '_pdbx_struct_conn_angle.ptnr1_label_atom_id' 
6  3 'Structure model' '_pdbx_struct_conn_angle.ptnr1_label_comp_id' 
7  3 'Structure model' '_pdbx_struct_conn_angle.ptnr1_label_seq_id'  
8  3 'Structure model' '_pdbx_struct_conn_angle.ptnr3_auth_comp_id'  
9  3 'Structure model' '_pdbx_struct_conn_angle.ptnr3_auth_seq_id'   
10 3 'Structure model' '_pdbx_struct_conn_angle.ptnr3_label_atom_id' 
11 3 'Structure model' '_pdbx_struct_conn_angle.ptnr3_label_comp_id' 
12 3 'Structure model' '_pdbx_struct_conn_angle.ptnr3_label_seq_id'  
13 3 'Structure model' '_struct_conn.pdbx_dist_value'                
14 3 'Structure model' '_struct_conn.ptnr1_auth_comp_id'             
15 3 'Structure model' '_struct_conn.ptnr1_auth_seq_id'              
16 3 'Structure model' '_struct_conn.ptnr1_label_atom_id'            
17 3 'Structure model' '_struct_conn.ptnr1_label_comp_id'            
18 3 'Structure model' '_struct_conn.ptnr1_label_seq_id'             
19 3 'Structure model' '_struct_conn.ptnr2_auth_comp_id'             
20 3 'Structure model' '_struct_conn.ptnr2_auth_seq_id'              
21 3 'Structure model' '_struct_conn.ptnr2_label_asym_id'            
22 3 'Structure model' '_struct_conn.ptnr2_label_atom_id'            
23 3 'Structure model' '_struct_conn.ptnr2_label_comp_id'            
24 3 'Structure model' '_struct_site.pdbx_auth_asym_id'              
25 3 'Structure model' '_struct_site.pdbx_auth_comp_id'              
26 3 'Structure model' '_struct_site.pdbx_auth_seq_id'               
# 
loop_
_software.name 
_software.classification 
_software.version 
_software.citation_id 
_software.pdbx_ordinal 
ADSC     'data collection' Quantum ? 1 
REFMAC   refinement        .       ? 2 
HKL-2000 'data reduction'  .       ? 3 
HKL-2000 'data scaling'    .       ? 4 
REFMAC   phasing           .       ? 5 
# 
loop_
_pdbx_validate_torsion.id 
_pdbx_validate_torsion.PDB_model_num 
_pdbx_validate_torsion.auth_comp_id 
_pdbx_validate_torsion.auth_asym_id 
_pdbx_validate_torsion.auth_seq_id 
_pdbx_validate_torsion.PDB_ins_code 
_pdbx_validate_torsion.label_alt_id 
_pdbx_validate_torsion.phi 
_pdbx_validate_torsion.psi 
1 1 ASP A 20  ? ? -155.61 72.25  
2 1 PHE A 123 ? ? -111.35 72.36  
3 1 GLN A 152 ? ? -1.04   139.38 
# 
_pdbx_unobs_or_zero_occ_residues.id               1 
_pdbx_unobs_or_zero_occ_residues.PDB_model_num    1 
_pdbx_unobs_or_zero_occ_residues.polymer_flag     Y 
_pdbx_unobs_or_zero_occ_residues.occupancy_flag   1 
_pdbx_unobs_or_zero_occ_residues.auth_asym_id     A 
_pdbx_unobs_or_zero_occ_residues.auth_comp_id     MET 
_pdbx_unobs_or_zero_occ_residues.auth_seq_id      0 
_pdbx_unobs_or_zero_occ_residues.PDB_ins_code     ? 
_pdbx_unobs_or_zero_occ_residues.label_asym_id    A 
_pdbx_unobs_or_zero_occ_residues.label_comp_id    MET 
_pdbx_unobs_or_zero_occ_residues.label_seq_id     1 
# 
loop_
_chem_comp_atom.comp_id 
_chem_comp_atom.atom_id 
_chem_comp_atom.type_symbol 
_chem_comp_atom.pdbx_aromatic_flag 
_chem_comp_atom.pdbx_stereo_config 
_chem_comp_atom.pdbx_ordinal 
ALA N    N  N N 1   
ALA CA   C  N S 2   
ALA C    C  N N 3   
ALA O    O  N N 4   
ALA CB   C  N N 5   
ALA OXT  O  N N 6   
ALA H    H  N N 7   
ALA H2   H  N N 8   
ALA HA   H  N N 9   
ALA HB1  H  N N 10  
ALA HB2  H  N N 11  
ALA HB3  H  N N 12  
ALA HXT  H  N N 13  
ARG N    N  N N 14  
ARG CA   C  N S 15  
ARG C    C  N N 16  
ARG O    O  N N 17  
ARG CB   C  N N 18  
ARG CG   C  N N 19  
ARG CD   C  N N 20  
ARG NE   N  N N 21  
ARG CZ   C  N N 22  
ARG NH1  N  N N 23  
ARG NH2  N  N N 24  
ARG OXT  O  N N 25  
ARG H    H  N N 26  
ARG H2   H  N N 27  
ARG HA   H  N N 28  
ARG HB2  H  N N 29  
ARG HB3  H  N N 30  
ARG HG2  H  N N 31  
ARG HG3  H  N N 32  
ARG HD2  H  N N 33  
ARG HD3  H  N N 34  
ARG HE   H  N N 35  
ARG HH11 H  N N 36  
ARG HH12 H  N N 37  
ARG HH21 H  N N 38  
ARG HH22 H  N N 39  
ARG HXT  H  N N 40  
ASN N    N  N N 41  
ASN CA   C  N S 42  
ASN C    C  N N 43  
ASN O    O  N N 44  
ASN CB   C  N N 45  
ASN CG   C  N N 46  
ASN OD1  O  N N 47  
ASN ND2  N  N N 48  
ASN OXT  O  N N 49  
ASN H    H  N N 50  
ASN H2   H  N N 51  
ASN HA   H  N N 52  
ASN HB2  H  N N 53  
ASN HB3  H  N N 54  
ASN HD21 H  N N 55  
ASN HD22 H  N N 56  
ASN HXT  H  N N 57  
ASP N    N  N N 58  
ASP CA   C  N S 59  
ASP C    C  N N 60  
ASP O    O  N N 61  
ASP CB   C  N N 62  
ASP CG   C  N N 63  
ASP OD1  O  N N 64  
ASP OD2  O  N N 65  
ASP OXT  O  N N 66  
ASP H    H  N N 67  
ASP H2   H  N N 68  
ASP HA   H  N N 69  
ASP HB2  H  N N 70  
ASP HB3  H  N N 71  
ASP HD2  H  N N 72  
ASP HXT  H  N N 73  
GLN N    N  N N 74  
GLN CA   C  N S 75  
GLN C    C  N N 76  
GLN O    O  N N 77  
GLN CB   C  N N 78  
GLN CG   C  N N 79  
GLN CD   C  N N 80  
GLN OE1  O  N N 81  
GLN NE2  N  N N 82  
GLN OXT  O  N N 83  
GLN H    H  N N 84  
GLN H2   H  N N 85  
GLN HA   H  N N 86  
GLN HB2  H  N N 87  
GLN HB3  H  N N 88  
GLN HG2  H  N N 89  
GLN HG3  H  N N 90  
GLN HE21 H  N N 91  
GLN HE22 H  N N 92  
GLN HXT  H  N N 93  
GLU N    N  N N 94  
GLU CA   C  N S 95  
GLU C    C  N N 96  
GLU O    O  N N 97  
GLU CB   C  N N 98  
GLU CG   C  N N 99  
GLU CD   C  N N 100 
GLU OE1  O  N N 101 
GLU OE2  O  N N 102 
GLU OXT  O  N N 103 
GLU H    H  N N 104 
GLU H2   H  N N 105 
GLU HA   H  N N 106 
GLU HB2  H  N N 107 
GLU HB3  H  N N 108 
GLU HG2  H  N N 109 
GLU HG3  H  N N 110 
GLU HE2  H  N N 111 
GLU HXT  H  N N 112 
GLY N    N  N N 113 
GLY CA   C  N N 114 
GLY C    C  N N 115 
GLY O    O  N N 116 
GLY OXT  O  N N 117 
GLY H    H  N N 118 
GLY H2   H  N N 119 
GLY HA2  H  N N 120 
GLY HA3  H  N N 121 
GLY HXT  H  N N 122 
HEM CHA  C  N N 123 
HEM CHB  C  N N 124 
HEM CHC  C  N N 125 
HEM CHD  C  N N 126 
HEM C1A  C  Y N 127 
HEM C2A  C  Y N 128 
HEM C3A  C  Y N 129 
HEM C4A  C  Y N 130 
HEM CMA  C  N N 131 
HEM CAA  C  N N 132 
HEM CBA  C  N N 133 
HEM CGA  C  N N 134 
HEM O1A  O  N N 135 
HEM O2A  O  N N 136 
HEM C1B  C  N N 137 
HEM C2B  C  N N 138 
HEM C3B  C  N N 139 
HEM C4B  C  N N 140 
HEM CMB  C  N N 141 
HEM CAB  C  N N 142 
HEM CBB  C  N N 143 
HEM C1C  C  Y N 144 
HEM C2C  C  Y N 145 
HEM C3C  C  Y N 146 
HEM C4C  C  Y N 147 
HEM CMC  C  N N 148 
HEM CAC  C  N N 149 
HEM CBC  C  N N 150 
HEM C1D  C  N N 151 
HEM C2D  C  N N 152 
HEM C3D  C  N N 153 
HEM C4D  C  N N 154 
HEM CMD  C  N N 155 
HEM CAD  C  N N 156 
HEM CBD  C  N N 157 
HEM CGD  C  N N 158 
HEM O1D  O  N N 159 
HEM O2D  O  N N 160 
HEM NA   N  Y N 161 
HEM NB   N  N N 162 
HEM NC   N  Y N 163 
HEM ND   N  N N 164 
HEM FE   FE N N 165 
HEM HHB  H  N N 166 
HEM HHC  H  N N 167 
HEM HHD  H  N N 168 
HEM HMA  H  N N 169 
HEM HMAA H  N N 170 
HEM HMAB H  N N 171 
HEM HAA  H  N N 172 
HEM HAAA H  N N 173 
HEM HBA  H  N N 174 
HEM HBAA H  N N 175 
HEM HMB  H  N N 176 
HEM HMBA H  N N 177 
HEM HMBB H  N N 178 
HEM HAB  H  N N 179 
HEM HBB  H  N N 180 
HEM HBBA H  N N 181 
HEM HMC  H  N N 182 
HEM HMCA H  N N 183 
HEM HMCB H  N N 184 
HEM HAC  H  N N 185 
HEM HBC  H  N N 186 
HEM HBCA H  N N 187 
HEM HMD  H  N N 188 
HEM HMDA H  N N 189 
HEM HMDB H  N N 190 
HEM HAD  H  N N 191 
HEM HADA H  N N 192 
HEM HBD  H  N N 193 
HEM HBDA H  N N 194 
HEM H2A  H  N N 195 
HEM H2D  H  N N 196 
HEM HHA  H  N N 197 
HIS N    N  N N 198 
HIS CA   C  N S 199 
HIS C    C  N N 200 
HIS O    O  N N 201 
HIS CB   C  N N 202 
HIS CG   C  Y N 203 
HIS ND1  N  Y N 204 
HIS CD2  C  Y N 205 
HIS CE1  C  Y N 206 
HIS NE2  N  Y N 207 
HIS OXT  O  N N 208 
HIS H    H  N N 209 
HIS H2   H  N N 210 
HIS HA   H  N N 211 
HIS HB2  H  N N 212 
HIS HB3  H  N N 213 
HIS HD1  H  N N 214 
HIS HD2  H  N N 215 
HIS HE1  H  N N 216 
HIS HE2  H  N N 217 
HIS HXT  H  N N 218 
HOH O    O  N N 219 
HOH H1   H  N N 220 
HOH H2   H  N N 221 
ILE N    N  N N 222 
ILE CA   C  N S 223 
ILE C    C  N N 224 
ILE O    O  N N 225 
ILE CB   C  N S 226 
ILE CG1  C  N N 227 
ILE CG2  C  N N 228 
ILE CD1  C  N N 229 
ILE OXT  O  N N 230 
ILE H    H  N N 231 
ILE H2   H  N N 232 
ILE HA   H  N N 233 
ILE HB   H  N N 234 
ILE HG12 H  N N 235 
ILE HG13 H  N N 236 
ILE HG21 H  N N 237 
ILE HG22 H  N N 238 
ILE HG23 H  N N 239 
ILE HD11 H  N N 240 
ILE HD12 H  N N 241 
ILE HD13 H  N N 242 
ILE HXT  H  N N 243 
LEU N    N  N N 244 
LEU CA   C  N S 245 
LEU C    C  N N 246 
LEU O    O  N N 247 
LEU CB   C  N N 248 
LEU CG   C  N N 249 
LEU CD1  C  N N 250 
LEU CD2  C  N N 251 
LEU OXT  O  N N 252 
LEU H    H  N N 253 
LEU H2   H  N N 254 
LEU HA   H  N N 255 
LEU HB2  H  N N 256 
LEU HB3  H  N N 257 
LEU HG   H  N N 258 
LEU HD11 H  N N 259 
LEU HD12 H  N N 260 
LEU HD13 H  N N 261 
LEU HD21 H  N N 262 
LEU HD22 H  N N 263 
LEU HD23 H  N N 264 
LEU HXT  H  N N 265 
LYS N    N  N N 266 
LYS CA   C  N S 267 
LYS C    C  N N 268 
LYS O    O  N N 269 
LYS CB   C  N N 270 
LYS CG   C  N N 271 
LYS CD   C  N N 272 
LYS CE   C  N N 273 
LYS NZ   N  N N 274 
LYS OXT  O  N N 275 
LYS H    H  N N 276 
LYS H2   H  N N 277 
LYS HA   H  N N 278 
LYS HB2  H  N N 279 
LYS HB3  H  N N 280 
LYS HG2  H  N N 281 
LYS HG3  H  N N 282 
LYS HD2  H  N N 283 
LYS HD3  H  N N 284 
LYS HE2  H  N N 285 
LYS HE3  H  N N 286 
LYS HZ1  H  N N 287 
LYS HZ2  H  N N 288 
LYS HZ3  H  N N 289 
LYS HXT  H  N N 290 
MET N    N  N N 291 
MET CA   C  N S 292 
MET C    C  N N 293 
MET O    O  N N 294 
MET CB   C  N N 295 
MET CG   C  N N 296 
MET SD   S  N N 297 
MET CE   C  N N 298 
MET OXT  O  N N 299 
MET H    H  N N 300 
MET H2   H  N N 301 
MET HA   H  N N 302 
MET HB2  H  N N 303 
MET HB3  H  N N 304 
MET HG2  H  N N 305 
MET HG3  H  N N 306 
MET HE1  H  N N 307 
MET HE2  H  N N 308 
MET HE3  H  N N 309 
MET HXT  H  N N 310 
PHE N    N  N N 311 
PHE CA   C  N S 312 
PHE C    C  N N 313 
PHE O    O  N N 314 
PHE CB   C  N N 315 
PHE CG   C  Y N 316 
PHE CD1  C  Y N 317 
PHE CD2  C  Y N 318 
PHE CE1  C  Y N 319 
PHE CE2  C  Y N 320 
PHE CZ   C  Y N 321 
PHE OXT  O  N N 322 
PHE H    H  N N 323 
PHE H2   H  N N 324 
PHE HA   H  N N 325 
PHE HB2  H  N N 326 
PHE HB3  H  N N 327 
PHE HD1  H  N N 328 
PHE HD2  H  N N 329 
PHE HE1  H  N N 330 
PHE HE2  H  N N 331 
PHE HZ   H  N N 332 
PHE HXT  H  N N 333 
PRO N    N  N N 334 
PRO CA   C  N S 335 
PRO C    C  N N 336 
PRO O    O  N N 337 
PRO CB   C  N N 338 
PRO CG   C  N N 339 
PRO CD   C  N N 340 
PRO OXT  O  N N 341 
PRO H    H  N N 342 
PRO HA   H  N N 343 
PRO HB2  H  N N 344 
PRO HB3  H  N N 345 
PRO HG2  H  N N 346 
PRO HG3  H  N N 347 
PRO HD2  H  N N 348 
PRO HD3  H  N N 349 
PRO HXT  H  N N 350 
SER N    N  N N 351 
SER CA   C  N S 352 
SER C    C  N N 353 
SER O    O  N N 354 
SER CB   C  N N 355 
SER OG   O  N N 356 
SER OXT  O  N N 357 
SER H    H  N N 358 
SER H2   H  N N 359 
SER HA   H  N N 360 
SER HB2  H  N N 361 
SER HB3  H  N N 362 
SER HG   H  N N 363 
SER HXT  H  N N 364 
SO4 S    S  N N 365 
SO4 O1   O  N N 366 
SO4 O2   O  N N 367 
SO4 O3   O  N N 368 
SO4 O4   O  N N 369 
THR N    N  N N 370 
THR CA   C  N S 371 
THR C    C  N N 372 
THR O    O  N N 373 
THR CB   C  N R 374 
THR OG1  O  N N 375 
THR CG2  C  N N 376 
THR OXT  O  N N 377 
THR H    H  N N 378 
THR H2   H  N N 379 
THR HA   H  N N 380 
THR HB   H  N N 381 
THR HG1  H  N N 382 
THR HG21 H  N N 383 
THR HG22 H  N N 384 
THR HG23 H  N N 385 
THR HXT  H  N N 386 
TRP N    N  N N 387 
TRP CA   C  N S 388 
TRP C    C  N N 389 
TRP O    O  N N 390 
TRP CB   C  N N 391 
TRP CG   C  Y N 392 
TRP CD1  C  Y N 393 
TRP CD2  C  Y N 394 
TRP NE1  N  Y N 395 
TRP CE2  C  Y N 396 
TRP CE3  C  Y N 397 
TRP CZ2  C  Y N 398 
TRP CZ3  C  Y N 399 
TRP CH2  C  Y N 400 
TRP OXT  O  N N 401 
TRP H    H  N N 402 
TRP H2   H  N N 403 
TRP HA   H  N N 404 
TRP HB2  H  N N 405 
TRP HB3  H  N N 406 
TRP HD1  H  N N 407 
TRP HE1  H  N N 408 
TRP HE3  H  N N 409 
TRP HZ2  H  N N 410 
TRP HZ3  H  N N 411 
TRP HH2  H  N N 412 
TRP HXT  H  N N 413 
TYR N    N  N N 414 
TYR CA   C  N S 415 
TYR C    C  N N 416 
TYR O    O  N N 417 
TYR CB   C  N N 418 
TYR CG   C  Y N 419 
TYR CD1  C  Y N 420 
TYR CD2  C  Y N 421 
TYR CE1  C  Y N 422 
TYR CE2  C  Y N 423 
TYR CZ   C  Y N 424 
TYR OH   O  N N 425 
TYR OXT  O  N N 426 
TYR H    H  N N 427 
TYR H2   H  N N 428 
TYR HA   H  N N 429 
TYR HB2  H  N N 430 
TYR HB3  H  N N 431 
TYR HD1  H  N N 432 
TYR HD2  H  N N 433 
TYR HE1  H  N N 434 
TYR HE2  H  N N 435 
TYR HH   H  N N 436 
TYR HXT  H  N N 437 
VAL N    N  N N 438 
VAL CA   C  N S 439 
VAL C    C  N N 440 
VAL O    O  N N 441 
VAL CB   C  N N 442 
VAL CG1  C  N N 443 
VAL CG2  C  N N 444 
VAL OXT  O  N N 445 
VAL H    H  N N 446 
VAL H2   H  N N 447 
VAL HA   H  N N 448 
VAL HB   H  N N 449 
VAL HG11 H  N N 450 
VAL HG12 H  N N 451 
VAL HG13 H  N N 452 
VAL HG21 H  N N 453 
VAL HG22 H  N N 454 
VAL HG23 H  N N 455 
VAL HXT  H  N N 456 
XE  XE   XE N N 457 
ZN  ZN   ZN N N 458 
# 
loop_
_chem_comp_bond.comp_id 
_chem_comp_bond.atom_id_1 
_chem_comp_bond.atom_id_2 
_chem_comp_bond.value_order 
_chem_comp_bond.pdbx_aromatic_flag 
_chem_comp_bond.pdbx_stereo_config 
_chem_comp_bond.pdbx_ordinal 
ALA N   CA   sing N N 1   
ALA N   H    sing N N 2   
ALA N   H2   sing N N 3   
ALA CA  C    sing N N 4   
ALA CA  CB   sing N N 5   
ALA CA  HA   sing N N 6   
ALA C   O    doub N N 7   
ALA C   OXT  sing N N 8   
ALA CB  HB1  sing N N 9   
ALA CB  HB2  sing N N 10  
ALA CB  HB3  sing N N 11  
ALA OXT HXT  sing N N 12  
ARG N   CA   sing N N 13  
ARG N   H    sing N N 14  
ARG N   H2   sing N N 15  
ARG CA  C    sing N N 16  
ARG CA  CB   sing N N 17  
ARG CA  HA   sing N N 18  
ARG C   O    doub N N 19  
ARG C   OXT  sing N N 20  
ARG CB  CG   sing N N 21  
ARG CB  HB2  sing N N 22  
ARG CB  HB3  sing N N 23  
ARG CG  CD   sing N N 24  
ARG CG  HG2  sing N N 25  
ARG CG  HG3  sing N N 26  
ARG CD  NE   sing N N 27  
ARG CD  HD2  sing N N 28  
ARG CD  HD3  sing N N 29  
ARG NE  CZ   sing N N 30  
ARG NE  HE   sing N N 31  
ARG CZ  NH1  sing N N 32  
ARG CZ  NH2  doub N N 33  
ARG NH1 HH11 sing N N 34  
ARG NH1 HH12 sing N N 35  
ARG NH2 HH21 sing N N 36  
ARG NH2 HH22 sing N N 37  
ARG OXT HXT  sing N N 38  
ASN N   CA   sing N N 39  
ASN N   H    sing N N 40  
ASN N   H2   sing N N 41  
ASN CA  C    sing N N 42  
ASN CA  CB   sing N N 43  
ASN CA  HA   sing N N 44  
ASN C   O    doub N N 45  
ASN C   OXT  sing N N 46  
ASN CB  CG   sing N N 47  
ASN CB  HB2  sing N N 48  
ASN CB  HB3  sing N N 49  
ASN CG  OD1  doub N N 50  
ASN CG  ND2  sing N N 51  
ASN ND2 HD21 sing N N 52  
ASN ND2 HD22 sing N N 53  
ASN OXT HXT  sing N N 54  
ASP N   CA   sing N N 55  
ASP N   H    sing N N 56  
ASP N   H2   sing N N 57  
ASP CA  C    sing N N 58  
ASP CA  CB   sing N N 59  
ASP CA  HA   sing N N 60  
ASP C   O    doub N N 61  
ASP C   OXT  sing N N 62  
ASP CB  CG   sing N N 63  
ASP CB  HB2  sing N N 64  
ASP CB  HB3  sing N N 65  
ASP CG  OD1  doub N N 66  
ASP CG  OD2  sing N N 67  
ASP OD2 HD2  sing N N 68  
ASP OXT HXT  sing N N 69  
GLN N   CA   sing N N 70  
GLN N   H    sing N N 71  
GLN N   H2   sing N N 72  
GLN CA  C    sing N N 73  
GLN CA  CB   sing N N 74  
GLN CA  HA   sing N N 75  
GLN C   O    doub N N 76  
GLN C   OXT  sing N N 77  
GLN CB  CG   sing N N 78  
GLN CB  HB2  sing N N 79  
GLN CB  HB3  sing N N 80  
GLN CG  CD   sing N N 81  
GLN CG  HG2  sing N N 82  
GLN CG  HG3  sing N N 83  
GLN CD  OE1  doub N N 84  
GLN CD  NE2  sing N N 85  
GLN NE2 HE21 sing N N 86  
GLN NE2 HE22 sing N N 87  
GLN OXT HXT  sing N N 88  
GLU N   CA   sing N N 89  
GLU N   H    sing N N 90  
GLU N   H2   sing N N 91  
GLU CA  C    sing N N 92  
GLU CA  CB   sing N N 93  
GLU CA  HA   sing N N 94  
GLU C   O    doub N N 95  
GLU C   OXT  sing N N 96  
GLU CB  CG   sing N N 97  
GLU CB  HB2  sing N N 98  
GLU CB  HB3  sing N N 99  
GLU CG  CD   sing N N 100 
GLU CG  HG2  sing N N 101 
GLU CG  HG3  sing N N 102 
GLU CD  OE1  doub N N 103 
GLU CD  OE2  sing N N 104 
GLU OE2 HE2  sing N N 105 
GLU OXT HXT  sing N N 106 
GLY N   CA   sing N N 107 
GLY N   H    sing N N 108 
GLY N   H2   sing N N 109 
GLY CA  C    sing N N 110 
GLY CA  HA2  sing N N 111 
GLY CA  HA3  sing N N 112 
GLY C   O    doub N N 113 
GLY C   OXT  sing N N 114 
GLY OXT HXT  sing N N 115 
HEM CHA C1A  sing N N 116 
HEM CHA C4D  doub N N 117 
HEM CHA HHA  sing N N 118 
HEM CHB C4A  sing N N 119 
HEM CHB C1B  doub N N 120 
HEM CHB HHB  sing N N 121 
HEM CHC C4B  sing N N 122 
HEM CHC C1C  doub N N 123 
HEM CHC HHC  sing N N 124 
HEM CHD C4C  doub N N 125 
HEM CHD C1D  sing N N 126 
HEM CHD HHD  sing N N 127 
HEM C1A C2A  doub Y N 128 
HEM C1A NA   sing Y N 129 
HEM C2A C3A  sing Y N 130 
HEM C2A CAA  sing N N 131 
HEM C3A C4A  doub Y N 132 
HEM C3A CMA  sing N N 133 
HEM C4A NA   sing Y N 134 
HEM CMA HMA  sing N N 135 
HEM CMA HMAA sing N N 136 
HEM CMA HMAB sing N N 137 
HEM CAA CBA  sing N N 138 
HEM CAA HAA  sing N N 139 
HEM CAA HAAA sing N N 140 
HEM CBA CGA  sing N N 141 
HEM CBA HBA  sing N N 142 
HEM CBA HBAA sing N N 143 
HEM CGA O1A  doub N N 144 
HEM CGA O2A  sing N N 145 
HEM C1B C2B  sing N N 146 
HEM C1B NB   sing N N 147 
HEM C2B C3B  doub N N 148 
HEM C2B CMB  sing N N 149 
HEM C3B C4B  sing N N 150 
HEM C3B CAB  sing N N 151 
HEM C4B NB   doub N N 152 
HEM CMB HMB  sing N N 153 
HEM CMB HMBA sing N N 154 
HEM CMB HMBB sing N N 155 
HEM CAB CBB  doub N N 156 
HEM CAB HAB  sing N N 157 
HEM CBB HBB  sing N N 158 
HEM CBB HBBA sing N N 159 
HEM C1C C2C  sing Y N 160 
HEM C1C NC   sing Y N 161 
HEM C2C C3C  doub Y N 162 
HEM C2C CMC  sing N N 163 
HEM C3C C4C  sing Y N 164 
HEM C3C CAC  sing N N 165 
HEM C4C NC   sing Y N 166 
HEM CMC HMC  sing N N 167 
HEM CMC HMCA sing N N 168 
HEM CMC HMCB sing N N 169 
HEM CAC CBC  doub N N 170 
HEM CAC HAC  sing N N 171 
HEM CBC HBC  sing N N 172 
HEM CBC HBCA sing N N 173 
HEM C1D C2D  sing N N 174 
HEM C1D ND   doub N N 175 
HEM C2D C3D  doub N N 176 
HEM C2D CMD  sing N N 177 
HEM C3D C4D  sing N N 178 
HEM C3D CAD  sing N N 179 
HEM C4D ND   sing N N 180 
HEM CMD HMD  sing N N 181 
HEM CMD HMDA sing N N 182 
HEM CMD HMDB sing N N 183 
HEM CAD CBD  sing N N 184 
HEM CAD HAD  sing N N 185 
HEM CAD HADA sing N N 186 
HEM CBD CGD  sing N N 187 
HEM CBD HBD  sing N N 188 
HEM CBD HBDA sing N N 189 
HEM CGD O1D  doub N N 190 
HEM CGD O2D  sing N N 191 
HEM O2A H2A  sing N N 192 
HEM O2D H2D  sing N N 193 
HEM FE  NA   sing N N 194 
HEM FE  NB   sing N N 195 
HEM FE  NC   sing N N 196 
HEM FE  ND   sing N N 197 
HIS N   CA   sing N N 198 
HIS N   H    sing N N 199 
HIS N   H2   sing N N 200 
HIS CA  C    sing N N 201 
HIS CA  CB   sing N N 202 
HIS CA  HA   sing N N 203 
HIS C   O    doub N N 204 
HIS C   OXT  sing N N 205 
HIS CB  CG   sing N N 206 
HIS CB  HB2  sing N N 207 
HIS CB  HB3  sing N N 208 
HIS CG  ND1  sing Y N 209 
HIS CG  CD2  doub Y N 210 
HIS ND1 CE1  doub Y N 211 
HIS ND1 HD1  sing N N 212 
HIS CD2 NE2  sing Y N 213 
HIS CD2 HD2  sing N N 214 
HIS CE1 NE2  sing Y N 215 
HIS CE1 HE1  sing N N 216 
HIS NE2 HE2  sing N N 217 
HIS OXT HXT  sing N N 218 
HOH O   H1   sing N N 219 
HOH O   H2   sing N N 220 
ILE N   CA   sing N N 221 
ILE N   H    sing N N 222 
ILE N   H2   sing N N 223 
ILE CA  C    sing N N 224 
ILE CA  CB   sing N N 225 
ILE CA  HA   sing N N 226 
ILE C   O    doub N N 227 
ILE C   OXT  sing N N 228 
ILE CB  CG1  sing N N 229 
ILE CB  CG2  sing N N 230 
ILE CB  HB   sing N N 231 
ILE CG1 CD1  sing N N 232 
ILE CG1 HG12 sing N N 233 
ILE CG1 HG13 sing N N 234 
ILE CG2 HG21 sing N N 235 
ILE CG2 HG22 sing N N 236 
ILE CG2 HG23 sing N N 237 
ILE CD1 HD11 sing N N 238 
ILE CD1 HD12 sing N N 239 
ILE CD1 HD13 sing N N 240 
ILE OXT HXT  sing N N 241 
LEU N   CA   sing N N 242 
LEU N   H    sing N N 243 
LEU N   H2   sing N N 244 
LEU CA  C    sing N N 245 
LEU CA  CB   sing N N 246 
LEU CA  HA   sing N N 247 
LEU C   O    doub N N 248 
LEU C   OXT  sing N N 249 
LEU CB  CG   sing N N 250 
LEU CB  HB2  sing N N 251 
LEU CB  HB3  sing N N 252 
LEU CG  CD1  sing N N 253 
LEU CG  CD2  sing N N 254 
LEU CG  HG   sing N N 255 
LEU CD1 HD11 sing N N 256 
LEU CD1 HD12 sing N N 257 
LEU CD1 HD13 sing N N 258 
LEU CD2 HD21 sing N N 259 
LEU CD2 HD22 sing N N 260 
LEU CD2 HD23 sing N N 261 
LEU OXT HXT  sing N N 262 
LYS N   CA   sing N N 263 
LYS N   H    sing N N 264 
LYS N   H2   sing N N 265 
LYS CA  C    sing N N 266 
LYS CA  CB   sing N N 267 
LYS CA  HA   sing N N 268 
LYS C   O    doub N N 269 
LYS C   OXT  sing N N 270 
LYS CB  CG   sing N N 271 
LYS CB  HB2  sing N N 272 
LYS CB  HB3  sing N N 273 
LYS CG  CD   sing N N 274 
LYS CG  HG2  sing N N 275 
LYS CG  HG3  sing N N 276 
LYS CD  CE   sing N N 277 
LYS CD  HD2  sing N N 278 
LYS CD  HD3  sing N N 279 
LYS CE  NZ   sing N N 280 
LYS CE  HE2  sing N N 281 
LYS CE  HE3  sing N N 282 
LYS NZ  HZ1  sing N N 283 
LYS NZ  HZ2  sing N N 284 
LYS NZ  HZ3  sing N N 285 
LYS OXT HXT  sing N N 286 
MET N   CA   sing N N 287 
MET N   H    sing N N 288 
MET N   H2   sing N N 289 
MET CA  C    sing N N 290 
MET CA  CB   sing N N 291 
MET CA  HA   sing N N 292 
MET C   O    doub N N 293 
MET C   OXT  sing N N 294 
MET CB  CG   sing N N 295 
MET CB  HB2  sing N N 296 
MET CB  HB3  sing N N 297 
MET CG  SD   sing N N 298 
MET CG  HG2  sing N N 299 
MET CG  HG3  sing N N 300 
MET SD  CE   sing N N 301 
MET CE  HE1  sing N N 302 
MET CE  HE2  sing N N 303 
MET CE  HE3  sing N N 304 
MET OXT HXT  sing N N 305 
PHE N   CA   sing N N 306 
PHE N   H    sing N N 307 
PHE N   H2   sing N N 308 
PHE CA  C    sing N N 309 
PHE CA  CB   sing N N 310 
PHE CA  HA   sing N N 311 
PHE C   O    doub N N 312 
PHE C   OXT  sing N N 313 
PHE CB  CG   sing N N 314 
PHE CB  HB2  sing N N 315 
PHE CB  HB3  sing N N 316 
PHE CG  CD1  doub Y N 317 
PHE CG  CD2  sing Y N 318 
PHE CD1 CE1  sing Y N 319 
PHE CD1 HD1  sing N N 320 
PHE CD2 CE2  doub Y N 321 
PHE CD2 HD2  sing N N 322 
PHE CE1 CZ   doub Y N 323 
PHE CE1 HE1  sing N N 324 
PHE CE2 CZ   sing Y N 325 
PHE CE2 HE2  sing N N 326 
PHE CZ  HZ   sing N N 327 
PHE OXT HXT  sing N N 328 
PRO N   CA   sing N N 329 
PRO N   CD   sing N N 330 
PRO N   H    sing N N 331 
PRO CA  C    sing N N 332 
PRO CA  CB   sing N N 333 
PRO CA  HA   sing N N 334 
PRO C   O    doub N N 335 
PRO C   OXT  sing N N 336 
PRO CB  CG   sing N N 337 
PRO CB  HB2  sing N N 338 
PRO CB  HB3  sing N N 339 
PRO CG  CD   sing N N 340 
PRO CG  HG2  sing N N 341 
PRO CG  HG3  sing N N 342 
PRO CD  HD2  sing N N 343 
PRO CD  HD3  sing N N 344 
PRO OXT HXT  sing N N 345 
SER N   CA   sing N N 346 
SER N   H    sing N N 347 
SER N   H2   sing N N 348 
SER CA  C    sing N N 349 
SER CA  CB   sing N N 350 
SER CA  HA   sing N N 351 
SER C   O    doub N N 352 
SER C   OXT  sing N N 353 
SER CB  OG   sing N N 354 
SER CB  HB2  sing N N 355 
SER CB  HB3  sing N N 356 
SER OG  HG   sing N N 357 
SER OXT HXT  sing N N 358 
SO4 S   O1   doub N N 359 
SO4 S   O2   doub N N 360 
SO4 S   O3   sing N N 361 
SO4 S   O4   sing N N 362 
THR N   CA   sing N N 363 
THR N   H    sing N N 364 
THR N   H2   sing N N 365 
THR CA  C    sing N N 366 
THR CA  CB   sing N N 367 
THR CA  HA   sing N N 368 
THR C   O    doub N N 369 
THR C   OXT  sing N N 370 
THR CB  OG1  sing N N 371 
THR CB  CG2  sing N N 372 
THR CB  HB   sing N N 373 
THR OG1 HG1  sing N N 374 
THR CG2 HG21 sing N N 375 
THR CG2 HG22 sing N N 376 
THR CG2 HG23 sing N N 377 
THR OXT HXT  sing N N 378 
TRP N   CA   sing N N 379 
TRP N   H    sing N N 380 
TRP N   H2   sing N N 381 
TRP CA  C    sing N N 382 
TRP CA  CB   sing N N 383 
TRP CA  HA   sing N N 384 
TRP C   O    doub N N 385 
TRP C   OXT  sing N N 386 
TRP CB  CG   sing N N 387 
TRP CB  HB2  sing N N 388 
TRP CB  HB3  sing N N 389 
TRP CG  CD1  doub Y N 390 
TRP CG  CD2  sing Y N 391 
TRP CD1 NE1  sing Y N 392 
TRP CD1 HD1  sing N N 393 
TRP CD2 CE2  doub Y N 394 
TRP CD2 CE3  sing Y N 395 
TRP NE1 CE2  sing Y N 396 
TRP NE1 HE1  sing N N 397 
TRP CE2 CZ2  sing Y N 398 
TRP CE3 CZ3  doub Y N 399 
TRP CE3 HE3  sing N N 400 
TRP CZ2 CH2  doub Y N 401 
TRP CZ2 HZ2  sing N N 402 
TRP CZ3 CH2  sing Y N 403 
TRP CZ3 HZ3  sing N N 404 
TRP CH2 HH2  sing N N 405 
TRP OXT HXT  sing N N 406 
TYR N   CA   sing N N 407 
TYR N   H    sing N N 408 
TYR N   H2   sing N N 409 
TYR CA  C    sing N N 410 
TYR CA  CB   sing N N 411 
TYR CA  HA   sing N N 412 
TYR C   O    doub N N 413 
TYR C   OXT  sing N N 414 
TYR CB  CG   sing N N 415 
TYR CB  HB2  sing N N 416 
TYR CB  HB3  sing N N 417 
TYR CG  CD1  doub Y N 418 
TYR CG  CD2  sing Y N 419 
TYR CD1 CE1  sing Y N 420 
TYR CD1 HD1  sing N N 421 
TYR CD2 CE2  doub Y N 422 
TYR CD2 HD2  sing N N 423 
TYR CE1 CZ   doub Y N 424 
TYR CE1 HE1  sing N N 425 
TYR CE2 CZ   sing Y N 426 
TYR CE2 HE2  sing N N 427 
TYR CZ  OH   sing N N 428 
TYR OH  HH   sing N N 429 
TYR OXT HXT  sing N N 430 
VAL N   CA   sing N N 431 
VAL N   H    sing N N 432 
VAL N   H2   sing N N 433 
VAL CA  C    sing N N 434 
VAL CA  CB   sing N N 435 
VAL CA  HA   sing N N 436 
VAL C   O    doub N N 437 
VAL C   OXT  sing N N 438 
VAL CB  CG1  sing N N 439 
VAL CB  CG2  sing N N 440 
VAL CB  HB   sing N N 441 
VAL CG1 HG11 sing N N 442 
VAL CG1 HG12 sing N N 443 
VAL CG1 HG13 sing N N 444 
VAL CG2 HG21 sing N N 445 
VAL CG2 HG22 sing N N 446 
VAL CG2 HG23 sing N N 447 
VAL OXT HXT  sing N N 448 
# 
loop_
_pdbx_entity_nonpoly.entity_id 
_pdbx_entity_nonpoly.name 
_pdbx_entity_nonpoly.comp_id 
2 'PROTOPORPHYRIN IX CONTAINING FE' HEM 
3 'ZINC ION'                        ZN  
4 'SULFATE ION'                     SO4 
5 XENON                             XE  
6 water                             HOH 
# 
_pdbx_initial_refinement_model.id               1 
_pdbx_initial_refinement_model.entity_id_list   ? 
_pdbx_initial_refinement_model.type             'experimental model' 
_pdbx_initial_refinement_model.source_name      PDB 
_pdbx_initial_refinement_model.accession_code   2JHO 
_pdbx_initial_refinement_model.details          ? 
# 
